data_6PPU
#
_entry.id   6PPU
#
loop_
_entity.id
_entity.type
_entity.pdbx_description
1 polymer 'UvrD/REP helicase'
2 polymer 'ATP-dependent DNA helicase (UvrD/REP)'
3 polymer 'DNA (29-MER)'
4 non-polymer 'MAGNESIUM ION'
5 non-polymer 'IRON/SULFUR CLUSTER'
#
loop_
_entity_poly.entity_id
_entity_poly.type
_entity_poly.pdbx_seq_one_letter_code
_entity_poly.pdbx_strand_id
1 'polypeptide(L)'
;MTQVASPVVQARYSPVELSAALGLFPPTDEQAAVIAAPPGPLVVIAGAGAGKTETMAARVVWLVANGFATPSQVLGLTFT
RKAAGQLLRRVRTRLARLAGAGLAPGSGASDESATVSTYHAFAGTLLREHGLLLPVEPDTRLLSETELWQLAYDVVCAHP
GHLDTEKTPAAVTAMVLRLSGALAEHLVDTDQLRDTHVELERLVHTLPAGPYQRDRGPSQWLLRMLATQTERTELVPLID
ALHQRMRAEKVMDFGMQMAAAARLAARFPQVGEQLRQRFRVVLLDEYQDTGHAQRIALSSLFGGGADDGLALTAVGDPIQ
SIYGWRGASATNLPRFTTDFPYSDGTPAPTLELRTSWRNPPSTLHVANAVSEEARRRSVAVRALRPRPDAEPGTIRCALL
NNVAAERDWVADHLARAYHGAIGRGEAAPTAAVLVRRNADAAPMAEALTARGVPVEVVGVAGLLAVPEVADLVAMLRLIA
DPTAGSAVMRILTGPRWRFGARDIAALWRRAVELDDRPKGELGTADIVAQAAPDADTACVADAICDPGDAERYSPAGYER
IVALGRELTMLRAHLGHPLPELVAEVRRVLGLDAEARAARPVAAGWAGTENLDRFSDLVSDFAGHAGASVSALLAYLDAA
VEVENGLAPAELTVSHDRVQILTVHAAKGLEWQVVAVPHLSARVFPSTTQARTWLTDASDLPPLLRGDRATESEIGVPVL
DTSDIYDRKILSDKISDHKKSLDQRRVDEERRLLYVAITRAEDTLLLSGHHWGATESKPRGPSEFLCELKTILEEATAAG
TPCGEIEHWAPDPAPGETNPLRDQVVEALWPPVASADDHVHRGAQLVAAAMAGEVSAEADQEGWAADVDALLAERERPPQ
QEDTELPGQLSVSTLVELSRDPKAALTRLRRRLPQRPDPHALLGTTFHEWVQRYFHAERLFDLDDLPGAVDSDSGRAVEE
SLAELQDAFVKSPWAARTPVEVEVPFDMVLGETVVRGRIDAVFAEPDGTTMVLDWKTGDPPETPEAKEHAAVQLAVYRLA
WAAMRGCPPESVRAAFHYVRSGQTVIPETLPGAEELVKLLAAAPTETAEEADRIT
;
B
2 'polypeptide(L)'
;(UNK)(UNK)(UNK)(UNK)(UNK)(UNK)(UNK)(UNK)(UNK)(UNK)(UNK)(UNK)(UNK)(UNK)(UNK)(UNK)
(UNK)(UNK)(UNK)(UNK)(UNK)(UNK)(UNK)(UNK)(UNK)(UNK)(UNK)(UNK)(UNK)(UNK)(UNK)(UNK)
(UNK)(UNK)(UNK)(UNK)(UNK)(UNK)GTVTVRLAASTHAEGTMIADALRRAHLVDGIPWSQMAVIVRSVPRVGTAL
ARALTAAGVPVQDNGTDVPVGRQPAAAALLTVLDVTATGHLDADSAVALLTGPIGRVDPVTLRQLRRALRRADGSQPPRD
FGDLLVDAIEREPKGLSAEHARTLRRLRAVLTAARRSDASGADPRYTLWQAWHASGLQRRWLAASERGGSVGAQADRDLD
AVTTLFDVADQYVNRTAGASLRGLVDHVTRLGAAVARTEPETAAEAVAVLSVHGALAGEWDFVVIAGVQEGLWPNMIPRG
GVLGTQHLVDVLDGVADMTDRTVSTRAPLVAEERRLLMAAMGRARTRVMITAVDS(UNK)(UNK)(UNK)(UNK)(UNK)
(UNK)(UNK)(UNK)(UNK)(UNK)(UNK)(UNK)(UNK)PPLVAPRVLAPSALVGRLRAVVCAPDGAVDDDARACAAAQ
LARLAAAGVPGADPSQWHAMTSLTTEEPLWSEPGHVVTLSPSTLQMLTDCPLRWLLERHGGDDGRDVRSTVGSLVHALVS
EPGKTESQLVNELEKVWDDLPYDAKWYSDNELARHRAMLETFTRWREDTRRQLTEVATEIPVEGIVVEPGENTPGVRVRG
RLDRLERDEAGRLVVVDLKTGKSPVTKDDAQNHAQLAMYQLAVAAGLLDDGDEPGGGKLVYLGKAGAAGATEREQDPLTP
DKRAEWLETVGEAAAATAGPRFVARVNNGCANCPVRSSCPAQANGDRP
;
A
3 'polydeoxyribonucleotide'
;(DT)(DT)(DT)(DT)(DT)(DT)(DT)(DC)(DT)(DA)(DA)(DT)(DG)(DC)(DG)(DA)(DG)(DC)(DA)(DC)
(DT)(DG)(DC)(DT)(DA)(DT)(DT)(DC)(DC)(DC)(DT)(DA)(DG)(DC)(DA)(DG)(DT)(DG)(DC)(DT)
(DC)(DG)(DC)(DA)(DT)(DT)(DA)(DG)(DA)(DT)(DT)(DT)(DT)(DG)(DT)(DT)(DT)(DT)(DT)(DT)
(DT)(DA)(DG)(DC)(DG)(DG)(DT)(DT)(DT)(DT)
;
X
#
# COMPACT_ATOMS: atom_id res chain seq x y z
N LEU A 22 -28.61 40.48 10.26
CA LEU A 22 -27.55 41.43 10.57
C LEU A 22 -26.22 40.98 9.99
N GLY A 23 -26.09 41.07 8.67
CA GLY A 23 -24.86 40.75 7.99
C GLY A 23 -24.84 39.47 7.20
N LEU A 24 -26.00 38.85 6.98
CA LEU A 24 -26.07 37.55 6.32
C LEU A 24 -27.40 37.47 5.56
N PHE A 25 -27.78 36.27 5.16
CA PHE A 25 -29.03 36.06 4.45
C PHE A 25 -30.20 35.90 5.42
N PRO A 26 -31.42 35.76 4.90
CA PRO A 26 -32.58 35.64 5.79
C PRO A 26 -32.80 34.20 6.20
N PRO A 27 -33.09 33.94 7.46
CA PRO A 27 -33.37 32.58 7.91
C PRO A 27 -34.76 32.15 7.45
N THR A 28 -34.87 30.89 7.05
CA THR A 28 -36.13 30.35 6.58
C THR A 28 -37.06 30.12 7.76
N ASP A 29 -38.36 30.04 7.47
CA ASP A 29 -39.34 29.91 8.54
C ASP A 29 -39.38 28.50 9.08
N GLU A 30 -38.96 27.51 8.29
CA GLU A 30 -38.91 26.15 8.79
C GLU A 30 -37.60 25.86 9.52
N GLN A 31 -36.55 26.60 9.21
CA GLN A 31 -35.28 26.45 9.90
C GLN A 31 -35.26 27.12 11.26
N ALA A 32 -36.29 27.91 11.59
CA ALA A 32 -36.29 28.65 12.85
C ALA A 32 -36.56 27.74 14.05
N ALA A 33 -37.25 26.62 13.82
CA ALA A 33 -37.49 25.68 14.91
C ALA A 33 -36.22 24.94 15.30
N VAL A 34 -35.32 24.71 14.35
CA VAL A 34 -34.00 24.18 14.66
C VAL A 34 -33.20 25.21 15.46
N ILE A 35 -33.29 26.47 15.07
CA ILE A 35 -32.45 27.52 15.65
C ILE A 35 -32.97 27.91 17.03
N ALA A 36 -34.26 28.20 17.14
CA ALA A 36 -34.85 28.74 18.36
C ALA A 36 -35.49 27.65 19.20
N ALA A 37 -34.92 26.46 19.22
CA ALA A 37 -35.38 25.42 20.12
C ALA A 37 -34.79 25.65 21.50
N PRO A 38 -35.54 25.36 22.56
CA PRO A 38 -35.02 25.54 23.92
C PRO A 38 -33.95 24.50 24.23
N PRO A 39 -33.13 24.72 25.27
CA PRO A 39 -32.09 23.73 25.62
C PRO A 39 -32.67 22.37 26.00
N GLY A 40 -31.94 21.32 25.62
CA GLY A 40 -32.39 19.97 25.79
C GLY A 40 -32.06 19.14 24.55
N PRO A 41 -32.31 17.84 24.61
CA PRO A 41 -32.07 17.00 23.44
C PRO A 41 -33.11 17.25 22.35
N LEU A 42 -32.68 17.11 21.10
CA LEU A 42 -33.47 17.54 19.96
C LEU A 42 -32.88 16.90 18.72
N VAL A 43 -33.75 16.28 17.91
CA VAL A 43 -33.35 15.50 16.76
C VAL A 43 -33.91 16.16 15.51
N VAL A 44 -33.06 16.41 14.53
CA VAL A 44 -33.47 17.04 13.27
C VAL A 44 -33.27 16.03 12.14
N ILE A 45 -34.29 15.87 11.31
CA ILE A 45 -34.20 15.01 10.13
C ILE A 45 -33.87 15.92 8.96
N ALA A 46 -32.57 16.10 8.70
CA ALA A 46 -32.11 16.99 7.64
C ALA A 46 -31.90 16.20 6.36
N GLY A 47 -32.75 16.47 5.36
CA GLY A 47 -32.71 15.74 4.10
C GLY A 47 -31.56 16.06 3.17
N ALA A 48 -31.73 15.79 1.88
CA ALA A 48 -30.65 15.82 0.92
C ALA A 48 -30.50 17.22 0.32
N GLY A 49 -29.26 17.69 0.24
CA GLY A 49 -28.94 19.00 -0.31
C GLY A 49 -29.55 20.18 0.40
N ALA A 50 -30.00 20.01 1.64
CA ALA A 50 -30.76 21.04 2.33
C ALA A 50 -29.90 21.97 3.16
N GLY A 51 -28.58 21.85 3.06
CA GLY A 51 -27.66 22.73 3.76
C GLY A 51 -27.74 22.60 5.27
N LYS A 52 -27.39 21.44 5.79
CA LYS A 52 -27.51 21.19 7.23
C LYS A 52 -26.49 21.98 8.04
N THR A 53 -25.31 22.28 7.46
CA THR A 53 -24.26 22.97 8.19
C THR A 53 -24.63 24.42 8.46
N GLU A 54 -25.33 25.06 7.54
CA GLU A 54 -25.68 26.47 7.71
C GLU A 54 -26.76 26.70 8.75
N THR A 55 -27.43 25.64 9.20
CA THR A 55 -28.31 25.71 10.36
C THR A 55 -27.80 24.89 11.54
N MET A 56 -26.56 24.41 11.47
CA MET A 56 -25.80 23.99 12.65
C MET A 56 -25.01 25.16 13.22
N ALA A 57 -24.48 26.01 12.35
CA ALA A 57 -23.79 27.21 12.80
C ALA A 57 -24.77 28.30 13.18
N ALA A 58 -26.00 28.25 12.68
CA ALA A 58 -27.01 29.22 13.06
C ALA A 58 -27.63 28.93 14.42
N ARG A 59 -27.29 27.80 15.05
CA ARG A 59 -27.69 27.56 16.42
C ARG A 59 -26.56 27.85 17.41
N VAL A 60 -25.32 27.85 16.95
CA VAL A 60 -24.22 28.29 17.80
C VAL A 60 -24.33 29.78 18.09
N VAL A 61 -24.72 30.56 17.08
CA VAL A 61 -24.83 32.01 17.23
C VAL A 61 -25.97 32.37 18.15
N TRP A 62 -27.11 31.69 18.01
CA TRP A 62 -28.25 31.92 18.89
C TRP A 62 -27.97 31.47 20.32
N LEU A 63 -27.02 30.56 20.51
CA LEU A 63 -26.63 30.11 21.84
C LEU A 63 -25.34 30.76 22.31
N VAL A 64 -24.96 31.90 21.75
CA VAL A 64 -23.87 32.73 22.27
C VAL A 64 -24.33 34.16 22.51
N ALA A 65 -24.92 34.78 21.48
CA ALA A 65 -25.40 36.15 21.61
C ALA A 65 -26.60 36.25 22.55
N ASN A 66 -27.41 35.19 22.63
CA ASN A 66 -28.59 35.17 23.48
C ASN A 66 -28.37 34.33 24.73
N GLY A 67 -27.13 34.32 25.25
CA GLY A 67 -26.84 33.59 26.47
C GLY A 67 -26.55 32.13 26.24
N PHE A 68 -26.73 31.35 27.32
CA PHE A 68 -26.77 29.89 27.40
C PHE A 68 -25.44 29.18 27.21
N ALA A 69 -24.38 29.89 26.79
CA ALA A 69 -23.08 29.28 26.54
C ALA A 69 -22.04 30.37 26.31
N THR A 70 -20.82 29.93 26.06
CA THR A 70 -19.67 30.75 25.70
C THR A 70 -19.18 30.21 24.37
N PRO A 71 -18.21 30.87 23.72
CA PRO A 71 -17.57 30.22 22.56
C PRO A 71 -16.73 29.00 22.92
N SER A 72 -16.12 28.96 24.10
CA SER A 72 -15.24 27.86 24.47
C SER A 72 -15.99 26.58 24.82
N GLN A 73 -17.30 26.64 25.01
CA GLN A 73 -18.12 25.52 25.45
C GLN A 73 -18.90 24.93 24.29
N VAL A 74 -18.28 24.88 23.11
CA VAL A 74 -18.91 24.37 21.90
C VAL A 74 -18.13 23.14 21.44
N LEU A 75 -18.84 22.04 21.21
CA LEU A 75 -18.23 20.81 20.75
C LEU A 75 -19.00 20.28 19.55
N GLY A 76 -18.30 19.94 18.48
CA GLY A 76 -18.91 19.31 17.34
C GLY A 76 -18.13 18.07 16.96
N LEU A 77 -18.85 17.08 16.46
CA LEU A 77 -18.26 15.78 16.18
C LEU A 77 -18.79 15.28 14.84
N THR A 78 -17.90 15.15 13.87
CA THR A 78 -18.22 14.54 12.58
C THR A 78 -17.32 13.32 12.39
N PHE A 79 -17.40 12.71 11.22
CA PHE A 79 -16.53 11.58 10.90
C PHE A 79 -15.27 12.02 10.18
N THR A 80 -15.41 12.66 9.03
CA THR A 80 -14.26 12.98 8.21
C THR A 80 -13.52 14.18 8.75
N ARG A 81 -12.23 14.25 8.44
CA ARG A 81 -11.40 15.35 8.93
C ARG A 81 -11.59 16.61 8.10
N LYS A 82 -12.21 16.50 6.93
CA LYS A 82 -12.52 17.70 6.14
C LYS A 82 -13.81 18.35 6.61
N ALA A 83 -14.87 17.56 6.78
CA ALA A 83 -16.17 18.09 7.18
C ALA A 83 -16.24 18.46 8.66
N ALA A 84 -15.14 18.34 9.40
CA ALA A 84 -14.99 19.04 10.66
C ALA A 84 -14.32 20.39 10.48
N GLY A 85 -13.45 20.49 9.47
CA GLY A 85 -12.81 21.77 9.20
C GLY A 85 -13.73 22.77 8.52
N GLN A 86 -14.70 22.28 7.77
CA GLN A 86 -15.71 23.18 7.22
C GLN A 86 -16.60 23.73 8.31
N LEU A 87 -16.96 22.91 9.28
CA LEU A 87 -17.74 23.37 10.42
C LEU A 87 -16.89 24.16 11.42
N LEU A 88 -15.57 24.01 11.35
CA LEU A 88 -14.71 24.78 12.25
C LEU A 88 -14.70 26.25 11.86
N ARG A 89 -14.78 26.53 10.55
CA ARG A 89 -14.67 27.91 10.11
C ARG A 89 -16.03 28.59 10.13
N ARG A 90 -17.11 27.83 9.91
CA ARG A 90 -18.44 28.44 9.87
C ARG A 90 -18.94 28.79 11.26
N VAL A 91 -18.24 28.35 12.30
CA VAL A 91 -18.51 28.89 13.63
C VAL A 91 -17.66 30.13 13.88
N ARG A 92 -16.38 30.08 13.52
CA ARG A 92 -15.49 31.19 13.80
C ARG A 92 -15.70 32.38 12.87
N THR A 93 -16.24 32.15 11.67
CA THR A 93 -16.58 33.28 10.80
C THR A 93 -17.75 34.07 11.37
N ARG A 94 -18.78 33.37 11.83
CA ARG A 94 -19.91 34.01 12.50
C ARG A 94 -19.46 34.68 13.80
N LEU A 95 -18.72 33.95 14.64
CA LEU A 95 -18.34 34.44 15.96
C LEU A 95 -17.24 35.49 15.92
N ALA A 96 -16.65 35.78 14.77
CA ALA A 96 -15.84 36.98 14.61
C ALA A 96 -16.62 38.12 13.96
N ARG A 97 -17.63 37.79 13.16
CA ARG A 97 -18.60 38.79 12.70
C ARG A 97 -19.49 39.25 13.84
N LEU A 98 -19.74 38.40 14.83
CA LEU A 98 -20.44 38.80 16.03
C LEU A 98 -19.49 39.61 16.92
N ALA A 114 -15.86 26.36 19.35
CA ALA A 114 -14.44 26.61 19.23
C ALA A 114 -13.64 25.36 19.56
N THR A 115 -14.27 24.20 19.43
CA THR A 115 -13.59 22.91 19.51
C THR A 115 -14.34 21.91 18.65
N VAL A 116 -13.87 21.72 17.42
CA VAL A 116 -14.50 20.79 16.48
C VAL A 116 -13.45 19.76 16.10
N SER A 117 -13.80 18.48 16.18
CA SER A 117 -12.88 17.40 15.82
C SER A 117 -13.71 16.18 15.46
N THR A 118 -13.03 15.14 15.01
CA THR A 118 -13.69 13.92 14.58
C THR A 118 -14.13 13.10 15.78
N TYR A 119 -14.74 11.94 15.52
CA TYR A 119 -15.01 11.00 16.60
C TYR A 119 -13.73 10.32 17.06
N HIS A 120 -12.92 9.85 16.12
CA HIS A 120 -11.73 9.08 16.45
C HIS A 120 -10.58 9.95 16.93
N ALA A 121 -10.73 11.26 16.98
CA ALA A 121 -9.80 12.08 17.73
C ALA A 121 -10.33 12.41 19.12
N PHE A 122 -11.64 12.31 19.31
CA PHE A 122 -12.22 12.49 20.62
C PHE A 122 -11.99 11.26 21.49
N ALA A 123 -11.77 10.11 20.88
CA ALA A 123 -11.44 8.92 21.66
C ALA A 123 -10.02 8.95 22.18
N GLY A 124 -9.07 9.41 21.36
CA GLY A 124 -7.68 9.45 21.77
C GLY A 124 -7.39 10.49 22.82
N THR A 125 -8.23 11.51 22.94
CA THR A 125 -8.12 12.48 24.01
C THR A 125 -8.84 12.00 25.27
N LEU A 126 -9.93 11.26 25.10
CA LEU A 126 -10.65 10.72 26.25
C LEU A 126 -9.88 9.59 26.94
N LEU A 127 -8.85 9.04 26.30
CA LEU A 127 -7.98 8.04 26.90
C LEU A 127 -6.64 8.60 27.33
N ARG A 128 -6.32 9.83 26.96
CA ARG A 128 -5.13 10.46 27.53
C ARG A 128 -5.41 11.12 28.87
N GLU A 129 -6.68 11.42 29.18
CA GLU A 129 -7.02 11.97 30.48
C GLU A 129 -7.47 10.89 31.45
N HIS A 130 -8.54 10.18 31.11
CA HIS A 130 -9.13 9.20 32.00
C HIS A 130 -8.61 7.79 31.77
N GLY A 131 -7.63 7.61 30.92
CA GLY A 131 -7.23 6.27 30.49
C GLY A 131 -6.34 5.49 31.45
N LEU A 132 -6.65 5.57 32.75
CA LEU A 132 -6.01 4.72 33.74
C LEU A 132 -7.00 4.11 34.71
N LEU A 133 -8.26 4.57 34.73
CA LEU A 133 -9.31 3.82 35.41
C LEU A 133 -9.48 2.45 34.77
N LEU A 134 -9.63 2.43 33.45
CA LEU A 134 -9.50 1.23 32.66
C LEU A 134 -8.03 1.08 32.29
N PRO A 135 -7.40 -0.05 32.61
CA PRO A 135 -5.92 -0.10 32.57
C PRO A 135 -5.34 -0.21 31.18
N VAL A 136 -5.21 0.93 30.50
CA VAL A 136 -4.41 1.02 29.29
C VAL A 136 -3.23 1.93 29.56
N GLU A 137 -2.22 1.83 28.72
CA GLU A 137 -1.10 2.72 29.04
C GLU A 137 -1.24 4.02 28.26
N PRO A 138 -0.92 5.15 28.88
CA PRO A 138 -0.84 6.40 28.12
C PRO A 138 0.32 6.38 27.15
N ASP A 139 0.20 7.19 26.11
CA ASP A 139 1.14 7.27 24.98
C ASP A 139 1.33 5.90 24.32
N THR A 140 0.22 5.35 23.85
CA THR A 140 0.22 4.09 23.11
C THR A 140 0.21 4.39 21.61
N ARG A 141 1.11 3.73 20.89
CA ARG A 141 1.25 3.99 19.46
C ARG A 141 0.08 3.36 18.72
N LEU A 142 -0.23 3.94 17.54
CA LEU A 142 -1.35 3.46 16.69
C LEU A 142 -0.76 2.86 15.41
N LEU A 143 -1.08 1.60 15.11
CA LEU A 143 -0.55 0.89 13.92
C LEU A 143 -1.24 1.34 12.63
N SER A 144 -0.49 1.33 11.52
CA SER A 144 -1.00 1.63 10.15
C SER A 144 -1.65 0.37 9.58
N GLU A 145 -2.43 0.48 8.50
CA GLU A 145 -3.08 -0.74 8.00
C GLU A 145 -2.08 -1.73 7.45
N THR A 146 -0.85 -1.29 7.17
CA THR A 146 0.22 -2.14 6.68
C THR A 146 1.07 -2.69 7.82
N GLU A 147 1.50 -1.83 8.75
CA GLU A 147 2.24 -2.27 9.92
C GLU A 147 1.41 -3.09 10.89
N LEU A 148 0.09 -3.15 10.71
CA LEU A 148 -0.74 -4.08 11.44
C LEU A 148 -0.69 -5.44 10.77
N TRP A 149 -0.65 -5.47 9.44
CA TRP A 149 -0.57 -6.73 8.70
C TRP A 149 0.79 -7.39 8.88
N GLN A 150 1.84 -6.59 9.09
CA GLN A 150 3.15 -7.13 9.43
C GLN A 150 3.10 -7.91 10.73
N LEU A 151 2.35 -7.39 11.70
CA LEU A 151 2.26 -8.01 13.03
C LEU A 151 1.26 -9.13 13.07
N ALA A 152 0.18 -9.06 12.29
CA ALA A 152 -0.83 -10.10 12.34
C ALA A 152 -0.38 -11.35 11.61
N TYR A 153 0.39 -11.20 10.54
CA TYR A 153 0.95 -12.34 9.81
C TYR A 153 2.05 -13.02 10.60
N ASP A 154 2.60 -12.37 11.61
CA ASP A 154 3.68 -12.93 12.39
C ASP A 154 3.21 -13.66 13.63
N VAL A 155 1.92 -13.55 13.98
CA VAL A 155 1.33 -14.40 15.01
C VAL A 155 0.52 -15.53 14.42
N VAL A 156 0.29 -15.53 13.11
CA VAL A 156 -0.30 -16.67 12.42
C VAL A 156 0.76 -17.68 12.02
N CYS A 157 1.94 -17.20 11.63
CA CYS A 157 3.06 -18.05 11.27
C CYS A 157 3.90 -18.45 12.47
N ALA A 158 3.37 -18.33 13.68
CA ALA A 158 4.06 -18.79 14.87
C ALA A 158 3.09 -19.50 15.82
N HIS A 159 2.09 -20.15 15.26
CA HIS A 159 1.01 -20.76 16.03
C HIS A 159 1.28 -22.24 16.20
N PRO A 160 1.57 -22.73 17.41
CA PRO A 160 1.79 -24.17 17.58
C PRO A 160 0.49 -24.94 17.61
N GLY A 161 0.19 -25.68 16.55
CA GLY A 161 -1.06 -26.40 16.54
C GLY A 161 -1.38 -27.14 15.26
N HIS A 162 -2.67 -27.25 14.95
CA HIS A 162 -3.13 -28.05 13.82
C HIS A 162 -3.90 -27.23 12.79
N LEU A 163 -4.96 -26.53 13.23
CA LEU A 163 -5.85 -25.62 12.51
C LEU A 163 -6.80 -26.26 11.48
N ASP A 164 -6.52 -27.49 11.05
CA ASP A 164 -7.34 -28.29 10.13
C ASP A 164 -7.90 -27.54 8.91
N THR A 165 -7.18 -26.55 8.39
CA THR A 165 -7.72 -25.65 7.39
C THR A 165 -7.15 -25.96 6.02
N GLU A 166 -7.98 -25.83 4.99
CA GLU A 166 -7.52 -25.96 3.62
C GLU A 166 -6.97 -24.66 3.05
N LYS A 167 -6.85 -23.62 3.87
CA LYS A 167 -6.39 -22.32 3.41
C LYS A 167 -4.91 -22.12 3.70
N THR A 168 -4.39 -21.00 3.24
CA THR A 168 -2.99 -20.65 3.38
C THR A 168 -2.83 -19.53 4.38
N PRO A 169 -1.67 -19.36 5.00
CA PRO A 169 -1.38 -18.08 5.64
C PRO A 169 -1.26 -17.03 4.57
N ALA A 170 -1.61 -15.79 4.95
CA ALA A 170 -2.09 -14.67 4.14
C ALA A 170 -3.48 -14.92 3.58
N ALA A 171 -4.17 -15.96 4.04
CA ALA A 171 -5.60 -16.08 3.83
C ALA A 171 -6.33 -16.58 5.07
N VAL A 172 -5.61 -16.94 6.13
CA VAL A 172 -6.17 -17.03 7.47
C VAL A 172 -5.59 -15.93 8.36
N THR A 173 -4.98 -14.91 7.78
CA THR A 173 -4.81 -13.63 8.45
C THR A 173 -5.52 -12.52 7.69
N ALA A 174 -6.42 -12.87 6.80
CA ALA A 174 -7.45 -11.95 6.33
C ALA A 174 -8.79 -12.28 6.96
N MET A 175 -8.88 -13.34 7.73
CA MET A 175 -10.01 -13.65 8.58
C MET A 175 -9.76 -13.28 10.03
N VAL A 176 -8.50 -13.26 10.46
CA VAL A 176 -8.16 -12.79 11.79
C VAL A 176 -8.39 -11.29 11.89
N LEU A 177 -8.01 -10.56 10.85
CA LEU A 177 -8.18 -9.12 10.85
C LEU A 177 -9.60 -8.68 10.57
N ARG A 178 -10.50 -9.60 10.20
CA ARG A 178 -11.86 -9.25 9.85
C ARG A 178 -12.87 -9.64 10.92
N LEU A 179 -12.57 -10.65 11.73
CA LEU A 179 -13.35 -10.88 12.95
C LEU A 179 -12.93 -9.96 14.08
N SER A 180 -11.64 -9.80 14.30
CA SER A 180 -11.20 -9.01 15.43
C SER A 180 -11.31 -7.51 15.19
N GLY A 181 -11.86 -7.09 14.05
CA GLY A 181 -12.29 -5.74 13.85
C GLY A 181 -13.80 -5.66 13.90
N ALA A 182 -14.47 -6.81 13.83
CA ALA A 182 -15.92 -6.88 13.99
C ALA A 182 -16.33 -7.36 15.37
N LEU A 183 -15.44 -7.98 16.13
CA LEU A 183 -15.72 -8.23 17.54
C LEU A 183 -15.53 -6.97 18.36
N ALA A 184 -14.60 -6.11 17.97
CA ALA A 184 -14.34 -4.88 18.68
C ALA A 184 -15.16 -3.72 18.15
N GLU A 185 -16.13 -4.00 17.28
CA GLU A 185 -17.08 -3.00 16.85
C GLU A 185 -18.45 -3.20 17.48
N HIS A 186 -18.79 -4.44 17.85
CA HIS A 186 -20.02 -4.72 18.57
C HIS A 186 -19.80 -4.98 20.04
N LEU A 187 -18.56 -4.87 20.52
CA LEU A 187 -18.16 -5.02 21.93
C LEU A 187 -18.50 -6.41 22.46
N VAL A 188 -17.81 -7.41 21.92
CA VAL A 188 -18.15 -8.82 22.13
C VAL A 188 -17.12 -9.53 23.01
N ASP A 189 -15.84 -9.47 22.62
CA ASP A 189 -14.68 -10.00 23.37
C ASP A 189 -14.71 -11.52 23.56
N THR A 190 -14.79 -12.25 22.44
CA THR A 190 -14.27 -13.61 22.22
C THR A 190 -14.79 -14.73 23.11
N ASP A 191 -15.71 -14.43 24.03
CA ASP A 191 -16.24 -15.46 24.91
C ASP A 191 -17.69 -15.78 24.60
N GLN A 192 -18.39 -14.89 23.90
CA GLN A 192 -19.73 -15.20 23.44
C GLN A 192 -19.69 -16.00 22.16
N LEU A 193 -18.50 -16.12 21.55
CA LEU A 193 -18.34 -16.75 20.24
C LEU A 193 -18.05 -18.23 20.36
N ARG A 194 -17.59 -18.70 21.51
CA ARG A 194 -17.30 -20.12 21.68
C ARG A 194 -18.59 -20.92 21.88
N ASP A 195 -18.66 -22.04 21.17
CA ASP A 195 -19.79 -22.96 21.16
C ASP A 195 -21.09 -22.27 20.76
N THR A 196 -21.07 -21.74 19.54
CA THR A 196 -22.28 -21.24 18.89
C THR A 196 -22.75 -22.14 17.76
N HIS A 197 -21.96 -23.15 17.39
CA HIS A 197 -22.41 -24.13 16.42
C HIS A 197 -23.21 -25.24 17.06
N VAL A 198 -23.03 -25.47 18.36
CA VAL A 198 -23.94 -26.34 19.10
C VAL A 198 -25.31 -25.69 19.16
N GLU A 199 -26.34 -26.55 19.29
CA GLU A 199 -27.76 -26.22 19.07
C GLU A 199 -28.01 -25.66 17.66
N LEU A 200 -27.14 -26.00 16.72
CA LEU A 200 -27.40 -25.99 15.29
C LEU A 200 -26.97 -27.29 14.63
N GLU A 201 -25.84 -27.86 15.07
CA GLU A 201 -25.43 -29.19 14.63
C GLU A 201 -26.35 -30.27 15.18
N ARG A 202 -26.97 -30.03 16.33
CA ARG A 202 -27.97 -30.96 16.87
C ARG A 202 -29.25 -30.98 16.05
N LEU A 203 -29.48 -29.96 15.22
CA LEU A 203 -30.70 -29.88 14.42
C LEU A 203 -30.61 -30.66 13.12
N VAL A 204 -29.41 -30.91 12.61
CA VAL A 204 -29.24 -31.56 11.32
C VAL A 204 -29.03 -33.07 11.47
N HIS A 205 -28.21 -33.51 12.44
CA HIS A 205 -27.96 -34.94 12.58
C HIS A 205 -29.14 -35.68 13.19
N THR A 206 -30.00 -34.98 13.92
CA THR A 206 -31.26 -35.50 14.40
C THR A 206 -32.35 -35.17 13.37
N LEU A 207 -33.63 -35.28 13.75
CA LEU A 207 -34.80 -34.86 12.99
C LEU A 207 -34.91 -35.59 11.65
N PRO A 208 -35.29 -36.86 11.64
CA PRO A 208 -35.14 -37.68 10.44
C PRO A 208 -36.14 -37.40 9.32
N ALA A 209 -36.12 -36.19 8.77
CA ALA A 209 -36.80 -35.81 7.52
C ALA A 209 -38.31 -36.04 7.51
N GLY A 217 -29.63 -38.43 3.26
CA GLY A 217 -28.79 -37.89 4.31
C GLY A 217 -28.97 -36.40 4.56
N PRO A 218 -27.95 -35.76 5.16
CA PRO A 218 -28.07 -34.33 5.50
C PRO A 218 -27.76 -33.37 4.34
N SER A 219 -27.79 -33.86 3.10
CA SER A 219 -27.96 -33.13 1.84
C SER A 219 -26.74 -32.38 1.32
N GLN A 220 -25.65 -32.27 2.10
CA GLN A 220 -24.32 -31.86 1.66
C GLN A 220 -24.23 -30.36 1.29
N TRP A 221 -25.36 -29.68 1.14
CA TRP A 221 -25.36 -28.23 1.19
C TRP A 221 -25.44 -27.76 2.63
N LEU A 222 -25.97 -28.61 3.50
CA LEU A 222 -26.18 -28.27 4.89
C LEU A 222 -24.96 -28.65 5.74
N LEU A 223 -24.07 -29.49 5.21
CA LEU A 223 -22.81 -29.77 5.90
C LEU A 223 -21.81 -28.65 5.70
N ARG A 224 -21.80 -28.03 4.52
CA ARG A 224 -20.92 -26.90 4.25
C ARG A 224 -21.28 -25.71 5.14
N MET A 225 -22.58 -25.44 5.26
CA MET A 225 -23.07 -24.42 6.18
C MET A 225 -22.74 -24.77 7.62
N LEU A 226 -22.67 -26.05 7.95
CA LEU A 226 -22.23 -26.48 9.27
C LEU A 226 -20.72 -26.48 9.39
N ALA A 227 -19.99 -26.51 8.29
CA ALA A 227 -18.53 -26.54 8.38
C ALA A 227 -17.92 -25.16 8.46
N THR A 228 -18.65 -24.11 8.05
CA THR A 228 -18.12 -22.75 8.20
C THR A 228 -18.22 -22.26 9.63
N GLN A 229 -19.10 -22.86 10.42
CA GLN A 229 -19.33 -22.37 11.77
C GLN A 229 -18.59 -23.16 12.83
N THR A 230 -18.00 -24.29 12.46
CA THR A 230 -16.94 -24.90 13.24
C THR A 230 -15.58 -24.37 12.84
N GLU A 231 -15.53 -23.27 12.08
CA GLU A 231 -14.29 -22.63 11.70
C GLU A 231 -14.06 -21.29 12.41
N ARG A 232 -15.12 -20.58 12.79
CA ARG A 232 -14.96 -19.45 13.71
C ARG A 232 -14.40 -19.91 15.03
N THR A 233 -14.99 -20.98 15.58
CA THR A 233 -14.56 -21.52 16.89
C THR A 233 -13.10 -21.99 16.81
N GLU A 234 -12.73 -22.62 15.69
CA GLU A 234 -11.36 -23.15 15.47
C GLU A 234 -10.29 -22.05 15.48
N LEU A 235 -10.61 -20.87 14.95
CA LEU A 235 -9.62 -19.77 14.86
C LEU A 235 -9.71 -18.82 16.07
N VAL A 236 -10.48 -19.19 17.10
CA VAL A 236 -10.62 -18.28 18.28
C VAL A 236 -9.25 -18.03 18.91
N PRO A 237 -8.38 -19.05 19.12
CA PRO A 237 -7.04 -18.85 19.68
C PRO A 237 -6.06 -18.08 18.81
N LEU A 238 -6.43 -17.64 17.61
CA LEU A 238 -5.61 -16.75 16.81
C LEU A 238 -5.97 -15.29 17.00
N ILE A 239 -7.26 -14.99 17.19
CA ILE A 239 -7.74 -13.63 17.35
C ILE A 239 -7.78 -13.30 18.83
N ASP A 240 -7.11 -14.12 19.63
CA ASP A 240 -6.97 -13.92 21.07
C ASP A 240 -5.53 -13.95 21.53
N ALA A 241 -4.64 -14.62 20.81
CA ALA A 241 -3.20 -14.46 21.00
C ALA A 241 -2.66 -13.28 20.23
N LEU A 242 -3.50 -12.61 19.44
CA LEU A 242 -3.13 -11.37 18.80
C LEU A 242 -3.31 -10.19 19.74
N HIS A 243 -4.37 -10.19 20.55
CA HIS A 243 -4.54 -9.13 21.52
C HIS A 243 -3.57 -9.25 22.69
N GLN A 244 -3.08 -10.47 22.98
CA GLN A 244 -2.09 -10.63 24.04
C GLN A 244 -0.72 -10.13 23.63
N ARG A 245 -0.49 -9.91 22.33
CA ARG A 245 0.77 -9.35 21.87
C ARG A 245 0.68 -7.86 21.57
N MET A 246 -0.50 -7.37 21.18
CA MET A 246 -0.67 -5.94 21.04
C MET A 246 -0.81 -5.23 22.37
N ARG A 247 -1.09 -5.95 23.45
CA ARG A 247 -1.00 -5.39 24.79
C ARG A 247 0.37 -5.58 25.42
N ALA A 248 1.15 -6.54 24.93
CA ALA A 248 2.50 -6.75 25.44
C ALA A 248 3.49 -5.75 24.84
N GLU A 249 3.16 -5.13 23.72
CA GLU A 249 4.00 -4.09 23.14
C GLU A 249 3.35 -2.72 23.18
N LYS A 250 2.12 -2.62 23.71
CA LYS A 250 1.38 -1.37 23.91
C LYS A 250 1.16 -0.61 22.60
N VAL A 251 0.59 -1.29 21.61
CA VAL A 251 0.27 -0.69 20.32
C VAL A 251 -1.15 -1.11 19.96
N MET A 252 -1.94 -0.18 19.40
CA MET A 252 -3.39 -0.34 19.23
C MET A 252 -3.82 -0.04 17.80
N ASP A 253 -5.13 -0.14 17.56
CA ASP A 253 -5.75 0.08 16.26
C ASP A 253 -6.83 1.15 16.35
N PHE A 254 -7.56 1.33 15.25
CA PHE A 254 -8.69 2.25 15.23
C PHE A 254 -9.98 1.62 15.70
N GLY A 255 -10.14 0.32 15.54
CA GLY A 255 -11.29 -0.37 16.08
C GLY A 255 -11.15 -0.72 17.54
N MET A 256 -10.03 -0.33 18.16
CA MET A 256 -9.83 -0.49 19.58
C MET A 256 -9.75 0.84 20.33
N GLN A 257 -9.56 1.96 19.62
CA GLN A 257 -9.76 3.27 20.23
C GLN A 257 -11.18 3.43 20.73
N MET A 258 -12.16 3.35 19.82
CA MET A 258 -13.56 3.47 20.19
C MET A 258 -14.07 2.27 20.96
N ALA A 259 -13.39 1.13 20.90
CA ALA A 259 -13.81 0.01 21.74
C ALA A 259 -13.40 0.24 23.19
N ALA A 260 -12.23 0.82 23.42
CA ALA A 260 -11.82 1.10 24.79
C ALA A 260 -12.54 2.32 25.33
N ALA A 261 -12.68 3.37 24.52
CA ALA A 261 -13.33 4.60 24.97
C ALA A 261 -14.81 4.44 25.21
N ALA A 262 -15.44 3.41 24.66
CA ALA A 262 -16.82 3.09 24.99
C ALA A 262 -16.92 2.08 26.13
N ARG A 263 -15.81 1.53 26.59
CA ARG A 263 -15.78 0.75 27.81
C ARG A 263 -15.26 1.56 28.98
N LEU A 264 -14.71 2.74 28.72
CA LEU A 264 -14.47 3.72 29.75
C LEU A 264 -15.67 4.63 29.95
N ALA A 265 -16.58 4.65 28.97
CA ALA A 265 -17.77 5.49 29.05
C ALA A 265 -18.80 4.91 30.00
N ALA A 266 -19.29 3.71 29.67
CA ALA A 266 -20.40 3.12 30.40
C ALA A 266 -20.00 2.51 31.73
N ARG A 267 -18.71 2.43 32.03
CA ARG A 267 -18.24 1.79 33.25
C ARG A 267 -17.96 2.75 34.38
N PHE A 268 -17.37 3.91 34.09
CA PHE A 268 -17.03 4.91 35.09
C PHE A 268 -17.84 6.17 34.89
N PRO A 269 -18.84 6.44 35.75
CA PRO A 269 -19.69 7.64 35.64
C PRO A 269 -18.91 8.96 35.81
N GLN A 270 -17.84 8.94 36.61
CA GLN A 270 -17.04 10.16 36.92
C GLN A 270 -16.45 10.77 35.64
N VAL A 271 -15.94 9.93 34.72
CA VAL A 271 -15.31 10.47 33.47
C VAL A 271 -16.36 11.25 32.68
N GLY A 272 -17.58 10.72 32.58
CA GLY A 272 -18.67 11.40 31.84
C GLY A 272 -19.05 12.73 32.45
N GLU A 273 -19.10 12.80 33.80
CA GLU A 273 -19.52 14.02 34.52
C GLU A 273 -18.58 15.20 34.23
N GLN A 274 -17.27 14.96 34.19
CA GLN A 274 -16.30 16.06 33.93
C GLN A 274 -16.54 16.65 32.54
N LEU A 275 -16.74 15.79 31.53
CA LEU A 275 -16.97 16.26 30.14
C LEU A 275 -18.28 17.06 30.05
N ARG A 276 -19.33 16.61 30.74
CA ARG A 276 -20.65 17.29 30.67
C ARG A 276 -20.51 18.73 31.19
N GLN A 277 -19.75 18.93 32.26
CA GLN A 277 -19.55 20.28 32.83
C GLN A 277 -18.79 21.18 31.84
N ARG A 278 -17.76 20.64 31.18
CA ARG A 278 -16.89 21.39 30.25
C ARG A 278 -17.62 21.93 29.01
N PHE A 279 -18.47 21.13 28.38
CA PHE A 279 -19.14 21.58 27.13
C PHE A 279 -20.65 21.74 27.35
N ARG A 280 -21.20 22.91 26.98
CA ARG A 280 -22.62 23.16 27.21
C ARG A 280 -23.47 23.11 25.96
N VAL A 281 -22.87 23.02 24.77
CA VAL A 281 -23.62 22.75 23.55
C VAL A 281 -22.81 21.76 22.72
N VAL A 282 -23.46 20.68 22.30
CA VAL A 282 -22.80 19.57 21.61
C VAL A 282 -23.55 19.33 20.31
N LEU A 283 -22.82 19.16 19.21
CA LEU A 283 -23.39 19.08 17.87
C LEU A 283 -22.97 17.77 17.22
N LEU A 284 -23.88 16.81 17.18
CA LEU A 284 -23.64 15.49 16.63
C LEU A 284 -24.06 15.50 15.17
N ASP A 285 -23.16 15.91 14.28
CA ASP A 285 -23.48 15.93 12.87
C ASP A 285 -23.21 14.57 12.24
N GLU A 286 -23.96 14.27 11.17
CA GLU A 286 -23.93 13.01 10.43
C GLU A 286 -24.14 11.81 11.35
N TYR A 287 -25.32 11.71 11.95
CA TYR A 287 -25.59 10.70 12.96
C TYR A 287 -26.17 9.43 12.35
N GLN A 288 -26.46 9.41 11.06
CA GLN A 288 -26.97 8.20 10.43
C GLN A 288 -25.89 7.16 10.21
N ASP A 289 -24.62 7.56 10.21
CA ASP A 289 -23.50 6.65 9.96
C ASP A 289 -22.77 6.27 11.24
N THR A 290 -23.35 6.56 12.40
CA THR A 290 -22.72 6.22 13.67
C THR A 290 -22.90 4.74 13.98
N GLY A 291 -21.79 4.04 14.21
CA GLY A 291 -21.80 2.61 14.51
C GLY A 291 -22.38 2.24 15.86
N HIS A 292 -22.14 1.01 16.31
CA HIS A 292 -22.62 0.65 17.63
C HIS A 292 -21.66 1.04 18.73
N ALA A 293 -20.36 0.88 18.52
CA ALA A 293 -19.38 1.23 19.54
C ALA A 293 -19.31 2.74 19.77
N GLN A 294 -19.67 3.54 18.76
CA GLN A 294 -19.71 4.98 18.92
C GLN A 294 -21.01 5.45 19.54
N ARG A 295 -21.98 4.57 19.68
CA ARG A 295 -23.33 4.92 20.12
C ARG A 295 -23.48 4.86 21.62
N ILE A 296 -22.79 3.96 22.30
CA ILE A 296 -22.93 3.85 23.75
C ILE A 296 -21.77 4.58 24.42
N ALA A 297 -21.00 5.32 23.63
CA ALA A 297 -20.00 6.22 24.16
C ALA A 297 -20.46 7.67 24.15
N LEU A 298 -21.42 8.01 23.32
CA LEU A 298 -22.06 9.32 23.33
C LEU A 298 -23.27 9.33 24.24
N SER A 299 -24.02 8.23 24.25
CA SER A 299 -25.22 8.13 25.06
C SER A 299 -24.92 7.83 26.51
N SER A 300 -23.66 7.60 26.87
CA SER A 300 -23.27 7.50 28.27
C SER A 300 -22.65 8.77 28.80
N LEU A 301 -21.72 9.37 28.05
CA LEU A 301 -21.20 10.69 28.38
C LEU A 301 -22.28 11.76 28.30
N PHE A 302 -22.80 12.01 27.10
CA PHE A 302 -23.62 13.17 26.82
C PHE A 302 -25.09 12.77 26.89
N GLY A 303 -25.65 12.86 28.08
CA GLY A 303 -27.08 12.78 28.22
C GLY A 303 -27.75 11.44 27.98
N GLY A 304 -27.54 10.49 28.88
CA GLY A 304 -28.39 9.33 28.90
C GLY A 304 -29.61 9.55 29.78
N GLY A 305 -30.29 10.67 29.58
CA GLY A 305 -31.29 11.14 30.53
C GLY A 305 -30.73 11.91 31.70
N ALA A 306 -29.45 12.27 31.65
CA ALA A 306 -28.79 12.84 32.82
C ALA A 306 -29.10 14.32 32.98
N ASP A 307 -28.71 15.15 32.00
CA ASP A 307 -28.75 16.60 32.16
C ASP A 307 -29.72 17.21 31.15
N ASP A 308 -30.38 18.27 31.57
CA ASP A 308 -31.35 18.97 30.73
C ASP A 308 -30.99 20.43 30.53
N GLY A 309 -29.81 20.85 30.96
CA GLY A 309 -29.35 22.20 30.71
C GLY A 309 -28.32 22.24 29.60
N LEU A 310 -27.94 21.07 29.11
CA LEU A 310 -27.03 20.93 28.00
C LEU A 310 -27.82 20.94 26.70
N ALA A 311 -27.37 21.75 25.75
CA ALA A 311 -28.06 21.89 24.47
C ALA A 311 -27.48 20.88 23.49
N LEU A 312 -28.18 19.76 23.31
CA LEU A 312 -27.74 18.68 22.47
C LEU A 312 -28.59 18.64 21.21
N THR A 313 -27.94 18.41 20.07
CA THR A 313 -28.60 18.47 18.77
C THR A 313 -27.93 17.44 17.88
N ALA A 314 -28.73 16.60 17.22
CA ALA A 314 -28.19 15.53 16.40
C ALA A 314 -28.97 15.48 15.10
N VAL A 315 -28.28 15.59 13.97
CA VAL A 315 -28.93 15.69 12.68
C VAL A 315 -28.65 14.44 11.85
N GLY A 316 -29.53 14.19 10.89
CA GLY A 316 -29.33 13.11 9.95
C GLY A 316 -30.61 12.50 9.43
N ASP A 317 -30.60 12.11 8.15
CA ASP A 317 -31.72 11.41 7.54
C ASP A 317 -31.42 9.93 7.50
N PRO A 318 -32.43 9.07 7.68
CA PRO A 318 -32.18 7.62 7.65
C PRO A 318 -31.92 7.08 6.25
N ILE A 319 -32.01 7.89 5.20
CA ILE A 319 -32.16 7.40 3.85
C ILE A 319 -30.94 7.76 2.99
N GLN A 320 -29.88 8.26 3.61
CA GLN A 320 -28.56 8.29 2.97
C GLN A 320 -27.56 7.45 3.76
N SER A 321 -28.01 6.30 4.26
CA SER A 321 -27.17 5.42 5.08
C SER A 321 -26.39 4.44 4.20
N ILE A 322 -25.63 5.01 3.25
CA ILE A 322 -24.81 4.25 2.26
C ILE A 322 -23.65 3.51 2.92
N TYR A 323 -23.04 4.10 3.95
CA TYR A 323 -21.79 3.58 4.57
C TYR A 323 -22.01 2.41 5.55
N GLY A 324 -23.23 1.91 5.73
CA GLY A 324 -23.42 0.83 6.73
C GLY A 324 -23.08 -0.59 6.29
N TRP A 325 -21.87 -0.80 5.75
CA TRP A 325 -21.32 -2.15 5.41
C TRP A 325 -19.90 -2.21 5.97
N ARG A 326 -19.44 -1.07 6.49
CA ARG A 326 -18.14 -0.80 7.08
C ARG A 326 -18.30 -0.41 8.55
N GLY A 327 -19.05 0.65 8.82
CA GLY A 327 -19.39 0.97 10.18
C GLY A 327 -20.40 -0.01 10.75
N ALA A 328 -21.29 -0.51 9.89
CA ALA A 328 -22.39 -1.43 10.20
C ALA A 328 -23.31 -0.88 11.29
N SER A 329 -23.96 0.23 11.02
CA SER A 329 -24.99 0.75 11.90
C SER A 329 -26.33 0.05 11.66
N LEU A 333 -30.58 5.66 14.84
CA LEU A 333 -31.26 6.97 14.71
C LEU A 333 -32.74 6.83 15.07
N PRO A 334 -33.39 5.70 14.74
CA PRO A 334 -34.78 5.47 15.11
C PRO A 334 -34.90 5.47 16.64
N ARG A 335 -33.87 4.91 17.28
CA ARG A 335 -33.72 4.79 18.76
C ARG A 335 -33.50 6.19 19.35
N PHE A 336 -33.10 7.16 18.53
CA PHE A 336 -32.91 8.52 19.10
C PHE A 336 -34.28 8.97 19.60
N THR A 337 -34.30 9.57 20.79
CA THR A 337 -35.57 9.98 21.45
C THR A 337 -35.99 8.85 22.40
N THR A 338 -35.24 7.75 22.39
CA THR A 338 -35.45 6.57 23.28
C THR A 338 -34.10 6.28 23.96
N ASP A 339 -33.01 6.80 23.37
CA ASP A 339 -31.70 6.64 24.00
C ASP A 339 -31.12 7.94 24.54
N PHE A 340 -31.67 9.08 24.11
CA PHE A 340 -31.32 10.40 24.66
C PHE A 340 -32.58 11.08 25.20
N PRO A 341 -33.16 10.60 26.29
CA PRO A 341 -34.46 11.11 26.73
C PRO A 341 -34.29 12.29 27.67
N TYR A 342 -35.42 12.85 28.09
CA TYR A 342 -35.44 13.87 29.13
C TYR A 342 -35.08 13.29 30.49
N GLY A 345 -38.71 11.58 31.81
CA GLY A 345 -38.60 10.37 31.02
C GLY A 345 -39.38 10.44 29.72
N THR A 346 -39.69 11.66 29.29
CA THR A 346 -40.39 11.84 28.03
C THR A 346 -39.44 11.57 26.86
N PRO A 347 -39.95 11.14 25.71
CA PRO A 347 -39.06 10.97 24.55
C PRO A 347 -38.71 12.31 23.90
N ALA A 348 -37.63 12.28 23.12
CA ALA A 348 -37.07 13.51 22.58
C ALA A 348 -37.89 14.01 21.38
N PRO A 349 -37.87 15.33 21.13
CA PRO A 349 -38.62 15.87 20.00
C PRO A 349 -37.99 15.52 18.66
N THR A 350 -38.71 15.85 17.58
CA THR A 350 -38.29 15.56 16.22
C THR A 350 -38.77 16.67 15.30
N LEU A 351 -37.87 17.19 14.47
CA LEU A 351 -38.18 18.24 13.52
C LEU A 351 -37.66 17.86 12.15
N GLU A 352 -37.92 18.71 11.15
CA GLU A 352 -37.62 18.37 9.77
C GLU A 352 -37.02 19.55 9.02
N LEU A 353 -36.22 19.23 8.00
CA LEU A 353 -35.70 20.19 7.03
C LEU A 353 -35.89 19.61 5.64
N ARG A 354 -37.03 19.91 5.02
CA ARG A 354 -37.38 19.31 3.74
C ARG A 354 -37.25 20.26 2.55
N THR A 355 -36.91 21.52 2.77
CA THR A 355 -36.66 22.42 1.64
C THR A 355 -35.27 22.14 1.08
N SER A 356 -35.19 21.81 -0.19
CA SER A 356 -33.93 21.50 -0.84
C SER A 356 -33.50 22.69 -1.68
N TRP A 357 -32.27 23.14 -1.49
CA TRP A 357 -31.80 24.38 -2.07
C TRP A 357 -30.98 24.18 -3.34
N ARG A 358 -29.96 23.34 -3.31
CA ARG A 358 -29.11 23.13 -4.49
C ARG A 358 -29.57 21.95 -5.33
N ASN A 359 -30.86 21.93 -5.69
CA ASN A 359 -31.44 20.78 -6.39
C ASN A 359 -32.71 21.25 -7.09
N PRO A 360 -32.81 21.12 -8.42
CA PRO A 360 -33.96 21.66 -9.14
C PRO A 360 -35.17 20.76 -8.97
N PRO A 361 -36.35 21.17 -9.43
CA PRO A 361 -37.44 20.21 -9.59
C PRO A 361 -37.15 19.25 -10.72
N SER A 362 -37.86 18.12 -10.72
CA SER A 362 -37.79 16.94 -11.60
C SER A 362 -36.54 16.10 -11.36
N THR A 363 -35.61 16.58 -10.53
CA THR A 363 -34.76 15.65 -9.81
C THR A 363 -35.31 15.43 -8.41
N LEU A 364 -36.48 16.02 -8.14
CA LEU A 364 -37.22 15.72 -6.93
C LEU A 364 -38.51 15.00 -7.26
N HIS A 365 -38.78 14.79 -8.54
CA HIS A 365 -39.85 13.89 -8.93
C HIS A 365 -39.30 12.49 -9.17
N VAL A 366 -38.01 12.40 -9.54
CA VAL A 366 -37.38 11.10 -9.74
C VAL A 366 -36.91 10.56 -8.40
N ALA A 367 -36.25 11.39 -7.59
CA ALA A 367 -35.69 10.94 -6.32
C ALA A 367 -36.78 10.63 -5.31
N ASN A 368 -37.95 11.26 -5.43
CA ASN A 368 -39.04 10.94 -4.52
C ASN A 368 -39.83 9.74 -5.02
N ALA A 369 -39.69 9.38 -6.30
CA ALA A 369 -40.35 8.17 -6.78
C ALA A 369 -39.50 6.95 -6.50
N VAL A 370 -38.18 7.11 -6.45
CA VAL A 370 -37.30 6.01 -6.09
C VAL A 370 -37.40 5.71 -4.61
N SER A 371 -37.32 6.74 -3.78
CA SER A 371 -37.25 6.55 -2.33
C SER A 371 -38.58 6.11 -1.75
N GLU A 372 -39.69 6.68 -2.22
CA GLU A 372 -40.99 6.23 -1.76
C GLU A 372 -41.33 4.88 -2.36
N GLU A 373 -42.33 4.22 -1.75
CA GLU A 373 -42.83 2.86 -1.96
C GLU A 373 -41.82 1.79 -1.50
N ALA A 374 -40.61 2.17 -1.07
CA ALA A 374 -39.69 1.23 -0.47
C ALA A 374 -39.35 1.65 0.95
N ARG A 375 -38.92 2.91 1.12
CA ARG A 375 -38.35 3.31 2.39
C ARG A 375 -39.29 4.25 3.15
N ARG A 376 -39.66 5.36 2.53
CA ARG A 376 -40.48 6.35 3.20
C ARG A 376 -41.95 5.92 3.23
N VAL A 381 -39.65 9.10 5.58
CA VAL A 381 -40.26 9.97 6.56
C VAL A 381 -41.38 10.75 5.87
N ARG A 382 -41.02 11.78 5.12
CA ARG A 382 -41.95 12.53 4.28
C ARG A 382 -41.16 13.21 3.16
N ALA A 383 -41.84 13.45 2.04
CA ALA A 383 -41.15 13.84 0.81
C ALA A 383 -40.67 15.29 0.89
N LEU A 384 -39.55 15.56 0.23
CA LEU A 384 -38.95 16.89 0.28
C LEU A 384 -39.27 17.67 -1.00
N ARG A 385 -39.23 18.99 -0.91
CA ARG A 385 -39.78 19.88 -1.92
C ARG A 385 -38.73 20.83 -2.50
N PRO A 386 -38.96 21.38 -3.69
CA PRO A 386 -38.05 22.41 -4.21
C PRO A 386 -38.49 23.81 -3.78
N ARG A 387 -37.65 24.79 -4.13
CA ARG A 387 -37.87 26.18 -3.76
C ARG A 387 -38.21 27.04 -4.96
N GLU A 391 -35.87 26.75 -12.44
CA GLU A 391 -36.25 26.04 -13.65
C GLU A 391 -36.10 24.53 -13.45
N PRO A 392 -36.94 23.74 -14.10
CA PRO A 392 -36.82 22.29 -13.98
C PRO A 392 -35.61 21.76 -14.74
N GLY A 393 -34.65 21.22 -13.99
CA GLY A 393 -33.49 20.56 -14.57
C GLY A 393 -33.90 19.31 -15.33
N THR A 394 -33.22 19.05 -16.45
CA THR A 394 -33.66 18.01 -17.36
C THR A 394 -33.03 16.67 -17.03
N ILE A 395 -33.67 15.60 -17.51
CA ILE A 395 -33.23 14.22 -17.33
C ILE A 395 -33.11 13.60 -18.71
N ARG A 396 -32.02 12.88 -18.94
CA ARG A 396 -31.79 12.23 -20.23
C ARG A 396 -31.43 10.78 -19.99
N CYS A 397 -32.32 9.87 -20.36
CA CYS A 397 -32.08 8.45 -20.16
C CYS A 397 -31.76 7.77 -21.49
N ALA A 398 -30.95 6.71 -21.41
CA ALA A 398 -30.46 6.07 -22.62
C ALA A 398 -30.05 4.63 -22.33
N LEU A 399 -29.94 3.83 -23.39
CA LEU A 399 -29.49 2.46 -23.29
C LEU A 399 -28.89 2.06 -24.63
N LEU A 400 -27.65 1.58 -24.62
CA LEU A 400 -26.92 1.33 -25.85
C LEU A 400 -26.39 -0.10 -25.86
N ASN A 401 -26.12 -0.62 -27.05
CA ASN A 401 -25.78 -2.02 -27.21
C ASN A 401 -24.29 -2.32 -27.02
N ASN A 402 -23.53 -1.38 -26.48
CA ASN A 402 -22.11 -1.61 -26.24
C ASN A 402 -21.67 -0.64 -25.16
N VAL A 403 -20.59 -0.99 -24.47
CA VAL A 403 -20.07 -0.08 -23.46
C VAL A 403 -19.45 1.12 -24.13
N ALA A 404 -18.63 0.91 -25.16
CA ALA A 404 -17.95 2.02 -25.83
C ALA A 404 -18.91 2.86 -26.65
N ALA A 405 -20.04 2.30 -27.05
CA ALA A 405 -21.10 3.13 -27.61
C ALA A 405 -21.74 3.99 -26.52
N GLU A 406 -22.02 3.38 -25.36
CA GLU A 406 -22.55 4.14 -24.24
C GLU A 406 -21.49 5.02 -23.59
N ARG A 407 -20.21 4.74 -23.82
CA ARG A 407 -19.17 5.70 -23.48
C ARG A 407 -19.06 6.82 -24.50
N ASP A 408 -19.72 6.67 -25.65
CA ASP A 408 -19.78 7.75 -26.62
C ASP A 408 -21.04 8.58 -26.50
N TRP A 409 -22.10 8.01 -25.92
CA TRP A 409 -23.32 8.78 -25.69
C TRP A 409 -23.12 9.77 -24.55
N VAL A 410 -22.51 9.32 -23.45
CA VAL A 410 -22.32 10.20 -22.31
C VAL A 410 -21.20 11.19 -22.57
N ALA A 411 -20.29 10.86 -23.49
CA ALA A 411 -19.23 11.81 -23.82
C ALA A 411 -19.76 12.93 -24.70
N ASP A 412 -20.68 12.61 -25.61
CA ASP A 412 -21.15 13.58 -26.59
C ASP A 412 -22.03 14.64 -25.94
N HIS A 413 -22.85 14.25 -24.97
CA HIS A 413 -23.60 15.24 -24.19
C HIS A 413 -22.71 16.01 -23.23
N LEU A 414 -21.56 15.45 -22.86
CA LEU A 414 -20.60 16.17 -22.03
C LEU A 414 -19.61 16.96 -22.85
N ALA A 415 -19.46 16.65 -24.15
CA ALA A 415 -18.63 17.46 -25.03
C ALA A 415 -19.42 18.56 -25.74
N ARG A 416 -20.73 18.37 -25.94
CA ARG A 416 -21.57 19.42 -26.49
C ARG A 416 -22.04 20.41 -25.44
N ALA A 417 -21.49 20.36 -24.23
CA ALA A 417 -21.74 21.37 -23.21
C ALA A 417 -20.46 22.03 -22.76
N TYR A 418 -19.33 21.70 -23.38
CA TYR A 418 -18.05 22.34 -23.09
C TYR A 418 -17.54 23.16 -24.25
N HIS A 419 -17.53 22.60 -25.47
CA HIS A 419 -17.23 23.39 -26.66
C HIS A 419 -18.41 24.18 -27.14
N GLY A 420 -19.60 23.94 -26.59
CA GLY A 420 -20.79 24.68 -26.96
C GLY A 420 -21.24 25.65 -25.87
N PRO A 429 -19.03 25.07 -17.44
CA PRO A 429 -19.93 24.34 -16.55
C PRO A 429 -19.18 23.33 -15.69
N THR A 430 -19.81 22.86 -14.62
CA THR A 430 -19.14 21.99 -13.65
C THR A 430 -19.63 20.56 -13.87
N ALA A 431 -18.75 19.67 -14.34
CA ALA A 431 -19.16 18.35 -14.81
C ALA A 431 -18.42 17.24 -14.08
N ALA A 432 -19.07 16.08 -13.96
CA ALA A 432 -18.50 14.91 -13.29
C ALA A 432 -19.05 13.63 -13.89
N VAL A 433 -18.44 12.51 -13.50
CA VAL A 433 -18.90 11.17 -13.82
C VAL A 433 -18.89 10.36 -12.54
N LEU A 434 -20.01 9.72 -12.19
CA LEU A 434 -20.13 8.95 -10.96
C LEU A 434 -20.26 7.46 -11.30
N VAL A 435 -19.19 6.70 -11.08
CA VAL A 435 -19.15 5.28 -11.40
C VAL A 435 -19.08 4.47 -10.12
N ARG A 436 -19.73 3.29 -10.13
CA ARG A 436 -19.72 2.35 -8.98
C ARG A 436 -18.35 1.67 -8.80
N ARG A 437 -17.75 1.20 -9.90
CA ARG A 437 -16.45 0.45 -9.84
C ARG A 437 -15.26 1.38 -10.11
N ASN A 438 -14.21 1.27 -9.30
CA ASN A 438 -12.99 2.10 -9.44
C ASN A 438 -12.33 1.81 -10.80
N ALA A 439 -12.30 0.54 -11.19
CA ALA A 439 -11.66 0.07 -12.45
C ALA A 439 -12.34 0.66 -13.69
N ASP A 440 -13.66 0.84 -13.65
CA ASP A 440 -14.44 1.33 -14.82
C ASP A 440 -13.99 2.74 -15.24
N ALA A 441 -13.51 3.55 -14.30
CA ALA A 441 -13.09 4.95 -14.57
C ALA A 441 -12.19 5.12 -15.80
N ALA A 442 -10.99 4.53 -15.77
CA ALA A 442 -9.94 4.60 -16.81
C ALA A 442 -10.49 4.72 -18.25
N PRO A 443 -11.23 3.71 -18.76
CA PRO A 443 -11.76 3.76 -20.12
C PRO A 443 -12.56 5.06 -20.38
N MET A 444 -13.52 5.35 -19.50
CA MET A 444 -14.36 6.58 -19.64
C MET A 444 -13.43 7.79 -19.75
N ALA A 445 -12.46 7.91 -18.83
CA ALA A 445 -11.50 9.03 -18.86
C ALA A 445 -10.88 9.15 -20.26
N GLU A 446 -10.22 8.09 -20.74
CA GLU A 446 -9.57 8.13 -22.08
C GLU A 446 -10.57 8.60 -23.15
N ALA A 447 -11.76 7.99 -23.19
CA ALA A 447 -12.78 8.34 -24.19
C ALA A 447 -13.07 9.84 -24.15
N LEU A 448 -13.41 10.38 -22.98
CA LEU A 448 -13.72 11.83 -22.82
C LEU A 448 -12.53 12.68 -23.30
N THR A 449 -11.33 12.28 -22.89
CA THR A 449 -10.06 13.02 -23.22
C THR A 449 -9.87 13.11 -24.75
N ALA A 450 -10.14 12.00 -25.44
CA ALA A 450 -9.95 11.78 -26.90
C ALA A 450 -10.86 12.68 -27.74
N ARG A 451 -12.09 12.93 -27.31
CA ARG A 451 -13.02 13.80 -28.08
C ARG A 451 -12.43 15.20 -28.18
N GLY A 452 -11.82 15.69 -27.10
CA GLY A 452 -11.24 17.05 -27.04
C GLY A 452 -11.66 17.71 -25.75
N VAL A 453 -11.67 16.94 -24.65
CA VAL A 453 -12.07 17.50 -23.36
C VAL A 453 -10.96 17.24 -22.34
N PRO A 454 -10.60 18.20 -21.50
CA PRO A 454 -9.64 17.92 -20.42
C PRO A 454 -10.30 17.19 -19.25
N VAL A 455 -9.60 16.19 -18.72
CA VAL A 455 -10.17 15.21 -17.80
C VAL A 455 -9.31 15.11 -16.54
N GLU A 456 -9.94 15.21 -15.37
CA GLU A 456 -9.34 14.92 -14.08
C GLU A 456 -9.83 13.55 -13.62
N VAL A 457 -8.96 12.76 -13.00
CA VAL A 457 -9.36 11.48 -12.42
C VAL A 457 -8.83 11.32 -11.00
N GLY A 462 -1.99 5.36 -6.16
CA GLY A 462 -0.89 4.76 -5.43
C GLY A 462 0.38 5.54 -5.56
N LEU A 463 1.12 5.67 -4.46
CA LEU A 463 2.37 6.40 -4.49
C LEU A 463 3.50 5.57 -5.05
N LEU A 464 3.48 4.27 -4.83
CA LEU A 464 4.56 3.40 -5.25
C LEU A 464 4.44 2.96 -6.69
N ALA A 465 3.52 3.56 -7.45
CA ALA A 465 3.45 3.35 -8.88
C ALA A 465 3.74 4.62 -9.65
N VAL A 466 4.01 5.72 -8.95
CA VAL A 466 4.48 6.97 -9.56
C VAL A 466 5.84 6.73 -10.20
N PRO A 467 6.03 7.08 -11.48
CA PRO A 467 7.27 6.69 -12.18
C PRO A 467 8.53 7.40 -11.73
N GLU A 468 8.47 8.31 -10.76
CA GLU A 468 9.66 8.85 -10.15
C GLU A 468 10.02 8.19 -8.84
N VAL A 469 9.05 7.57 -8.17
CA VAL A 469 9.28 6.75 -6.98
C VAL A 469 9.50 5.29 -7.35
N ALA A 470 8.80 4.84 -8.39
CA ALA A 470 8.93 3.43 -8.84
C ALA A 470 10.39 3.18 -9.22
N ASP A 471 11.02 4.14 -9.91
CA ASP A 471 12.45 4.04 -10.30
C ASP A 471 13.29 4.03 -9.00
N LEU A 472 12.92 4.87 -8.04
CA LEU A 472 13.60 4.95 -6.72
C LEU A 472 13.36 3.66 -5.92
N VAL A 473 12.19 3.03 -6.08
CA VAL A 473 12.00 1.70 -5.41
C VAL A 473 12.86 0.63 -6.10
N ALA A 474 12.88 0.62 -7.43
CA ALA A 474 13.57 -0.39 -8.27
C ALA A 474 15.10 -0.44 -8.15
N MET A 475 15.81 0.68 -8.13
CA MET A 475 17.31 0.64 -8.12
C MET A 475 17.84 0.56 -6.69
N LEU A 476 16.93 0.44 -5.74
CA LEU A 476 17.25 0.40 -4.28
C LEU A 476 17.30 -1.08 -3.95
N ARG A 477 16.34 -1.82 -4.51
CA ARG A 477 16.16 -3.29 -4.42
C ARG A 477 17.35 -3.98 -5.11
N LEU A 478 17.78 -3.47 -6.25
CA LEU A 478 18.90 -4.07 -6.96
C LEU A 478 20.19 -3.95 -6.18
N ILE A 479 20.26 -3.04 -5.22
CA ILE A 479 21.43 -2.94 -4.35
C ILE A 479 21.39 -4.01 -3.25
N ALA A 480 20.21 -4.28 -2.69
CA ALA A 480 20.12 -5.23 -1.58
C ALA A 480 20.25 -6.67 -2.05
N ASP A 481 19.33 -7.15 -2.89
CA ASP A 481 19.41 -8.52 -3.38
C ASP A 481 19.53 -8.57 -4.90
N PRO A 482 20.59 -9.15 -5.42
CA PRO A 482 20.68 -9.31 -6.87
C PRO A 482 20.00 -10.57 -7.40
N THR A 483 18.84 -10.94 -6.87
CA THR A 483 18.02 -11.98 -7.49
C THR A 483 16.68 -11.44 -7.91
N ALA A 484 16.36 -10.21 -7.55
CA ALA A 484 15.15 -9.54 -8.01
C ALA A 484 15.42 -9.11 -9.43
N GLY A 485 15.14 -10.01 -10.38
CA GLY A 485 15.32 -9.70 -11.77
C GLY A 485 14.26 -8.80 -12.36
N SER A 486 13.07 -8.77 -11.77
CA SER A 486 12.01 -7.94 -12.33
C SER A 486 12.25 -6.46 -12.09
N ALA A 487 13.17 -6.12 -11.20
CA ALA A 487 13.69 -4.78 -11.05
C ALA A 487 15.09 -4.63 -11.63
N VAL A 488 15.43 -5.43 -12.63
CA VAL A 488 16.63 -5.23 -13.42
C VAL A 488 16.14 -4.81 -14.80
N MET A 489 15.02 -5.37 -15.22
CA MET A 489 14.41 -4.96 -16.47
C MET A 489 13.59 -3.69 -16.34
N ARG A 490 13.40 -3.18 -15.13
CA ARG A 490 12.91 -1.83 -14.96
C ARG A 490 14.00 -0.81 -15.26
N ILE A 491 15.25 -1.19 -15.06
CA ILE A 491 16.38 -0.28 -15.13
C ILE A 491 17.12 -0.38 -16.46
N LEU A 492 17.33 -1.60 -16.97
CA LEU A 492 17.99 -1.75 -18.25
C LEU A 492 17.13 -1.34 -19.42
N THR A 493 15.81 -1.27 -19.25
CA THR A 493 14.94 -0.84 -20.32
C THR A 493 14.40 0.55 -20.09
N GLY A 494 14.81 1.22 -19.02
CA GLY A 494 14.27 2.52 -18.67
C GLY A 494 14.85 3.62 -19.53
N PRO A 495 14.42 4.85 -19.24
CA PRO A 495 14.81 5.97 -20.11
C PRO A 495 16.27 6.37 -20.02
N ARG A 496 16.89 6.23 -18.86
CA ARG A 496 18.34 6.27 -18.79
C ARG A 496 18.86 4.92 -19.23
N TRP A 497 20.01 4.91 -19.93
CA TRP A 497 20.64 3.76 -20.59
C TRP A 497 19.67 2.79 -21.26
N ARG A 498 18.95 3.27 -22.29
CA ARG A 498 18.08 2.40 -23.06
C ARG A 498 18.87 1.29 -23.73
N PHE A 499 18.68 0.06 -23.29
CA PHE A 499 19.25 -1.10 -23.95
C PHE A 499 18.31 -1.60 -25.03
N GLY A 500 18.89 -2.23 -26.04
CA GLY A 500 18.13 -2.91 -27.05
C GLY A 500 18.02 -4.39 -26.74
N ALA A 501 17.25 -5.09 -27.55
CA ALA A 501 16.99 -6.50 -27.30
C ALA A 501 18.19 -7.39 -27.59
N ARG A 502 19.22 -6.90 -28.26
CA ARG A 502 20.38 -7.75 -28.51
C ARG A 502 21.34 -7.73 -27.33
N ASP A 503 21.41 -6.63 -26.60
CA ASP A 503 22.31 -6.55 -25.45
C ASP A 503 21.72 -7.14 -24.18
N ILE A 504 20.39 -7.13 -24.04
CA ILE A 504 19.75 -7.83 -22.94
C ILE A 504 19.98 -9.33 -23.06
N ALA A 505 19.83 -9.85 -24.27
CA ALA A 505 20.04 -11.27 -24.53
C ALA A 505 21.50 -11.67 -24.56
N ALA A 506 22.43 -10.71 -24.65
CA ALA A 506 23.84 -11.02 -24.53
C ALA A 506 24.30 -11.04 -23.09
N LEU A 507 23.57 -10.40 -22.18
CA LEU A 507 23.86 -10.43 -20.75
C LEU A 507 23.31 -11.67 -20.07
N TRP A 508 22.25 -12.26 -20.60
CA TRP A 508 21.76 -13.52 -20.03
C TRP A 508 22.71 -14.65 -20.36
N ARG A 509 23.30 -14.64 -21.54
CA ARG A 509 24.18 -15.73 -21.94
C ARG A 509 25.50 -15.69 -21.19
N ARG A 510 25.91 -14.51 -20.72
CA ARG A 510 27.01 -14.45 -19.78
C ARG A 510 26.56 -14.87 -18.38
N ALA A 511 25.32 -14.60 -18.02
CA ALA A 511 24.80 -14.92 -16.70
C ALA A 511 24.49 -16.40 -16.53
N VAL A 512 24.56 -17.19 -17.59
CA VAL A 512 24.49 -18.64 -17.47
C VAL A 512 25.89 -19.24 -17.36
N GLU A 513 26.88 -18.62 -18.02
CA GLU A 513 28.26 -19.10 -17.97
C GLU A 513 28.88 -18.96 -16.58
N LEU A 514 28.33 -18.11 -15.72
CA LEU A 514 28.80 -17.97 -14.36
C LEU A 514 28.06 -18.88 -13.39
N ASP A 515 27.58 -20.00 -13.86
CA ASP A 515 26.76 -20.89 -13.06
C ASP A 515 27.01 -22.35 -13.40
N LEU A 522 17.33 -34.24 -10.95
CA LEU A 522 18.17 -35.43 -10.85
C LEU A 522 18.03 -36.09 -9.48
N GLY A 523 16.90 -36.73 -9.24
CA GLY A 523 16.73 -37.36 -7.94
C GLY A 523 16.05 -36.44 -6.95
N THR A 524 15.33 -37.03 -5.99
CA THR A 524 14.56 -36.22 -5.01
C THR A 524 15.48 -35.32 -4.18
N ALA A 525 16.60 -35.86 -3.70
CA ALA A 525 17.52 -35.06 -2.86
C ALA A 525 18.07 -33.90 -3.70
N ASP A 526 18.48 -34.18 -4.94
CA ASP A 526 19.06 -33.15 -5.84
C ASP A 526 18.01 -32.08 -6.13
N ILE A 527 16.76 -32.51 -6.37
CA ILE A 527 15.64 -31.57 -6.68
C ILE A 527 15.38 -30.66 -5.48
N VAL A 528 15.44 -31.21 -4.25
CA VAL A 528 15.16 -30.37 -3.05
C VAL A 528 16.42 -29.63 -2.58
N ALA A 529 17.57 -29.91 -3.20
CA ALA A 529 18.83 -29.23 -2.79
C ALA A 529 18.64 -27.73 -3.02
N GLN A 530 18.03 -27.38 -4.17
CA GLN A 530 17.72 -26.00 -4.48
C GLN A 530 16.41 -25.66 -3.78
N ALA A 531 15.82 -24.51 -4.13
CA ALA A 531 14.78 -23.84 -3.34
C ALA A 531 15.22 -23.71 -1.88
N ALA A 532 16.43 -23.24 -1.71
CA ALA A 532 17.04 -22.92 -0.43
C ALA A 532 17.19 -21.42 -0.32
N PRO A 533 17.53 -20.90 0.85
CA PRO A 533 17.94 -19.50 0.91
C PRO A 533 19.42 -19.29 0.61
N ASP A 534 20.09 -20.30 0.05
CA ASP A 534 21.49 -20.21 -0.32
C ASP A 534 21.79 -20.63 -1.75
N ALA A 535 20.86 -21.28 -2.44
CA ALA A 535 21.17 -21.88 -3.73
C ALA A 535 21.31 -20.83 -4.81
N ASP A 536 22.09 -21.16 -5.83
CA ASP A 536 22.48 -20.21 -6.86
C ASP A 536 21.66 -20.45 -8.11
N THR A 537 21.12 -19.36 -8.69
CA THR A 537 20.08 -19.48 -9.69
C THR A 537 20.39 -18.84 -11.03
N ALA A 538 21.63 -18.39 -11.29
CA ALA A 538 22.06 -17.80 -12.55
C ALA A 538 21.23 -16.56 -12.90
N CYS A 539 21.40 -15.54 -12.08
CA CYS A 539 20.72 -14.27 -12.21
C CYS A 539 21.56 -13.30 -13.04
N VAL A 540 20.91 -12.26 -13.56
CA VAL A 540 21.59 -11.32 -14.47
C VAL A 540 22.55 -10.43 -13.70
N ALA A 541 22.16 -10.01 -12.50
CA ALA A 541 22.81 -8.90 -11.81
C ALA A 541 24.21 -9.21 -11.30
N ASP A 542 24.69 -10.45 -11.42
CA ASP A 542 26.12 -10.72 -11.23
C ASP A 542 26.80 -11.03 -12.56
N ALA A 543 26.27 -10.50 -13.65
CA ALA A 543 26.99 -10.40 -14.91
C ALA A 543 27.21 -8.96 -15.29
N ILE A 544 26.67 -8.01 -14.54
CA ILE A 544 27.03 -6.61 -14.70
C ILE A 544 28.29 -6.30 -13.94
N CYS A 545 28.49 -6.96 -12.80
CA CYS A 545 29.71 -6.82 -12.03
C CYS A 545 30.83 -7.74 -12.52
N ASP A 546 30.62 -8.44 -13.63
CA ASP A 546 31.61 -9.33 -14.24
C ASP A 546 31.29 -9.49 -15.72
N PRO A 547 31.37 -8.44 -16.54
CA PRO A 547 30.74 -8.49 -17.87
C PRO A 547 31.50 -9.29 -18.91
N GLY A 548 32.74 -9.70 -18.62
CA GLY A 548 33.51 -10.44 -19.61
C GLY A 548 34.27 -9.52 -20.53
N ASP A 549 34.35 -9.88 -21.81
CA ASP A 549 35.04 -9.06 -22.81
C ASP A 549 34.05 -8.52 -23.82
N ALA A 550 34.42 -7.40 -24.43
CA ALA A 550 33.49 -6.57 -25.20
C ALA A 550 33.17 -7.11 -26.59
N GLU A 551 33.57 -8.34 -26.89
CA GLU A 551 33.24 -8.96 -28.16
C GLU A 551 31.84 -9.53 -28.19
N ARG A 552 31.12 -9.52 -27.07
CA ARG A 552 29.78 -10.05 -27.01
C ARG A 552 28.71 -8.98 -27.11
N TYR A 553 29.09 -7.71 -26.95
CA TYR A 553 28.13 -6.63 -26.79
C TYR A 553 28.33 -5.61 -27.91
N SER A 554 27.36 -4.72 -28.05
CA SER A 554 27.53 -3.60 -28.94
C SER A 554 28.55 -2.63 -28.37
N PRO A 555 29.32 -1.94 -29.21
CA PRO A 555 30.41 -1.09 -28.69
C PRO A 555 29.94 0.12 -27.92
N ALA A 556 28.73 0.60 -28.16
CA ALA A 556 28.16 1.66 -27.32
C ALA A 556 27.50 1.10 -26.09
N GLY A 557 27.12 -0.17 -26.11
CA GLY A 557 26.49 -0.82 -24.97
C GLY A 557 27.46 -1.49 -24.03
N TYR A 558 28.75 -1.46 -24.32
CA TYR A 558 29.74 -1.93 -23.36
C TYR A 558 30.21 -0.83 -22.43
N GLU A 559 30.16 0.42 -22.89
CA GLU A 559 30.49 1.53 -22.02
C GLU A 559 29.43 1.72 -20.94
N ARG A 560 28.20 1.26 -21.20
CA ARG A 560 27.12 1.41 -20.24
C ARG A 560 27.10 0.30 -19.20
N ILE A 561 27.59 -0.89 -19.56
CA ILE A 561 27.67 -1.97 -18.58
C ILE A 561 28.80 -1.70 -17.58
N VAL A 562 29.89 -1.08 -18.05
CA VAL A 562 30.96 -0.66 -17.15
C VAL A 562 30.52 0.51 -16.29
N ALA A 563 29.68 1.39 -16.84
CA ALA A 563 29.21 2.53 -16.06
C ALA A 563 28.23 2.12 -14.97
N LEU A 564 27.24 1.28 -15.31
CA LEU A 564 26.29 0.80 -14.32
C LEU A 564 26.93 -0.17 -13.35
N GLY A 565 28.05 -0.80 -13.71
CA GLY A 565 28.77 -1.63 -12.76
C GLY A 565 29.67 -0.82 -11.85
N ARG A 566 30.12 0.35 -12.29
CA ARG A 566 30.92 1.21 -11.43
C ARG A 566 30.03 2.05 -10.52
N GLU A 567 28.80 2.30 -10.94
CA GLU A 567 27.86 3.07 -10.12
C GLU A 567 27.30 2.24 -8.98
N LEU A 568 27.04 0.95 -9.20
CA LEU A 568 26.48 0.11 -8.16
C LEU A 568 27.49 -0.23 -7.09
N THR A 569 28.77 -0.35 -7.43
CA THR A 569 29.78 -0.66 -6.44
C THR A 569 30.07 0.55 -5.55
N MET A 570 29.84 1.76 -6.06
CA MET A 570 29.83 2.95 -5.21
C MET A 570 28.70 2.89 -4.20
N LEU A 571 27.50 2.48 -4.64
CA LEU A 571 26.32 2.54 -3.78
C LEU A 571 26.23 1.35 -2.83
N ARG A 572 26.77 0.19 -3.21
CA ARG A 572 26.68 -0.98 -2.35
C ARG A 572 27.59 -0.89 -1.13
N ALA A 573 28.57 0.02 -1.15
CA ALA A 573 29.38 0.27 0.03
C ALA A 573 28.69 1.18 1.04
N HIS A 574 27.50 1.68 0.74
CA HIS A 574 26.74 2.52 1.65
C HIS A 574 25.64 1.78 2.40
N LEU A 575 25.74 0.46 2.54
CA LEU A 575 24.73 -0.25 3.31
C LEU A 575 25.05 -0.23 4.81
N GLY A 576 26.17 0.36 5.19
CA GLY A 576 26.44 0.56 6.61
C GLY A 576 25.90 1.88 7.12
N HIS A 577 25.65 2.81 6.20
CA HIS A 577 25.05 4.09 6.51
C HIS A 577 23.59 3.90 6.96
N PRO A 578 22.97 4.97 7.54
CA PRO A 578 21.59 4.90 8.00
C PRO A 578 20.68 4.71 6.77
N LEU A 579 19.46 4.18 7.00
CA LEU A 579 18.51 3.88 5.90
C LEU A 579 18.17 5.15 5.12
N PRO A 580 17.91 6.31 5.78
CA PRO A 580 17.58 7.55 5.07
C PRO A 580 18.68 8.08 4.14
N GLU A 581 19.95 7.94 4.54
CA GLU A 581 21.06 8.50 3.78
C GLU A 581 21.47 7.65 2.59
N LEU A 582 21.06 6.38 2.52
CA LEU A 582 21.00 5.70 1.24
C LEU A 582 20.01 6.37 0.31
N VAL A 583 18.77 6.52 0.78
CA VAL A 583 17.67 7.00 -0.06
C VAL A 583 17.92 8.44 -0.51
N ALA A 584 18.67 9.21 0.28
CA ALA A 584 19.09 10.52 -0.16
C ALA A 584 20.33 10.49 -1.04
N GLU A 585 21.03 9.36 -1.11
CA GLU A 585 22.20 9.27 -2.00
C GLU A 585 21.90 8.50 -3.27
N VAL A 586 20.91 7.60 -3.25
CA VAL A 586 20.44 7.00 -4.50
C VAL A 586 19.71 8.06 -5.31
N ARG A 587 19.07 9.00 -4.62
CA ARG A 587 18.33 10.08 -5.28
C ARG A 587 19.28 11.07 -5.95
N ARG A 588 20.48 11.24 -5.41
CA ARG A 588 21.43 12.18 -5.98
C ARG A 588 22.14 11.58 -7.18
N VAL A 589 22.52 10.31 -7.09
CA VAL A 589 23.28 9.64 -8.15
C VAL A 589 22.41 9.39 -9.36
N LEU A 590 21.17 8.94 -9.15
CA LEU A 590 20.15 8.97 -10.17
C LEU A 590 19.87 10.42 -10.58
N GLY A 591 19.27 10.59 -11.74
CA GLY A 591 18.97 11.93 -12.20
C GLY A 591 17.67 12.47 -11.67
N LEU A 592 17.28 12.08 -10.47
CA LEU A 592 16.01 12.48 -9.92
C LEU A 592 16.14 13.86 -9.30
N ASP A 593 14.99 14.54 -9.17
CA ASP A 593 14.79 15.92 -8.72
C ASP A 593 15.50 16.94 -9.60
N ALA A 594 15.92 16.58 -10.80
CA ALA A 594 16.34 17.53 -11.81
C ALA A 594 15.64 17.17 -13.09
N GLU A 595 15.35 15.88 -13.27
CA GLU A 595 14.58 15.43 -14.42
C GLU A 595 13.11 15.34 -14.09
N ALA A 596 12.78 15.34 -12.79
CA ALA A 596 11.38 15.37 -12.39
C ALA A 596 10.79 16.77 -12.48
N ARG A 597 11.63 17.80 -12.41
CA ARG A 597 11.19 19.19 -12.54
C ARG A 597 11.13 19.63 -13.99
N ALA A 598 11.81 18.94 -14.90
CA ALA A 598 11.83 19.29 -16.30
C ALA A 598 10.72 18.63 -17.10
N ALA A 599 9.86 17.86 -16.44
CA ALA A 599 8.73 17.22 -17.10
C ALA A 599 7.41 17.83 -16.69
N ARG A 600 7.44 18.95 -16.00
CA ARG A 600 6.28 19.69 -15.61
C ARG A 600 6.11 20.90 -16.51
N PRO A 601 4.87 21.33 -16.81
CA PRO A 601 4.67 22.46 -17.71
C PRO A 601 5.13 23.78 -17.12
N VAL A 602 5.03 24.82 -17.94
CA VAL A 602 5.61 26.11 -17.58
C VAL A 602 4.78 26.81 -16.53
N ALA A 603 3.45 26.80 -16.70
CA ALA A 603 2.56 27.50 -15.79
C ALA A 603 2.36 26.79 -14.46
N ALA A 604 2.93 25.60 -14.27
CA ALA A 604 2.80 24.90 -13.00
C ALA A 604 3.63 25.54 -11.90
N GLY A 605 4.68 26.27 -12.26
CA GLY A 605 5.52 26.91 -11.26
C GLY A 605 6.86 26.23 -11.13
N TRP A 606 7.39 26.20 -9.92
CA TRP A 606 8.63 25.50 -9.61
C TRP A 606 8.40 24.10 -9.07
N ALA A 607 7.16 23.63 -9.10
CA ALA A 607 6.76 22.43 -8.37
C ALA A 607 7.12 21.19 -9.18
N GLY A 608 8.08 20.42 -8.69
CA GLY A 608 8.35 19.14 -9.30
C GLY A 608 8.46 17.95 -8.37
N THR A 609 8.73 18.18 -7.08
CA THR A 609 9.10 17.08 -6.21
C THR A 609 8.14 16.90 -5.03
N GLU A 610 6.83 16.87 -5.27
CA GLU A 610 5.92 16.66 -4.15
C GLU A 610 6.00 15.24 -3.61
N ASN A 611 5.63 14.25 -4.42
CA ASN A 611 5.51 12.89 -3.93
C ASN A 611 6.80 12.10 -4.06
N LEU A 612 7.87 12.74 -4.52
CA LEU A 612 9.21 12.19 -4.37
C LEU A 612 9.85 12.67 -3.08
N ASP A 613 9.21 13.62 -2.40
CA ASP A 613 9.59 14.05 -1.06
C ASP A 613 8.59 13.54 -0.02
N ARG A 614 7.39 13.14 -0.46
CA ARG A 614 6.50 12.38 0.42
C ARG A 614 7.09 11.00 0.72
N PHE A 615 7.75 10.41 -0.27
CA PHE A 615 8.39 9.10 -0.06
C PHE A 615 9.55 9.21 0.91
N SER A 616 10.36 10.25 0.80
CA SER A 616 11.59 10.32 1.59
C SER A 616 11.36 10.79 3.01
N ASP A 617 10.11 11.03 3.42
CA ASP A 617 9.76 11.22 4.82
C ASP A 617 9.05 10.02 5.40
N LEU A 618 8.55 9.12 4.56
CA LEU A 618 8.01 7.85 4.98
C LEU A 618 9.10 6.82 5.22
N VAL A 619 10.24 6.97 4.57
CA VAL A 619 11.39 6.13 4.83
C VAL A 619 12.08 6.51 6.14
N SER A 620 12.09 7.79 6.49
CA SER A 620 12.67 8.23 7.75
C SER A 620 11.73 8.10 8.93
N ASP A 621 10.41 8.13 8.70
CA ASP A 621 9.46 7.83 9.77
C ASP A 621 9.36 6.34 10.01
N PHE A 622 9.75 5.54 9.02
CA PHE A 622 9.90 4.11 9.22
C PHE A 622 11.01 3.80 10.21
N ALA A 623 12.21 4.31 9.95
CA ALA A 623 13.33 4.11 10.85
C ALA A 623 13.17 4.94 12.12
N GLY A 627 15.38 -0.32 11.42
CA GLY A 627 15.39 -0.36 9.98
C GLY A 627 16.66 -0.97 9.42
N ALA A 628 16.54 -1.72 8.32
CA ALA A 628 17.68 -2.48 7.81
C ALA A 628 17.87 -2.39 6.30
N SER A 629 16.94 -1.80 5.56
CA SER A 629 16.96 -1.54 4.11
C SER A 629 16.94 -2.80 3.26
N VAL A 630 16.87 -3.99 3.86
CA VAL A 630 16.90 -5.23 3.10
C VAL A 630 15.66 -6.05 3.42
N SER A 631 15.52 -6.43 4.69
CA SER A 631 14.27 -7.01 5.14
C SER A 631 13.30 -5.91 5.52
N ALA A 632 13.69 -5.04 6.45
CA ALA A 632 12.97 -3.81 6.65
C ALA A 632 13.12 -2.93 5.41
N LEU A 633 12.06 -2.17 5.12
CA LEU A 633 11.90 -1.17 4.06
C LEU A 633 11.77 -1.80 2.68
N LEU A 634 12.07 -3.07 2.50
CA LEU A 634 11.77 -3.70 1.24
C LEU A 634 10.71 -4.78 1.36
N ALA A 635 10.58 -5.43 2.50
CA ALA A 635 9.41 -6.24 2.77
C ALA A 635 8.32 -5.45 3.48
N TYR A 636 8.54 -4.17 3.71
CA TYR A 636 7.48 -3.25 4.10
C TYR A 636 6.85 -2.58 2.90
N LEU A 637 7.63 -2.26 1.88
CA LEU A 637 7.10 -1.70 0.65
C LEU A 637 6.49 -2.75 -0.25
N ASP A 638 6.48 -4.02 0.13
CA ASP A 638 5.79 -5.03 -0.63
C ASP A 638 4.45 -5.42 -0.04
N ALA A 639 4.31 -5.32 1.28
CA ALA A 639 3.00 -5.47 1.90
C ALA A 639 2.12 -4.27 1.58
N ALA A 640 2.69 -3.07 1.56
CA ALA A 640 1.93 -1.85 1.33
C ALA A 640 1.54 -1.65 -0.12
N VAL A 641 1.92 -2.54 -1.05
CA VAL A 641 1.34 -2.53 -2.38
C VAL A 641 0.10 -3.42 -2.41
N GLU A 642 0.11 -4.50 -1.63
CA GLU A 642 -1.02 -5.39 -1.48
C GLU A 642 -2.11 -4.81 -0.58
N VAL A 643 -1.72 -4.39 0.63
CA VAL A 643 -2.69 -4.20 1.70
C VAL A 643 -3.46 -2.91 1.53
N GLU A 644 -2.77 -1.80 1.31
CA GLU A 644 -3.47 -0.53 1.14
C GLU A 644 -3.23 0.16 -0.19
N ASN A 645 -3.07 -0.61 -1.27
CA ASN A 645 -3.16 -0.14 -2.65
C ASN A 645 -2.15 0.95 -2.96
N GLY A 646 -0.87 0.63 -2.89
CA GLY A 646 0.15 1.64 -2.85
C GLY A 646 0.10 2.41 -1.55
N LEU A 647 0.63 3.62 -1.58
CA LEU A 647 0.45 4.50 -0.44
C LEU A 647 -0.28 5.76 -0.89
N ALA A 648 -0.37 6.72 0.01
CA ALA A 648 -1.15 7.91 -0.30
C ALA A 648 -0.27 8.98 -0.93
N PRO A 649 -0.53 9.37 -2.18
CA PRO A 649 0.32 10.36 -2.84
C PRO A 649 0.04 11.77 -2.36
N ALA A 650 0.72 12.72 -2.98
CA ALA A 650 0.57 14.13 -2.61
C ALA A 650 -0.16 14.93 -3.68
N GLN A 660 -14.33 15.35 -13.82
CA GLN A 660 -13.95 14.44 -12.74
C GLN A 660 -14.56 13.05 -12.98
N ILE A 661 -13.82 11.98 -12.69
CA ILE A 661 -14.37 10.63 -12.85
C ILE A 661 -14.26 9.94 -11.50
N LEU A 662 -14.51 10.67 -10.41
CA LEU A 662 -14.47 10.07 -9.09
C LEU A 662 -15.68 9.15 -8.88
N THR A 663 -15.52 8.18 -7.97
CA THR A 663 -16.53 7.16 -7.76
C THR A 663 -17.73 7.72 -6.97
N VAL A 664 -18.74 6.87 -6.78
CA VAL A 664 -19.98 7.32 -6.16
C VAL A 664 -19.86 7.42 -4.64
N HIS A 665 -18.95 6.64 -4.03
CA HIS A 665 -18.69 6.82 -2.60
C HIS A 665 -17.82 8.04 -2.37
N ALA A 666 -16.97 8.33 -3.35
CA ALA A 666 -15.98 9.43 -3.27
C ALA A 666 -16.67 10.79 -3.10
N ALA A 667 -17.74 11.05 -3.86
CA ALA A 667 -18.43 12.35 -3.71
C ALA A 667 -19.80 12.13 -3.04
N LYS A 668 -19.93 12.56 -1.78
CA LYS A 668 -21.22 12.43 -1.05
C LYS A 668 -21.73 13.83 -0.68
N GLY A 669 -20.81 14.80 -0.60
CA GLY A 669 -21.15 16.19 -0.25
C GLY A 669 -20.86 17.17 -1.38
N LEU A 670 -20.55 16.66 -2.57
CA LEU A 670 -20.19 17.54 -3.71
C LEU A 670 -21.32 17.59 -4.75
N GLU A 671 -21.75 18.80 -5.12
CA GLU A 671 -22.82 19.01 -6.12
C GLU A 671 -22.22 19.73 -7.33
N TRP A 672 -22.48 19.21 -8.54
CA TRP A 672 -21.97 19.77 -9.77
C TRP A 672 -23.12 20.39 -10.55
N GLN A 673 -22.88 20.61 -11.84
CA GLN A 673 -23.98 20.90 -12.74
C GLN A 673 -24.36 19.66 -13.52
N VAL A 674 -23.44 19.12 -14.31
CA VAL A 674 -23.71 17.96 -15.14
C VAL A 674 -23.19 16.73 -14.41
N VAL A 675 -24.10 15.82 -14.07
CA VAL A 675 -23.77 14.59 -13.36
C VAL A 675 -24.25 13.40 -14.19
N ALA A 676 -23.34 12.49 -14.49
CA ALA A 676 -23.67 11.33 -15.30
C ALA A 676 -23.42 10.05 -14.49
N VAL A 677 -24.42 9.19 -14.43
CA VAL A 677 -24.30 7.87 -13.81
C VAL A 677 -24.32 6.85 -14.94
N PRO A 678 -23.17 6.46 -15.49
CA PRO A 678 -23.19 5.86 -16.83
C PRO A 678 -23.56 4.39 -16.90
N HIS A 679 -23.18 3.58 -15.92
CA HIS A 679 -23.30 2.13 -16.04
C HIS A 679 -24.37 1.62 -15.10
N LEU A 680 -25.57 1.38 -15.63
CA LEU A 680 -26.66 0.78 -14.87
C LEU A 680 -27.05 -0.58 -15.45
N SER A 681 -26.09 -1.43 -15.79
CA SER A 681 -26.43 -2.76 -16.25
C SER A 681 -26.61 -3.71 -15.07
N ALA A 682 -27.08 -4.91 -15.37
CA ALA A 682 -27.22 -5.94 -14.36
C ALA A 682 -25.85 -6.44 -13.92
N ARG A 683 -25.77 -6.86 -12.65
CA ARG A 683 -24.52 -7.40 -12.07
C ARG A 683 -23.51 -6.26 -11.92
N VAL A 684 -23.96 -5.02 -12.12
CA VAL A 684 -23.02 -3.86 -12.02
C VAL A 684 -23.51 -2.85 -10.97
N PHE A 685 -24.54 -2.04 -11.26
CA PHE A 685 -24.94 -1.06 -10.22
C PHE A 685 -25.53 -1.76 -9.00
N PRO A 686 -26.49 -2.71 -9.10
CA PRO A 686 -26.92 -3.45 -7.90
C PRO A 686 -25.82 -4.28 -7.28
N SER A 687 -24.86 -4.77 -8.09
CA SER A 687 -23.60 -5.39 -7.64
C SER A 687 -23.82 -6.63 -6.78
N THR A 688 -24.41 -7.65 -7.38
CA THR A 688 -24.54 -8.93 -6.68
C THR A 688 -23.62 -9.96 -7.32
N ALA A 691 -21.26 -11.50 -2.17
CA ALA A 691 -22.47 -11.68 -1.38
C ALA A 691 -22.40 -12.95 -0.54
N ARG A 692 -21.74 -12.85 0.61
CA ARG A 692 -21.49 -14.00 1.48
C ARG A 692 -22.07 -13.71 2.85
N THR A 693 -23.10 -14.47 3.21
CA THR A 693 -23.83 -14.28 4.46
C THR A 693 -23.05 -14.83 5.64
N TRP A 694 -23.63 -14.76 6.83
CA TRP A 694 -22.97 -15.28 8.02
C TRP A 694 -22.86 -16.80 8.03
N LEU A 695 -23.66 -17.48 7.21
CA LEU A 695 -23.72 -18.93 7.21
C LEU A 695 -22.92 -19.56 6.09
N THR A 696 -22.17 -18.78 5.31
CA THR A 696 -21.33 -19.36 4.28
C THR A 696 -19.89 -18.87 4.31
N ASP A 697 -19.49 -18.01 5.23
CA ASP A 697 -18.08 -17.80 5.51
C ASP A 697 -17.86 -17.58 7.00
N ALA A 698 -16.60 -17.75 7.41
CA ALA A 698 -16.12 -17.71 8.82
C ALA A 698 -16.21 -16.34 9.52
N SER A 699 -15.72 -15.30 8.84
CA SER A 699 -15.58 -13.91 9.38
C SER A 699 -16.92 -13.23 9.70
N ASP A 700 -17.96 -13.42 8.89
CA ASP A 700 -19.24 -12.73 9.18
C ASP A 700 -19.73 -13.18 10.56
N LEU A 701 -20.13 -12.22 11.41
CA LEU A 701 -20.61 -12.53 12.79
C LEU A 701 -22.07 -12.98 12.74
N PRO A 702 -22.47 -14.08 13.41
CA PRO A 702 -23.87 -14.55 13.37
C PRO A 702 -24.75 -13.46 14.00
N PRO A 703 -25.94 -13.13 13.44
CA PRO A 703 -26.77 -12.05 13.97
C PRO A 703 -27.41 -12.32 15.32
N LEU A 704 -27.14 -13.46 15.96
CA LEU A 704 -27.48 -13.64 17.36
C LEU A 704 -26.64 -12.73 18.25
N LEU A 705 -25.51 -12.26 17.73
CA LEU A 705 -24.44 -11.82 18.60
C LEU A 705 -24.08 -10.37 18.33
N ARG A 706 -24.71 -9.75 17.34
CA ARG A 706 -24.43 -8.36 17.03
C ARG A 706 -25.50 -7.45 17.61
N GLY A 707 -25.11 -6.19 17.84
CA GLY A 707 -25.94 -5.22 18.52
C GLY A 707 -26.91 -4.45 17.66
N ASP A 708 -27.27 -4.98 16.50
CA ASP A 708 -28.29 -4.40 15.64
C ASP A 708 -29.53 -5.26 15.56
N ARG A 709 -29.56 -6.37 16.29
CA ARG A 709 -30.57 -7.40 16.12
C ARG A 709 -31.95 -6.91 16.56
N ALA A 710 -32.98 -7.56 16.02
CA ALA A 710 -34.35 -7.16 16.24
C ALA A 710 -34.82 -7.50 17.65
N GLY A 716 -34.00 -4.66 12.60
CA GLY A 716 -33.29 -5.13 11.44
C GLY A 716 -32.49 -6.38 11.74
N VAL A 717 -31.69 -6.81 10.76
CA VAL A 717 -30.86 -8.03 10.70
C VAL A 717 -31.59 -9.23 11.30
N PRO A 718 -32.52 -9.82 10.56
CA PRO A 718 -33.41 -10.83 11.12
C PRO A 718 -32.72 -12.09 11.60
N VAL A 719 -32.78 -12.37 12.89
CA VAL A 719 -32.17 -13.57 13.44
C VAL A 719 -33.18 -14.71 13.35
N LEU A 720 -32.72 -15.88 12.90
CA LEU A 720 -33.64 -16.97 12.59
C LEU A 720 -34.12 -17.63 13.88
N ASP A 721 -35.25 -18.34 13.79
CA ASP A 721 -35.93 -18.83 14.97
C ASP A 721 -35.32 -20.12 15.50
N THR A 722 -35.36 -21.19 14.69
CA THR A 722 -34.91 -22.54 15.02
C THR A 722 -35.51 -23.07 16.32
N SER A 723 -36.79 -22.79 16.57
CA SER A 723 -37.49 -23.31 17.72
C SER A 723 -38.59 -24.29 17.35
N ASP A 724 -39.39 -23.96 16.34
CA ASP A 724 -40.42 -24.86 15.82
C ASP A 724 -39.87 -25.83 14.79
N ILE A 725 -38.56 -25.86 14.57
CA ILE A 725 -37.94 -26.72 13.58
C ILE A 725 -37.81 -28.11 14.17
N TYR A 726 -38.86 -28.92 13.98
CA TYR A 726 -38.87 -30.30 14.46
C TYR A 726 -38.64 -31.29 13.33
N ASP A 727 -38.02 -30.86 12.24
CA ASP A 727 -37.90 -31.66 11.03
C ASP A 727 -36.54 -31.33 10.42
N ARG A 728 -36.27 -31.85 9.21
CA ARG A 728 -35.06 -31.48 8.48
C ARG A 728 -35.37 -30.83 7.14
N LYS A 729 -36.55 -31.04 6.55
CA LYS A 729 -36.95 -30.23 5.42
C LYS A 729 -37.45 -28.86 5.84
N ILE A 730 -37.86 -28.71 7.10
CA ILE A 730 -38.15 -27.39 7.64
C ILE A 730 -36.87 -26.59 7.78
N LEU A 731 -35.79 -27.24 8.25
CA LEU A 731 -34.53 -26.56 8.47
C LEU A 731 -33.88 -26.11 7.17
N SER A 732 -34.13 -26.81 6.06
CA SER A 732 -33.70 -26.34 4.77
C SER A 732 -34.72 -25.41 4.12
N ASP A 733 -35.71 -24.93 4.89
CA ASP A 733 -36.70 -23.99 4.38
C ASP A 733 -36.78 -22.80 5.32
N LYS A 734 -36.51 -23.03 6.61
CA LYS A 734 -36.42 -21.94 7.57
C LYS A 734 -35.07 -21.26 7.55
N ILE A 735 -34.13 -21.73 6.74
CA ILE A 735 -32.83 -21.12 6.55
C ILE A 735 -32.71 -20.50 5.17
N SER A 736 -33.16 -21.21 4.13
CA SER A 736 -33.14 -20.66 2.78
C SER A 736 -34.09 -19.49 2.62
N ASP A 737 -35.13 -19.40 3.46
CA ASP A 737 -35.93 -18.19 3.52
C ASP A 737 -35.22 -17.09 4.30
N HIS A 738 -34.38 -17.47 5.26
CA HIS A 738 -33.61 -16.48 6.02
C HIS A 738 -32.48 -15.89 5.19
N LYS A 739 -31.90 -16.67 4.29
CA LYS A 739 -30.84 -16.14 3.43
C LYS A 739 -31.40 -15.14 2.43
N LYS A 740 -32.60 -15.39 1.92
CA LYS A 740 -33.26 -14.45 1.03
C LYS A 740 -33.74 -13.19 1.74
N SER A 741 -33.85 -13.21 3.06
CA SER A 741 -34.13 -12.01 3.82
C SER A 741 -32.87 -11.20 4.09
N LEU A 742 -31.72 -11.87 4.21
CA LEU A 742 -30.43 -11.21 4.30
C LEU A 742 -29.89 -10.77 2.96
N ASP A 743 -30.56 -11.12 1.86
CA ASP A 743 -30.12 -10.80 0.52
C ASP A 743 -31.01 -9.77 -0.16
N GLN A 744 -32.28 -9.68 0.24
CA GLN A 744 -33.11 -8.54 -0.13
C GLN A 744 -32.68 -7.29 0.62
N ARG A 745 -32.16 -7.46 1.83
CA ARG A 745 -31.59 -6.37 2.59
C ARG A 745 -30.32 -5.82 1.95
N ARG A 746 -29.66 -6.62 1.11
CA ARG A 746 -28.53 -6.13 0.31
C ARG A 746 -29.00 -5.16 -0.75
N VAL A 747 -30.21 -5.34 -1.28
CA VAL A 747 -30.69 -4.51 -2.37
C VAL A 747 -31.19 -3.17 -1.86
N ASP A 748 -31.76 -3.13 -0.65
CA ASP A 748 -32.28 -1.88 -0.11
C ASP A 748 -31.21 -0.85 0.20
N GLU A 749 -29.93 -1.25 0.28
CA GLU A 749 -28.84 -0.29 0.35
C GLU A 749 -28.22 0.00 -1.00
N GLU A 750 -28.89 -0.37 -2.08
CA GLU A 750 -28.49 0.09 -3.39
C GLU A 750 -29.41 1.16 -3.95
N ARG A 751 -30.67 1.17 -3.53
CA ARG A 751 -31.51 2.32 -3.79
C ARG A 751 -31.01 3.55 -3.06
N ARG A 752 -30.38 3.38 -1.90
CA ARG A 752 -29.80 4.50 -1.19
C ARG A 752 -28.58 5.05 -1.89
N LEU A 753 -27.96 4.31 -2.79
CA LEU A 753 -26.97 4.90 -3.67
C LEU A 753 -27.58 5.54 -4.91
N LEU A 754 -28.84 5.28 -5.23
CA LEU A 754 -29.50 6.14 -6.20
C LEU A 754 -29.88 7.45 -5.56
N TYR A 755 -30.51 7.38 -4.38
CA TYR A 755 -31.00 8.58 -3.70
C TYR A 755 -29.88 9.49 -3.24
N VAL A 756 -28.64 9.00 -3.16
CA VAL A 756 -27.51 9.86 -2.80
C VAL A 756 -26.69 10.25 -4.03
N ALA A 757 -26.93 9.65 -5.19
CA ALA A 757 -26.24 10.04 -6.41
C ALA A 757 -27.15 10.71 -7.43
N ILE A 758 -28.46 10.74 -7.18
CA ILE A 758 -29.35 11.58 -7.97
C ILE A 758 -29.45 12.97 -7.36
N THR A 759 -29.53 13.09 -6.04
CA THR A 759 -29.71 14.39 -5.43
C THR A 759 -28.43 15.22 -5.35
N ARG A 760 -27.34 14.80 -5.97
CA ARG A 760 -26.16 15.66 -6.13
C ARG A 760 -26.19 16.36 -7.48
N ALA A 761 -27.30 17.00 -7.87
CA ALA A 761 -27.51 17.32 -9.28
C ALA A 761 -27.38 18.80 -9.62
N GLU A 762 -28.23 19.66 -9.04
CA GLU A 762 -28.26 21.12 -9.20
C GLU A 762 -28.56 21.63 -10.62
N ASP A 763 -28.70 20.72 -11.59
CA ASP A 763 -28.84 21.02 -13.02
C ASP A 763 -29.22 19.74 -13.75
N THR A 764 -29.02 19.70 -15.07
CA THR A 764 -29.29 18.52 -15.87
C THR A 764 -28.52 17.29 -15.39
N LEU A 765 -29.12 16.12 -15.60
CA LEU A 765 -28.67 14.86 -15.03
C LEU A 765 -28.72 13.78 -16.10
N LEU A 766 -27.65 13.00 -16.21
CA LEU A 766 -27.53 11.99 -17.25
C LEU A 766 -27.61 10.60 -16.64
N LEU A 767 -28.28 9.70 -17.36
CA LEU A 767 -28.52 8.34 -16.88
C LEU A 767 -28.45 7.39 -18.07
N SER A 768 -27.65 6.34 -17.96
CA SER A 768 -27.53 5.40 -19.07
C SER A 768 -27.20 4.03 -18.53
N GLY A 769 -27.04 3.07 -19.43
CA GLY A 769 -26.69 1.71 -19.07
C GLY A 769 -26.60 0.83 -20.29
N HIS A 770 -25.57 0.01 -20.39
CA HIS A 770 -25.30 -0.68 -21.63
C HIS A 770 -26.04 -2.02 -21.71
N HIS A 771 -25.78 -2.76 -22.78
CA HIS A 771 -26.48 -4.00 -23.08
C HIS A 771 -25.53 -5.16 -23.33
N TRP A 772 -24.40 -4.90 -23.99
CA TRP A 772 -23.29 -5.85 -24.08
C TRP A 772 -22.17 -5.37 -23.18
N GLY A 773 -21.56 -6.31 -22.46
CA GLY A 773 -20.51 -5.94 -21.54
C GLY A 773 -19.16 -5.87 -22.21
N ALA A 774 -18.20 -6.58 -21.69
CA ALA A 774 -16.90 -6.63 -22.34
C ALA A 774 -16.45 -8.05 -22.64
N THR A 775 -16.69 -8.99 -21.74
CA THR A 775 -16.18 -10.35 -21.86
C THR A 775 -17.27 -11.38 -21.55
N GLU A 776 -18.47 -11.15 -22.09
CA GLU A 776 -19.60 -12.05 -21.78
C GLU A 776 -20.16 -12.70 -23.04
N SER A 777 -20.30 -14.03 -23.03
CA SER A 777 -20.91 -14.79 -24.15
C SER A 777 -22.37 -14.36 -24.30
N LYS A 778 -23.05 -14.19 -23.16
CA LYS A 778 -24.48 -13.75 -23.11
C LYS A 778 -24.50 -12.31 -22.60
N PRO A 779 -25.21 -11.37 -23.28
CA PRO A 779 -25.23 -9.96 -22.87
C PRO A 779 -25.90 -9.68 -21.52
N ARG A 780 -25.39 -8.70 -20.77
CA ARG A 780 -25.96 -8.32 -19.45
C ARG A 780 -27.11 -7.34 -19.66
N GLY A 781 -28.30 -7.67 -19.17
CA GLY A 781 -29.50 -6.80 -19.29
C GLY A 781 -29.43 -5.60 -18.36
N PRO A 782 -30.16 -4.51 -18.66
CA PRO A 782 -30.14 -3.32 -17.81
C PRO A 782 -30.71 -3.75 -16.45
N SER A 783 -30.26 -3.09 -15.38
CA SER A 783 -30.70 -3.42 -14.00
C SER A 783 -32.13 -2.93 -13.73
N GLU A 784 -32.70 -3.34 -12.60
CA GLU A 784 -34.10 -2.97 -12.27
C GLU A 784 -34.24 -1.45 -12.22
N PHE A 785 -33.24 -0.76 -11.64
CA PHE A 785 -33.27 0.72 -11.54
C PHE A 785 -33.43 1.33 -12.94
N LEU A 786 -32.81 0.79 -13.99
CA LEU A 786 -32.94 1.50 -15.25
C LEU A 786 -34.26 1.20 -15.95
N CYS A 787 -34.73 -0.04 -15.87
CA CYS A 787 -36.06 -0.36 -16.39
C CYS A 787 -37.17 0.18 -15.51
N GLU A 788 -36.87 0.48 -14.24
CA GLU A 788 -37.85 1.12 -13.38
C GLU A 788 -37.93 2.61 -13.67
N LEU A 789 -36.78 3.25 -13.91
CA LEU A 789 -36.76 4.68 -14.22
C LEU A 789 -37.31 4.98 -15.60
N LYS A 790 -37.26 4.02 -16.53
CA LYS A 790 -37.91 4.21 -17.82
C LYS A 790 -39.43 4.11 -17.68
N THR A 791 -39.91 3.52 -16.59
CA THR A 791 -41.34 3.57 -16.29
C THR A 791 -41.72 4.78 -15.44
N ILE A 792 -40.74 5.57 -14.99
CA ILE A 792 -41.03 6.82 -14.29
C ILE A 792 -41.03 7.99 -15.24
N LEU A 793 -40.00 8.08 -16.10
CA LEU A 793 -39.92 9.16 -17.07
C LEU A 793 -40.96 9.06 -18.17
N GLU A 794 -41.51 7.86 -18.40
CA GLU A 794 -42.59 7.69 -19.37
C GLU A 794 -43.95 8.07 -18.81
N GLU A 795 -44.03 8.55 -17.56
CA GLU A 795 -45.28 8.95 -16.97
C GLU A 795 -45.17 10.36 -16.38
N GLY A 804 -37.10 13.63 -20.34
CA GLY A 804 -37.28 12.98 -21.63
C GLY A 804 -36.28 11.88 -21.89
N GLU A 805 -36.75 10.77 -22.44
CA GLU A 805 -35.92 9.59 -22.67
C GLU A 805 -35.41 9.59 -24.10
N ILE A 806 -34.09 9.53 -24.24
CA ILE A 806 -33.46 9.46 -25.54
C ILE A 806 -33.65 8.07 -26.14
N GLU A 807 -33.31 7.94 -27.43
CA GLU A 807 -33.57 6.73 -28.19
C GLU A 807 -32.68 5.59 -27.70
N HIS A 808 -33.30 4.70 -26.90
CA HIS A 808 -32.55 3.59 -26.32
C HIS A 808 -32.48 2.40 -27.28
N TRP A 809 -33.62 1.78 -27.56
CA TRP A 809 -33.74 0.47 -28.23
C TRP A 809 -32.80 -0.60 -27.65
N PRO A 820 -20.79 -11.89 -30.10
CA PRO A 820 -21.25 -10.64 -30.74
C PRO A 820 -20.84 -9.43 -29.91
N LEU A 821 -19.99 -9.65 -28.92
CA LEU A 821 -19.52 -8.59 -28.04
C LEU A 821 -18.31 -7.89 -28.64
N ARG A 822 -17.65 -7.05 -27.86
CA ARG A 822 -16.40 -6.43 -28.26
C ARG A 822 -15.25 -7.36 -27.89
N ASP A 823 -14.63 -7.96 -28.90
CA ASP A 823 -13.48 -8.85 -28.70
C ASP A 823 -12.25 -8.39 -29.47
N GLN A 824 -12.03 -7.08 -29.58
CA GLN A 824 -10.84 -6.57 -30.24
C GLN A 824 -9.65 -6.64 -29.29
N VAL A 825 -8.45 -6.52 -29.86
CA VAL A 825 -7.20 -6.70 -29.12
C VAL A 825 -6.56 -5.34 -28.90
N VAL A 826 -6.01 -5.15 -27.70
CA VAL A 826 -5.24 -3.95 -27.39
C VAL A 826 -3.78 -4.33 -27.26
N GLU A 827 -2.90 -3.52 -27.84
CA GLU A 827 -1.49 -3.85 -27.93
C GLU A 827 -0.65 -2.61 -27.68
N ALA A 828 0.66 -2.83 -27.80
CA ALA A 828 1.72 -1.81 -27.65
C ALA A 828 2.99 -2.33 -28.34
N LEU A 829 3.97 -1.45 -28.59
CA LEU A 829 5.22 -1.90 -29.27
C LEU A 829 6.43 -1.51 -28.42
N TRP A 830 7.34 -2.46 -28.16
CA TRP A 830 8.56 -2.19 -27.35
C TRP A 830 9.80 -2.56 -28.17
N PRO A 831 10.85 -1.70 -28.23
CA PRO A 831 10.86 -0.42 -27.54
C PRO A 831 10.13 0.68 -28.34
N ASP A 838 9.15 16.51 -31.61
CA ASP A 838 9.49 16.48 -30.19
C ASP A 838 10.19 17.75 -29.75
N HIS A 839 9.58 18.45 -28.79
CA HIS A 839 10.12 19.71 -28.31
C HIS A 839 11.40 19.53 -27.51
N VAL A 840 11.66 18.33 -27.01
CA VAL A 840 12.91 18.06 -26.30
C VAL A 840 14.08 18.09 -27.27
N HIS A 841 13.91 17.46 -28.43
CA HIS A 841 14.93 17.52 -29.47
C HIS A 841 15.03 18.92 -30.07
N ARG A 842 13.91 19.62 -30.18
CA ARG A 842 13.92 20.97 -30.71
C ARG A 842 14.52 21.94 -29.70
N GLY A 843 14.19 21.79 -28.42
CA GLY A 843 14.79 22.61 -27.38
C GLY A 843 16.23 22.28 -27.07
N ALA A 844 16.72 21.13 -27.53
CA ALA A 844 18.13 20.81 -27.38
C ALA A 844 18.99 21.55 -28.39
N GLN A 845 18.41 21.99 -29.50
CA GLN A 845 19.17 22.73 -30.49
C GLN A 845 19.45 24.17 -30.04
N LEU A 846 18.53 24.75 -29.25
CA LEU A 846 18.73 26.11 -28.75
C LEU A 846 19.88 26.18 -27.77
N VAL A 847 19.99 25.16 -26.90
CA VAL A 847 21.11 25.11 -25.97
C VAL A 847 22.39 24.74 -26.71
N ALA A 848 22.27 23.98 -27.80
CA ALA A 848 23.43 23.63 -28.59
C ALA A 848 23.98 24.83 -29.35
N ALA A 849 23.09 25.68 -29.86
CA ALA A 849 23.52 26.86 -30.60
C ALA A 849 24.19 27.89 -29.71
N ALA A 850 23.66 28.12 -28.51
CA ALA A 850 24.25 29.10 -27.60
C ALA A 850 25.54 28.60 -26.97
N MET A 851 25.79 27.29 -27.03
CA MET A 851 27.02 26.73 -26.48
C MET A 851 28.02 26.43 -27.58
N GLU A 862 13.09 36.68 -14.96
CA GLU A 862 12.49 36.56 -13.65
C GLU A 862 13.56 36.50 -12.56
N GLY A 863 14.81 36.70 -12.96
CA GLY A 863 15.90 36.72 -12.01
C GLY A 863 16.90 35.61 -12.23
N TRP A 864 16.86 35.02 -13.43
CA TRP A 864 17.71 33.87 -13.73
C TRP A 864 19.17 34.27 -13.94
N ALA A 865 19.45 35.56 -14.08
CA ALA A 865 20.83 35.98 -14.34
C ALA A 865 21.66 35.97 -13.07
N ALA A 866 21.12 36.53 -11.99
CA ALA A 866 21.89 36.67 -10.76
C ALA A 866 21.92 35.41 -9.92
N ASP A 867 20.93 34.52 -10.09
CA ASP A 867 20.91 33.26 -9.35
C ASP A 867 22.06 32.36 -9.75
N VAL A 868 22.35 32.29 -11.05
CA VAL A 868 23.46 31.51 -11.55
C VAL A 868 24.77 32.11 -11.07
N ASP A 869 24.84 33.44 -10.98
CA ASP A 869 26.01 34.10 -10.40
C ASP A 869 26.14 33.82 -8.91
N ALA A 870 25.03 33.50 -8.24
CA ALA A 870 25.11 33.08 -6.85
C ALA A 870 25.54 31.63 -6.74
N LEU A 871 25.06 30.78 -7.65
CA LEU A 871 25.38 29.36 -7.57
C LEU A 871 26.80 29.06 -8.03
N LEU A 872 27.31 29.79 -9.01
CA LEU A 872 28.68 29.58 -9.46
C LEU A 872 29.71 30.19 -8.51
N ALA A 873 29.28 30.93 -7.48
CA ALA A 873 30.21 31.42 -6.48
C ALA A 873 30.64 30.30 -5.53
N GLU A 874 29.67 29.53 -5.02
CA GLU A 874 29.98 28.48 -4.05
C GLU A 874 30.71 27.30 -4.66
N ARG A 875 30.42 27.00 -5.93
CA ARG A 875 31.13 25.92 -6.61
C ARG A 875 32.58 26.32 -6.89
N GLU A 876 32.83 27.61 -7.10
CA GLU A 876 34.17 28.12 -7.38
C GLU A 876 34.80 28.79 -6.17
N ARG A 877 34.53 28.27 -4.97
CA ARG A 877 35.13 28.79 -3.75
C ARG A 877 35.49 27.61 -2.86
N PRO A 878 36.76 27.20 -2.84
CA PRO A 878 37.21 26.07 -2.03
C PRO A 878 37.38 26.43 -0.56
N UNK B 1 -11.25 1.88 42.58
CA UNK B 1 -11.17 2.68 41.38
C UNK B 1 -9.79 2.55 40.73
N UNK B 2 -8.78 3.13 41.36
CA UNK B 2 -7.42 3.13 40.85
C UNK B 2 -6.64 1.90 41.29
N UNK B 3 -7.32 0.81 41.63
CA UNK B 3 -6.72 -0.42 42.12
C UNK B 3 -5.92 -1.11 41.03
N UNK B 4 -6.43 -1.16 39.78
CA UNK B 4 -5.65 -1.80 38.71
C UNK B 4 -4.55 -0.92 38.16
N UNK B 5 -4.58 0.38 38.44
CA UNK B 5 -3.59 1.31 37.89
C UNK B 5 -2.24 1.17 38.56
N UNK B 6 6.03 21.50 50.01
CA UNK B 6 5.06 20.96 50.96
C UNK B 6 5.36 19.50 51.24
N UNK B 7 5.47 19.17 52.52
CA UNK B 7 5.78 17.82 52.98
C UNK B 7 4.54 16.93 52.93
N UNK B 8 4.65 15.67 53.35
CA UNK B 8 3.48 14.79 53.36
C UNK B 8 2.41 15.22 54.34
N UNK B 9 2.78 15.90 55.43
CA UNK B 9 1.79 16.37 56.39
C UNK B 9 1.06 17.58 55.85
N UNK B 10 1.73 18.38 55.02
CA UNK B 10 1.16 19.64 54.54
C UNK B 10 0.04 19.41 53.53
N UNK B 11 0.27 18.56 52.53
CA UNK B 11 -0.76 18.27 51.54
C UNK B 11 -1.80 17.27 52.03
N UNK B 12 -1.62 16.71 53.22
CA UNK B 12 -2.61 15.78 53.76
C UNK B 12 -3.87 16.50 54.22
N UNK B 13 -3.74 17.76 54.62
CA UNK B 13 -4.90 18.56 55.00
C UNK B 13 -5.66 19.11 53.79
N UNK B 14 -5.14 18.90 52.58
CA UNK B 14 -5.93 19.16 51.38
C UNK B 14 -6.97 18.08 51.14
N UNK B 15 -6.77 16.89 51.72
CA UNK B 15 -7.71 15.79 51.69
C UNK B 15 -8.61 15.70 52.90
N UNK B 16 -8.71 16.76 53.69
CA UNK B 16 -9.64 16.79 54.81
C UNK B 16 -10.55 18.01 54.68
N UNK B 17 -9.98 19.13 54.22
CA UNK B 17 -10.81 20.27 53.88
C UNK B 17 -11.66 20.00 52.65
N UNK B 18 -11.11 19.30 51.67
CA UNK B 18 -11.85 18.78 50.54
C UNK B 18 -11.98 17.27 50.68
N UNK B 19 -12.91 16.69 49.93
CA UNK B 19 -13.14 15.25 49.98
C UNK B 19 -12.31 14.52 48.94
N UNK B 20 -11.00 14.77 48.93
CA UNK B 20 -10.11 14.15 47.98
C UNK B 20 -9.34 13.03 48.66
N UNK B 21 -9.68 11.77 48.44
CA UNK B 21 -8.86 10.69 49.01
C UNK B 21 -7.54 10.52 48.27
N UNK B 22 -7.50 10.84 46.99
CA UNK B 22 -6.31 10.66 46.16
C UNK B 22 -5.25 11.73 46.38
N UNK B 23 -5.53 12.75 47.18
CA UNK B 23 -4.54 13.79 47.42
C UNK B 23 -3.69 13.48 48.65
N UNK B 24 -4.28 12.90 49.69
CA UNK B 24 -3.52 12.57 50.89
C UNK B 24 -2.84 11.22 50.77
N UNK B 25 -3.45 10.30 50.01
CA UNK B 25 -2.91 8.96 49.89
C UNK B 25 -1.66 8.92 49.01
N UNK B 26 -1.46 9.93 48.17
CA UNK B 26 -0.19 10.10 47.47
C UNK B 26 0.89 10.69 48.37
N UNK B 27 0.51 11.20 49.54
CA UNK B 27 1.45 11.69 50.52
C UNK B 27 1.54 10.80 51.74
N UNK B 28 0.49 10.00 51.99
CA UNK B 28 0.53 9.00 53.05
C UNK B 28 1.55 7.91 52.73
N UNK B 29 1.81 7.65 51.45
CA UNK B 29 2.95 6.84 51.07
C UNK B 29 4.24 7.65 51.15
N UNK B 30 4.19 8.94 50.85
CA UNK B 30 5.36 9.79 50.89
C UNK B 30 5.70 10.18 52.31
N UNK B 31 16.68 44.10 18.15
CA UNK B 31 15.29 44.50 18.49
C UNK B 31 14.81 45.57 17.51
N UNK B 32 15.31 46.80 17.69
CA UNK B 32 15.03 47.98 16.84
C UNK B 32 13.54 48.38 16.79
N UNK B 33 13.18 49.12 15.73
CA UNK B 33 11.79 49.60 15.51
C UNK B 33 10.83 48.41 15.49
N UNK B 34 11.20 47.33 14.81
CA UNK B 34 10.36 46.12 14.75
C UNK B 34 9.99 45.69 16.18
N UNK B 35 10.99 45.42 17.02
CA UNK B 35 10.69 44.96 18.41
C UNK B 35 9.91 46.04 19.17
N UNK B 36 10.26 47.31 18.97
CA UNK B 36 9.59 48.44 19.65
C UNK B 36 8.08 48.41 19.37
N UNK B 37 7.70 48.18 18.11
CA UNK B 37 6.27 48.13 17.71
C UNK B 37 5.88 46.70 17.36
N UNK B 38 6.38 45.73 18.12
CA UNK B 38 6.06 44.30 17.88
C UNK B 38 4.73 43.94 18.56
N GLY B 39 16.24 45.48 10.66
CA GLY B 39 15.31 44.41 10.36
C GLY B 39 13.88 44.76 10.66
N THR B 40 12.94 44.12 9.97
CA THR B 40 11.52 44.33 10.17
C THR B 40 10.82 43.00 10.43
N VAL B 41 9.67 43.07 11.08
CA VAL B 41 8.76 41.93 11.14
C VAL B 41 8.03 41.84 9.82
N THR B 42 8.00 40.64 9.24
CA THR B 42 7.23 40.39 8.03
C THR B 42 6.44 39.10 8.21
N VAL B 43 5.28 39.02 7.56
CA VAL B 43 4.34 37.93 7.72
C VAL B 43 4.05 37.32 6.36
N ARG B 44 4.24 36.02 6.24
CA ARG B 44 3.97 35.28 5.01
C ARG B 44 3.33 33.94 5.33
N LEU B 45 2.58 33.43 4.36
CA LEU B 45 1.81 32.21 4.54
C LEU B 45 2.09 31.25 3.39
N ALA B 46 1.58 30.02 3.51
CA ALA B 46 1.73 29.00 2.47
C ALA B 46 0.47 28.17 2.38
N ALA B 47 0.24 27.60 1.21
CA ALA B 47 -0.99 26.85 0.95
C ALA B 47 -0.90 25.38 1.31
N SER B 48 0.28 24.91 1.74
CA SER B 48 0.49 23.50 2.03
C SER B 48 1.69 23.40 2.95
N THR B 49 1.86 22.22 3.56
CA THR B 49 2.97 22.03 4.48
C THR B 49 4.29 21.94 3.74
N HIS B 50 4.28 21.40 2.51
CA HIS B 50 5.49 21.28 1.72
C HIS B 50 6.00 22.62 1.23
N ALA B 51 5.14 23.61 1.06
CA ALA B 51 5.62 24.95 0.70
C ALA B 51 6.14 25.69 1.92
N GLU B 52 5.63 25.37 3.11
CA GLU B 52 6.05 26.06 4.32
C GLU B 52 7.46 25.67 4.72
N GLY B 53 7.92 24.48 4.35
CA GLY B 53 9.30 24.11 4.58
C GLY B 53 10.20 24.58 3.46
N THR B 54 9.61 24.82 2.28
CA THR B 54 10.41 25.23 1.13
C THR B 54 10.79 26.70 1.22
N MET B 55 9.87 27.58 1.63
CA MET B 55 10.18 29.00 1.65
C MET B 55 11.05 29.39 2.84
N ILE B 56 11.06 28.60 3.91
CA ILE B 56 12.06 28.80 4.96
C ILE B 56 13.44 28.45 4.45
N ALA B 57 13.54 27.37 3.68
CA ALA B 57 14.81 26.99 3.07
C ALA B 57 15.21 27.93 1.94
N ASP B 58 14.24 28.64 1.34
CA ASP B 58 14.61 29.70 0.42
C ASP B 58 15.31 30.83 1.15
N ALA B 59 14.71 31.30 2.25
CA ALA B 59 15.23 32.48 2.93
C ALA B 59 16.57 32.22 3.62
N LEU B 60 16.77 31.01 4.13
CA LEU B 60 18.06 30.72 4.77
C LEU B 60 19.16 30.53 3.73
N ARG B 61 18.82 29.95 2.58
CA ARG B 61 19.82 29.76 1.53
C ARG B 61 20.14 31.08 0.85
N ARG B 62 19.17 32.01 0.82
CA ARG B 62 19.38 33.28 0.14
C ARG B 62 20.12 34.28 1.03
N ALA B 63 19.81 34.30 2.33
CA ALA B 63 20.43 35.28 3.22
C ALA B 63 21.89 34.95 3.51
N HIS B 64 22.29 33.70 3.33
CA HIS B 64 23.68 33.33 3.52
C HIS B 64 24.52 33.59 2.28
N LEU B 65 23.91 33.76 1.13
CA LEU B 65 24.64 33.86 -0.12
C LEU B 65 24.42 35.18 -0.84
N VAL B 66 23.20 35.73 -0.82
CA VAL B 66 22.98 37.04 -1.41
C VAL B 66 23.36 38.16 -0.44
N ASP B 67 22.88 38.07 0.80
CA ASP B 67 23.24 39.07 1.80
C ASP B 67 24.68 38.91 2.26
N GLY B 68 25.02 37.76 2.83
CA GLY B 68 26.40 37.48 3.14
C GLY B 68 26.69 37.06 4.57
N ILE B 69 25.68 37.10 5.42
CA ILE B 69 25.87 36.74 6.84
C ILE B 69 26.10 35.24 6.95
N PRO B 70 26.99 34.77 7.81
CA PRO B 70 27.30 33.34 7.89
C PRO B 70 26.21 32.59 8.66
N TRP B 71 26.45 31.29 8.83
CA TRP B 71 25.58 30.48 9.66
C TRP B 71 25.93 30.74 11.13
N SER B 72 25.29 29.96 12.02
CA SER B 72 25.30 30.15 13.48
C SER B 72 24.86 31.57 13.87
N GLN B 73 23.97 32.13 13.06
CA GLN B 73 23.25 33.36 13.38
C GLN B 73 21.80 33.24 12.93
N MET B 74 21.38 32.05 12.53
CA MET B 74 20.04 31.80 12.03
C MET B 74 19.41 30.73 12.90
N ALA B 75 18.12 30.85 13.15
CA ALA B 75 17.44 29.90 14.02
C ALA B 75 15.97 29.83 13.64
N VAL B 76 15.39 28.65 13.87
CA VAL B 76 13.99 28.37 13.53
C VAL B 76 13.33 27.92 14.82
N ILE B 77 12.61 28.81 15.48
CA ILE B 77 11.88 28.44 16.69
C ILE B 77 10.62 27.68 16.32
N VAL B 78 10.44 26.52 16.96
CA VAL B 78 9.24 25.65 16.77
C VAL B 78 8.49 25.61 18.10
N ARG B 79 7.20 25.92 18.09
CA ARG B 79 6.40 25.97 19.35
C ARG B 79 6.36 24.57 19.99
N SER B 80 6.13 23.53 19.20
CA SER B 80 6.06 22.14 19.73
C SER B 80 7.01 21.22 18.94
N VAL B 81 7.83 20.44 19.64
CA VAL B 81 8.77 19.50 18.97
C VAL B 81 8.15 18.09 18.96
N LEU B 92 14.42 20.77 4.54
CA LEU B 92 15.14 22.01 4.84
C LEU B 92 16.64 21.77 4.68
N THR B 93 17.11 20.65 5.24
CA THR B 93 18.52 20.30 5.13
C THR B 93 18.90 19.94 3.70
N ALA B 94 17.97 19.32 2.97
CA ALA B 94 18.26 18.82 1.62
C ALA B 94 18.38 19.93 0.59
N ALA B 95 17.98 21.16 0.93
CA ALA B 95 18.11 22.28 0.02
C ALA B 95 19.47 22.97 0.13
N GLY B 96 20.47 22.28 0.67
CA GLY B 96 21.80 22.84 0.79
C GLY B 96 22.04 23.67 2.03
N VAL B 97 21.36 23.35 3.13
CA VAL B 97 21.44 24.10 4.36
C VAL B 97 21.88 23.14 5.47
N PRO B 98 22.96 23.41 6.18
CA PRO B 98 23.32 22.54 7.31
C PRO B 98 22.42 22.78 8.49
N VAL B 99 22.12 21.70 9.22
CA VAL B 99 21.27 21.75 10.40
C VAL B 99 21.96 21.00 11.53
N GLN B 100 22.21 21.68 12.64
CA GLN B 100 22.83 21.05 13.81
C GLN B 100 21.77 20.71 14.85
N PRO B 107 21.06 3.21 19.95
CA PRO B 107 21.47 2.87 21.31
C PRO B 107 22.97 3.00 21.53
N VAL B 108 23.52 2.12 22.36
CA VAL B 108 24.96 2.14 22.61
C VAL B 108 25.66 1.14 21.71
N GLY B 109 25.04 -0.01 21.46
CA GLY B 109 25.65 -1.04 20.64
C GLY B 109 25.12 -1.11 19.24
N ARG B 110 23.97 -0.46 18.98
CA ARG B 110 23.32 -0.56 17.69
C ARG B 110 24.09 0.17 16.59
N GLN B 111 24.96 1.10 16.97
CA GLN B 111 25.89 1.66 15.99
C GLN B 111 26.88 0.58 15.57
N PRO B 112 27.21 0.48 14.28
CA PRO B 112 27.68 -0.82 13.74
C PRO B 112 29.06 -1.24 14.21
N ALA B 113 30.05 -0.35 14.22
CA ALA B 113 31.40 -0.78 14.57
C ALA B 113 31.58 -1.03 16.06
N ALA B 114 30.63 -0.59 16.90
CA ALA B 114 30.63 -1.05 18.27
C ALA B 114 30.30 -2.53 18.34
N ALA B 115 29.34 -2.97 17.54
CA ALA B 115 28.91 -4.36 17.50
C ALA B 115 29.69 -5.20 16.52
N ALA B 116 30.43 -4.58 15.59
CA ALA B 116 31.29 -5.33 14.68
C ALA B 116 32.46 -5.96 15.42
N LEU B 117 32.90 -5.31 16.50
CA LEU B 117 34.03 -5.75 17.29
C LEU B 117 33.60 -6.45 18.58
N LEU B 118 32.38 -6.19 19.05
CA LEU B 118 31.86 -6.87 20.23
C LEU B 118 31.57 -8.34 19.95
N THR B 119 31.22 -8.67 18.70
CA THR B 119 31.00 -10.05 18.30
C THR B 119 32.29 -10.86 18.37
N VAL B 120 33.43 -10.24 18.07
CA VAL B 120 34.73 -10.87 18.17
C VAL B 120 35.04 -11.24 19.62
N LEU B 121 34.54 -10.46 20.58
CA LEU B 121 34.68 -10.81 21.99
C LEU B 121 33.80 -12.00 22.36
N ASP B 122 32.66 -12.15 21.67
CA ASP B 122 31.74 -13.24 22.00
C ASP B 122 32.16 -14.56 21.38
N VAL B 123 33.24 -14.58 20.62
CA VAL B 123 33.77 -15.83 20.10
C VAL B 123 34.68 -16.50 21.13
N THR B 124 35.50 -15.70 21.81
CA THR B 124 36.43 -16.24 22.80
C THR B 124 35.68 -16.73 24.04
N ALA B 125 34.58 -16.06 24.41
CA ALA B 125 33.78 -16.50 25.54
C ALA B 125 33.04 -17.81 25.28
N THR B 126 32.87 -18.18 24.01
CA THR B 126 32.24 -19.46 23.65
C THR B 126 33.20 -20.40 22.94
N GLY B 127 34.45 -19.98 22.74
CA GLY B 127 35.46 -20.86 22.18
C GLY B 127 35.42 -20.99 20.67
N HIS B 128 34.44 -21.75 20.16
CA HIS B 128 34.33 -22.00 18.73
C HIS B 128 33.27 -21.10 18.11
N LEU B 129 33.62 -20.48 16.99
CA LEU B 129 32.73 -19.58 16.29
C LEU B 129 31.71 -20.39 15.50
N ASP B 130 30.44 -20.00 15.59
CA ASP B 130 29.38 -20.71 14.90
C ASP B 130 29.29 -20.23 13.45
N ALA B 131 28.28 -20.71 12.73
CA ALA B 131 28.11 -20.32 11.33
C ALA B 131 27.45 -18.95 11.21
N ASP B 132 26.27 -18.80 11.83
CA ASP B 132 25.38 -17.67 11.56
C ASP B 132 25.88 -16.36 12.13
N SER B 133 26.99 -16.41 12.88
CA SER B 133 27.60 -15.17 13.44
C SER B 133 28.78 -14.75 12.55
N ALA B 134 29.38 -15.71 11.84
CA ALA B 134 30.51 -15.43 10.92
C ALA B 134 30.02 -14.60 9.74
N VAL B 135 28.78 -14.84 9.30
CA VAL B 135 28.16 -14.06 8.19
C VAL B 135 28.03 -12.60 8.66
N ALA B 136 27.62 -12.41 9.92
CA ALA B 136 27.49 -11.07 10.52
C ALA B 136 28.88 -10.43 10.62
N LEU B 137 29.91 -11.24 10.82
CA LEU B 137 31.31 -10.73 10.90
C LEU B 137 31.78 -10.29 9.51
N LEU B 138 31.53 -11.12 8.48
CA LEU B 138 31.95 -10.81 7.09
C LEU B 138 31.25 -9.53 6.62
N THR B 139 29.96 -9.38 6.92
CA THR B 139 29.19 -8.19 6.49
C THR B 139 28.31 -7.71 7.65
N PRO B 141 31.91 -4.70 8.95
CA PRO B 141 32.83 -3.61 8.67
C PRO B 141 34.28 -4.03 8.81
N ILE B 142 34.51 -5.24 9.31
CA ILE B 142 35.87 -5.77 9.38
C ILE B 142 36.22 -6.48 8.08
N GLY B 143 35.36 -7.38 7.64
CA GLY B 143 35.35 -7.77 6.24
C GLY B 143 34.36 -6.85 5.55
N ARG B 144 34.48 -6.67 4.24
CA ARG B 144 33.54 -5.83 3.51
C ARG B 144 33.09 -6.54 2.25
N VAL B 145 31.89 -7.10 2.28
CA VAL B 145 31.32 -7.76 1.10
C VAL B 145 29.96 -7.18 0.73
N ASP B 146 29.88 -6.61 -0.45
CA ASP B 146 28.61 -6.26 -1.04
C ASP B 146 27.89 -7.54 -1.51
N PRO B 147 26.56 -7.54 -1.61
CA PRO B 147 25.83 -8.80 -1.81
C PRO B 147 26.02 -9.49 -3.14
N VAL B 148 26.88 -9.03 -4.05
CA VAL B 148 27.25 -9.86 -5.20
C VAL B 148 28.59 -10.55 -5.01
N THR B 149 29.30 -10.26 -3.93
CA THR B 149 30.50 -11.03 -3.62
C THR B 149 30.25 -12.11 -2.58
N LEU B 150 29.10 -12.12 -1.92
CA LEU B 150 28.66 -13.35 -1.27
C LEU B 150 28.38 -14.42 -2.31
N ARG B 151 27.79 -14.03 -3.44
CA ARG B 151 27.54 -14.96 -4.52
C ARG B 151 28.79 -15.29 -5.32
N GLN B 152 29.88 -14.55 -5.12
CA GLN B 152 31.16 -14.94 -5.70
C GLN B 152 32.01 -15.76 -4.74
N LEU B 153 31.85 -15.58 -3.43
CA LEU B 153 32.47 -16.50 -2.48
C LEU B 153 31.81 -17.86 -2.53
N ARG B 154 30.46 -17.89 -2.52
CA ARG B 154 29.73 -19.14 -2.39
C ARG B 154 29.86 -19.99 -3.65
N ARG B 155 30.10 -19.37 -4.80
CA ARG B 155 30.43 -20.11 -6.00
C ARG B 155 31.92 -20.40 -6.11
N ALA B 156 32.69 -20.15 -5.06
CA ALA B 156 34.08 -20.57 -5.00
C ALA B 156 34.35 -21.57 -3.91
N LEU B 157 33.69 -21.46 -2.76
CA LEU B 157 33.88 -22.45 -1.70
C LEU B 157 33.18 -23.76 -2.01
N ARG B 158 32.01 -23.70 -2.65
CA ARG B 158 31.34 -24.93 -3.04
C ARG B 158 32.03 -25.63 -4.19
N ARG B 159 32.88 -24.93 -4.93
CA ARG B 159 33.64 -25.56 -5.99
C ARG B 159 34.74 -26.44 -5.43
N ALA B 160 35.29 -26.07 -4.27
CA ALA B 160 36.34 -26.86 -3.66
C ALA B 160 35.77 -28.11 -2.99
N ASP B 161 35.08 -27.90 -1.87
CA ASP B 161 34.43 -29.02 -1.13
C ASP B 161 33.03 -29.20 -1.70
N GLY B 162 32.93 -29.66 -2.95
CA GLY B 162 31.59 -29.80 -3.58
C GLY B 162 31.14 -31.24 -3.75
N SER B 163 30.03 -31.58 -3.09
CA SER B 163 29.37 -32.90 -3.20
C SER B 163 27.86 -32.65 -3.08
N GLN B 164 27.04 -33.31 -3.90
CA GLN B 164 25.57 -33.11 -3.87
C GLN B 164 25.00 -33.69 -2.56
N PRO B 165 23.94 -33.10 -1.96
CA PRO B 165 23.57 -31.69 -2.16
C PRO B 165 24.60 -30.75 -1.53
N PRO B 166 24.78 -29.52 -2.05
CA PRO B 166 25.80 -28.60 -1.53
C PRO B 166 25.60 -28.18 -0.07
N ARG B 167 26.72 -28.01 0.66
CA ARG B 167 26.71 -27.64 2.10
C ARG B 167 26.28 -26.17 2.25
N ASP B 168 25.75 -25.83 3.43
CA ASP B 168 25.28 -24.45 3.75
C ASP B 168 26.48 -23.49 3.73
N PHE B 169 26.27 -22.28 3.21
CA PHE B 169 27.32 -21.27 3.15
C PHE B 169 27.92 -20.99 4.50
N GLY B 170 27.14 -21.15 5.57
CA GLY B 170 27.67 -20.93 6.91
C GLY B 170 28.64 -22.01 7.35
N ASP B 171 28.49 -23.23 6.83
CA ASP B 171 29.35 -24.32 7.26
C ASP B 171 30.66 -24.39 6.50
N LEU B 172 30.67 -24.00 5.22
CA LEU B 172 31.93 -23.93 4.49
C LEU B 172 32.76 -22.73 4.93
N LEU B 173 32.12 -21.72 5.51
CA LEU B 173 32.81 -20.49 5.85
C LEU B 173 33.70 -20.66 7.08
N VAL B 174 33.17 -21.31 8.12
CA VAL B 174 33.87 -21.43 9.39
C VAL B 174 35.10 -22.31 9.24
N ASP B 175 35.01 -23.36 8.43
CA ASP B 175 36.18 -24.19 8.16
C ASP B 175 37.17 -23.46 7.27
N ALA B 176 36.71 -22.48 6.49
CA ALA B 176 37.61 -21.70 5.64
C ALA B 176 38.28 -20.55 6.39
N ILE B 177 37.92 -20.33 7.65
CA ILE B 177 38.63 -19.39 8.50
C ILE B 177 39.60 -20.12 9.43
N GLU B 178 39.19 -21.26 9.97
CA GLU B 178 40.10 -22.05 10.79
C GLU B 178 41.21 -22.66 9.93
N ARG B 179 40.83 -23.33 8.85
CA ARG B 179 41.76 -23.75 7.82
C ARG B 179 41.75 -22.71 6.69
N GLU B 180 42.37 -23.05 5.57
CA GLU B 180 42.35 -22.17 4.41
C GLU B 180 42.38 -23.02 3.15
N PRO B 181 41.25 -23.15 2.44
CA PRO B 181 41.24 -23.96 1.22
C PRO B 181 41.74 -23.20 0.02
N LYS B 182 41.87 -23.91 -1.10
CA LYS B 182 42.33 -23.31 -2.34
C LYS B 182 41.75 -24.05 -3.54
N ALA B 186 41.84 -15.06 -5.29
CA ALA B 186 43.04 -14.29 -5.06
C ALA B 186 42.74 -13.05 -4.23
N GLU B 187 41.60 -12.42 -4.52
CA GLU B 187 41.09 -11.35 -3.68
C GLU B 187 40.22 -11.87 -2.56
N HIS B 188 39.65 -13.06 -2.73
CA HIS B 188 38.84 -13.67 -1.68
C HIS B 188 39.68 -14.33 -0.60
N ALA B 189 40.96 -14.60 -0.88
CA ALA B 189 41.86 -15.09 0.16
C ALA B 189 42.42 -13.97 1.02
N ARG B 190 42.34 -12.73 0.53
CA ARG B 190 42.79 -11.59 1.34
C ARG B 190 41.80 -11.30 2.45
N THR B 191 40.50 -11.24 2.12
CA THR B 191 39.50 -10.90 3.11
C THR B 191 39.26 -12.00 4.12
N LEU B 192 39.55 -13.25 3.78
CA LEU B 192 39.55 -14.34 4.74
C LEU B 192 40.80 -14.35 5.60
N ARG B 193 41.90 -13.74 5.13
CA ARG B 193 43.11 -13.69 5.91
C ARG B 193 43.01 -12.66 7.02
N ARG B 194 42.44 -11.48 6.72
CA ARG B 194 42.34 -10.45 7.74
C ARG B 194 41.31 -10.77 8.81
N LEU B 195 40.47 -11.77 8.59
CA LEU B 195 39.67 -12.32 9.67
C LEU B 195 40.40 -13.39 10.46
N ARG B 196 41.41 -14.04 9.86
CA ARG B 196 42.25 -14.94 10.63
C ARG B 196 43.17 -14.17 11.57
N ALA B 197 43.65 -13.01 11.13
CA ALA B 197 44.59 -12.23 11.92
C ALA B 197 43.93 -11.64 13.16
N VAL B 198 42.62 -11.40 13.12
CA VAL B 198 41.92 -10.84 14.26
C VAL B 198 41.46 -11.92 15.23
N LEU B 199 40.97 -13.06 14.72
CA LEU B 199 40.46 -14.11 15.61
C LEU B 199 41.58 -14.83 16.33
N THR B 200 42.78 -14.91 15.75
CA THR B 200 43.90 -15.45 16.48
C THR B 200 44.47 -14.46 17.50
N ALA B 201 44.17 -13.17 17.34
CA ALA B 201 44.62 -12.18 18.31
C ALA B 201 43.85 -12.31 19.62
N ALA B 202 42.53 -12.40 19.54
CA ALA B 202 41.72 -12.53 20.74
C ALA B 202 41.59 -13.98 21.20
N ARG B 203 42.30 -14.91 20.58
CA ARG B 203 42.45 -16.26 21.09
C ARG B 203 43.69 -16.42 21.96
N ARG B 204 44.63 -15.49 21.89
CA ARG B 204 45.82 -15.50 22.72
C ARG B 204 45.58 -14.96 24.13
N SER B 205 44.33 -14.82 24.55
CA SER B 205 44.00 -14.33 25.87
C SER B 205 42.80 -15.07 26.44
N ASP B 211 44.79 -8.22 30.78
CA ASP B 211 43.60 -7.51 31.22
C ASP B 211 42.50 -7.60 30.17
N PRO B 212 41.24 -7.46 30.60
CA PRO B 212 40.14 -7.51 29.62
C PRO B 212 40.11 -6.32 28.70
N ARG B 213 40.59 -5.17 29.14
CA ARG B 213 40.72 -4.03 28.24
C ARG B 213 41.97 -4.15 27.39
N TYR B 214 42.90 -5.05 27.78
CA TYR B 214 44.04 -5.34 26.92
C TYR B 214 43.65 -6.33 25.84
N THR B 215 42.49 -6.98 25.98
CA THR B 215 42.00 -7.86 24.93
C THR B 215 41.24 -7.07 23.87
N LEU B 216 40.38 -6.14 24.29
CA LEU B 216 39.55 -5.41 23.35
C LEU B 216 40.36 -4.37 22.60
N TRP B 217 41.47 -3.92 23.19
CA TRP B 217 42.40 -3.09 22.43
C TRP B 217 43.23 -3.95 21.48
N GLN B 218 43.39 -5.23 21.82
CA GLN B 218 44.13 -6.13 20.92
C GLN B 218 43.32 -6.47 19.69
N ALA B 219 42.00 -6.40 19.79
CA ALA B 219 41.16 -6.66 18.63
C ALA B 219 41.15 -5.48 17.67
N TRP B 220 41.20 -4.26 18.20
CA TRP B 220 41.19 -3.07 17.35
C TRP B 220 42.48 -2.94 16.55
N HIS B 221 43.60 -3.34 17.14
CA HIS B 221 44.89 -3.14 16.48
C HIS B 221 45.08 -4.07 15.29
N ALA B 222 44.55 -5.29 15.39
CA ALA B 222 44.74 -6.26 14.32
C ALA B 222 43.79 -6.03 13.15
N SER B 223 42.79 -5.16 13.32
CA SER B 223 41.83 -4.86 12.27
C SER B 223 42.47 -4.04 11.15
N ARG B 227 43.65 2.94 11.52
CA ARG B 227 44.53 3.41 10.46
C ARG B 227 43.75 3.85 9.22
N ARG B 228 42.79 3.03 8.80
CA ARG B 228 42.00 3.35 7.62
C ARG B 228 41.08 4.54 7.87
N TRP B 229 40.40 4.55 9.02
CA TRP B 229 39.40 5.58 9.29
C TRP B 229 40.02 6.93 9.58
N LEU B 230 41.29 6.98 9.97
CA LEU B 230 41.94 8.27 10.13
C LEU B 230 42.29 8.89 8.80
N ALA B 231 42.70 8.07 7.82
CA ALA B 231 42.97 8.54 6.47
C ALA B 231 41.71 8.69 5.63
N ALA B 232 40.59 8.10 6.08
CA ALA B 232 39.32 8.23 5.39
C ALA B 232 38.41 9.25 6.04
N SER B 233 38.96 10.19 6.80
CA SER B 233 38.17 11.25 7.42
C SER B 233 38.32 12.58 6.72
N GLU B 234 39.47 12.86 6.11
CA GLU B 234 39.68 14.12 5.40
C GLU B 234 38.91 14.14 4.09
N ARG B 235 39.24 13.22 3.19
CA ARG B 235 38.62 13.21 1.87
C ARG B 235 37.24 12.56 1.93
N GLY B 236 36.31 13.14 1.19
CA GLY B 236 34.97 12.59 1.10
C GLY B 236 33.94 13.33 1.94
N GLY B 237 32.91 13.87 1.29
CA GLY B 237 31.85 14.56 1.96
C GLY B 237 30.69 13.68 2.39
N SER B 238 30.61 12.46 1.89
CA SER B 238 29.58 11.51 2.31
C SER B 238 30.12 10.17 2.76
N VAL B 239 31.38 9.85 2.46
CA VAL B 239 32.01 8.66 3.00
C VAL B 239 32.88 8.97 4.21
N GLY B 240 33.46 10.17 4.30
CA GLY B 240 34.20 10.56 5.48
C GLY B 240 33.34 11.03 6.63
N ALA B 241 32.10 11.41 6.35
CA ALA B 241 31.17 11.81 7.40
C ALA B 241 30.65 10.62 8.21
N GLN B 242 30.77 9.41 7.68
CA GLN B 242 30.44 8.22 8.47
C GLN B 242 31.63 7.74 9.29
N ALA B 243 32.85 7.89 8.76
CA ALA B 243 34.05 7.50 9.50
C ALA B 243 34.24 8.35 10.75
N ASP B 244 33.96 9.65 10.66
CA ASP B 244 34.03 10.49 11.85
C ASP B 244 32.90 10.15 12.80
N ARG B 245 31.74 9.78 12.26
CA ARG B 245 30.60 9.36 13.07
C ARG B 245 30.74 7.95 13.61
N ASP B 246 31.84 7.25 13.30
CA ASP B 246 32.05 5.88 13.75
C ASP B 246 33.27 5.73 14.62
N LEU B 247 34.32 6.54 14.39
CA LEU B 247 35.43 6.62 15.34
C LEU B 247 34.98 7.21 16.67
N ASP B 248 33.94 8.04 16.65
CA ASP B 248 33.28 8.47 17.88
C ASP B 248 32.51 7.34 18.55
N ALA B 249 32.23 6.25 17.84
CA ALA B 249 31.56 5.12 18.45
C ALA B 249 32.53 4.10 19.04
N VAL B 250 33.75 4.02 18.50
CA VAL B 250 34.73 3.06 18.98
C VAL B 250 35.22 3.43 20.37
N THR B 251 35.50 4.72 20.59
CA THR B 251 35.97 5.18 21.89
C THR B 251 34.89 5.07 22.97
N THR B 252 33.63 5.02 22.58
CA THR B 252 32.54 4.78 23.52
C THR B 252 32.31 3.29 23.79
N LEU B 253 33.19 2.42 23.31
CA LEU B 253 33.31 1.07 23.85
C LEU B 253 34.31 1.05 24.99
N PHE B 254 35.43 1.74 24.81
CA PHE B 254 36.46 1.79 25.83
C PHE B 254 35.99 2.54 27.07
N ASP B 255 35.13 3.55 26.89
CA ASP B 255 34.65 4.33 28.03
C ASP B 255 33.67 3.51 28.87
N VAL B 256 32.95 2.59 28.24
CA VAL B 256 32.08 1.70 29.01
C VAL B 256 32.87 0.51 29.54
N ALA B 257 33.90 0.08 28.82
CA ALA B 257 34.76 -1.01 29.30
C ALA B 257 35.56 -0.59 30.53
N ASP B 258 36.01 0.66 30.56
CA ASP B 258 36.72 1.16 31.74
C ASP B 258 35.78 1.43 32.90
N GLN B 259 34.49 1.63 32.64
CA GLN B 259 33.54 1.85 33.72
C GLN B 259 33.02 0.55 34.31
N TYR B 260 33.29 -0.58 33.68
CA TYR B 260 32.84 -1.87 34.19
C TYR B 260 33.89 -2.59 35.01
N VAL B 261 35.17 -2.37 34.74
CA VAL B 261 36.25 -3.00 35.49
C VAL B 261 36.35 -2.38 36.89
N LEU B 269 35.13 -12.54 30.52
CA LEU B 269 34.41 -11.36 30.05
C LEU B 269 33.05 -11.68 29.44
N ARG B 270 32.48 -12.83 29.85
CA ARG B 270 31.14 -13.19 29.41
C ARG B 270 30.10 -12.24 30.01
N GLY B 271 30.40 -11.66 31.16
CA GLY B 271 29.52 -10.65 31.71
C GLY B 271 29.65 -9.32 30.98
N LEU B 272 30.83 -9.04 30.43
CA LEU B 272 31.06 -7.75 29.79
C LEU B 272 30.30 -7.63 28.48
N VAL B 273 30.03 -8.77 27.82
CA VAL B 273 29.41 -8.76 26.50
C VAL B 273 27.97 -8.27 26.58
N ASP B 274 27.18 -8.85 27.48
CA ASP B 274 25.78 -8.45 27.58
C ASP B 274 25.61 -7.21 28.44
N HIS B 275 26.70 -6.75 29.09
CA HIS B 275 26.62 -5.56 29.92
C HIS B 275 26.38 -4.30 29.08
N VAL B 276 27.12 -4.17 27.98
CA VAL B 276 26.94 -3.02 27.09
C VAL B 276 25.63 -3.16 26.33
N THR B 277 25.21 -4.41 26.08
CA THR B 277 23.86 -4.68 25.59
C THR B 277 22.81 -4.26 26.60
N ARG B 278 23.05 -4.46 27.89
CA ARG B 278 22.15 -4.02 28.94
C ARG B 278 22.14 -2.50 29.06
N ALA B 292 27.78 24.59 16.44
CA ALA B 292 28.86 24.69 15.46
C ALA B 292 28.57 25.80 14.46
N GLU B 293 28.34 25.43 13.19
CA GLU B 293 28.04 26.40 12.14
C GLU B 293 26.93 25.81 11.28
N ALA B 294 25.69 26.03 11.70
CA ALA B 294 24.50 25.56 11.02
C ALA B 294 23.33 26.36 11.57
N VAL B 295 22.16 26.18 10.97
CA VAL B 295 20.94 26.70 11.57
C VAL B 295 20.66 25.89 12.83
N ALA B 296 20.34 26.58 13.91
CA ALA B 296 20.07 25.91 15.18
C ALA B 296 18.56 25.84 15.37
N VAL B 297 17.95 24.76 14.88
CA VAL B 297 16.53 24.55 15.12
C VAL B 297 16.33 24.14 16.57
N LEU B 298 15.37 24.79 17.23
CA LEU B 298 15.15 24.60 18.67
C LEU B 298 13.73 25.02 19.01
N SER B 299 13.27 24.56 20.17
CA SER B 299 11.91 24.84 20.62
C SER B 299 11.87 26.23 21.27
N VAL B 300 10.75 26.56 21.89
CA VAL B 300 10.57 27.89 22.45
C VAL B 300 11.42 28.08 23.71
N HIS B 301 11.64 27.01 24.46
CA HIS B 301 12.40 27.11 25.70
C HIS B 301 13.85 26.74 25.49
N TRP B 308 21.68 36.15 17.37
CA TRP B 308 20.97 35.76 16.16
C TRP B 308 20.60 36.97 15.32
N ASP B 309 20.76 36.84 14.01
CA ASP B 309 20.43 37.93 13.10
C ASP B 309 19.09 37.69 12.42
N PHE B 310 18.74 36.42 12.21
CA PHE B 310 17.57 36.04 11.41
C PHE B 310 16.86 34.90 12.11
N VAL B 311 15.63 35.16 12.54
CA VAL B 311 14.83 34.22 13.33
C VAL B 311 13.55 33.95 12.57
N VAL B 312 13.22 32.67 12.41
CA VAL B 312 12.03 32.23 11.70
C VAL B 312 11.15 31.52 12.72
N ILE B 313 10.11 32.20 13.20
CA ILE B 313 9.11 31.56 14.06
C ILE B 313 8.20 30.74 13.18
N ALA B 314 8.23 29.42 13.35
CA ALA B 314 7.56 28.49 12.44
C ALA B 314 6.53 27.67 13.20
N GLY B 315 5.41 27.38 12.54
CA GLY B 315 4.37 26.56 13.12
C GLY B 315 3.52 27.32 14.10
N VAL B 316 2.79 28.33 13.61
CA VAL B 316 2.06 29.27 14.44
C VAL B 316 0.59 29.03 14.15
N GLN B 317 0.22 27.77 13.92
CA GLN B 317 -1.15 27.40 13.62
C GLN B 317 -2.06 27.64 14.83
N GLU B 318 -3.36 27.63 14.58
CA GLU B 318 -4.34 28.04 15.58
C GLU B 318 -4.57 26.99 16.66
N GLY B 319 -4.62 25.72 16.29
CA GLY B 319 -4.89 24.72 17.29
C GLY B 319 -3.73 24.31 18.16
N LEU B 320 -2.54 24.89 17.95
CA LEU B 320 -1.38 24.39 18.67
C LEU B 320 -0.47 25.44 19.29
N TRP B 321 -0.49 26.70 18.85
CA TRP B 321 0.29 27.68 19.61
C TRP B 321 -0.52 28.15 20.83
N PRO B 322 -1.84 28.51 20.73
CA PRO B 322 -2.63 28.58 21.98
C PRO B 322 -3.23 27.22 22.32
N ASN B 323 -2.88 26.71 23.49
CA ASN B 323 -3.46 25.46 23.95
C ASN B 323 -4.59 25.73 24.93
N GLN B 334 -4.01 17.91 39.32
CA GLN B 334 -3.19 19.07 38.99
C GLN B 334 -3.78 20.33 39.57
N HIS B 335 -5.00 20.22 40.10
CA HIS B 335 -5.63 21.35 40.78
C HIS B 335 -4.94 21.66 42.10
N LEU B 336 -4.25 20.69 42.69
CA LEU B 336 -3.43 20.93 43.87
C LEU B 336 -2.18 21.72 43.51
N VAL B 337 -1.71 21.60 42.27
CA VAL B 337 -0.55 22.36 41.82
C VAL B 337 -0.87 23.83 41.60
N ASP B 338 -2.14 24.18 41.44
CA ASP B 338 -2.57 25.57 41.39
C ASP B 338 -3.13 26.05 42.72
N VAL B 339 -3.63 25.15 43.56
CA VAL B 339 -4.14 25.51 44.88
C VAL B 339 -3.49 24.64 45.93
N VAL B 358 -4.62 31.31 28.30
CA VAL B 358 -4.83 31.89 26.98
C VAL B 358 -3.88 33.07 26.79
N ALA B 359 -3.66 33.84 27.85
CA ALA B 359 -2.71 34.95 27.78
C ALA B 359 -1.29 34.51 28.05
N GLU B 360 -1.10 33.40 28.77
CA GLU B 360 0.23 32.92 29.07
C GLU B 360 0.93 32.38 27.82
N GLU B 361 0.15 31.84 26.87
CA GLU B 361 0.72 31.42 25.60
C GLU B 361 1.17 32.61 24.77
N ARG B 362 0.45 33.73 24.84
CA ARG B 362 0.82 34.91 24.08
C ARG B 362 1.97 35.67 24.73
N ARG B 363 2.39 35.28 25.93
CA ARG B 363 3.61 35.83 26.49
C ARG B 363 4.85 35.29 25.79
N LEU B 364 4.75 34.08 25.23
CA LEU B 364 5.88 33.48 24.52
C LEU B 364 6.08 34.15 23.18
N LEU B 365 5.01 34.45 22.46
CA LEU B 365 5.06 35.09 21.16
C LEU B 365 5.35 36.58 21.33
N ARG B 375 16.46 39.96 11.32
CA ARG B 375 15.04 40.26 11.22
C ARG B 375 14.21 39.11 11.73
N VAL B 376 12.89 39.31 11.77
CA VAL B 376 11.95 38.30 12.26
C VAL B 376 10.91 38.07 11.19
N MET B 377 10.75 36.83 10.76
CA MET B 377 9.69 36.43 9.84
C MET B 377 8.93 35.27 10.45
N ILE B 378 7.61 35.41 10.55
CA ILE B 378 6.77 34.33 11.04
C ILE B 378 6.21 33.61 9.82
N THR B 379 5.86 32.34 10.01
CA THR B 379 5.50 31.46 8.91
C THR B 379 4.41 30.52 9.39
N ALA B 380 3.29 30.49 8.69
CA ALA B 380 2.20 29.58 9.00
C ALA B 380 1.56 29.11 7.71
N VAL B 381 0.75 28.05 7.80
CA VAL B 381 0.05 27.52 6.64
C VAL B 381 -1.38 27.98 6.70
N ASP B 382 -2.07 27.84 5.57
CA ASP B 382 -3.49 28.18 5.47
C ASP B 382 -4.07 27.46 4.26
N SER B 383 -5.02 26.56 4.51
CA SER B 383 -5.67 25.81 3.46
C SER B 383 -6.55 26.71 2.60
N UNK B 384 -6.20 23.38 9.67
CA UNK B 384 -4.96 23.96 9.16
C UNK B 384 -5.12 25.46 8.91
N UNK B 385 -5.55 26.19 9.94
CA UNK B 385 -5.78 27.62 9.90
C UNK B 385 -4.76 28.37 10.75
N UNK B 386 -4.41 29.60 10.39
CA UNK B 386 -3.48 30.38 11.21
C UNK B 386 -4.14 30.83 12.50
N UNK B 387 -3.29 31.26 13.44
CA UNK B 387 -3.75 31.62 14.77
C UNK B 387 -4.27 33.04 14.82
N UNK B 388 -4.91 33.43 15.94
CA UNK B 388 -5.26 34.83 16.13
C UNK B 388 -4.06 35.73 16.31
N UNK B 389 -2.96 35.20 16.85
CA UNK B 389 -1.73 35.99 16.93
C UNK B 389 -1.07 36.11 15.56
N UNK B 390 -1.33 35.16 14.66
CA UNK B 390 -0.80 35.24 13.31
C UNK B 390 -1.60 36.18 12.42
N UNK B 391 -2.85 36.48 12.77
CA UNK B 391 -3.68 37.37 11.99
C UNK B 391 -3.57 38.83 12.41
N UNK B 392 -2.96 39.11 13.56
CA UNK B 392 -2.82 40.48 14.05
C UNK B 392 -1.44 41.07 13.81
N UNK B 393 -0.46 40.26 13.41
CA UNK B 393 0.91 40.75 13.23
C UNK B 393 1.11 41.49 11.92
N UNK B 394 0.08 41.62 11.09
CA UNK B 394 0.21 42.37 9.84
C UNK B 394 0.03 43.87 10.05
N UNK B 395 -0.37 44.31 11.24
CA UNK B 395 -0.62 45.72 11.46
C UNK B 395 0.64 46.45 11.93
N UNK B 396 1.41 45.83 12.83
CA UNK B 396 2.64 46.42 13.34
C UNK B 396 3.86 46.05 12.51
N PRO B 397 -0.52 36.77 -0.14
CA PRO B 397 -1.25 35.62 -0.68
C PRO B 397 -0.53 34.30 -0.46
N PRO B 398 -1.27 33.18 -0.43
CA PRO B 398 -0.64 31.87 -0.27
C PRO B 398 0.14 31.48 -1.52
N LEU B 399 1.43 31.17 -1.33
CA LEU B 399 2.21 30.61 -2.42
C LEU B 399 1.86 29.15 -2.63
N VAL B 400 2.16 28.66 -3.83
CA VAL B 400 1.90 27.25 -4.16
C VAL B 400 3.14 26.53 -4.68
N ALA B 401 4.14 27.23 -5.22
CA ALA B 401 5.39 26.62 -5.66
C ALA B 401 6.47 27.65 -5.54
N PRO B 402 7.08 27.77 -4.36
CA PRO B 402 8.04 28.85 -4.14
C PRO B 402 9.40 28.58 -4.75
N ARG B 403 10.08 29.68 -5.08
CA ARG B 403 11.39 29.66 -5.71
C ARG B 403 12.43 29.14 -4.72
N VAL B 404 13.42 28.40 -5.22
CA VAL B 404 14.48 27.83 -4.40
C VAL B 404 15.81 28.22 -5.06
N LEU B 405 16.88 28.24 -4.26
CA LEU B 405 18.22 28.42 -4.79
C LEU B 405 19.07 27.17 -4.62
N ALA B 406 18.53 26.05 -4.88
CA ALA B 406 19.40 24.90 -5.02
C ALA B 406 19.85 24.78 -6.47
N PRO B 407 21.04 24.23 -6.74
CA PRO B 407 21.47 24.09 -8.14
C PRO B 407 20.68 23.07 -8.92
N SER B 408 20.10 22.07 -8.28
CA SER B 408 19.21 21.14 -8.98
C SER B 408 17.78 21.66 -9.10
N ALA B 409 17.54 22.91 -8.70
CA ALA B 409 16.23 23.52 -8.85
C ALA B 409 16.21 24.61 -9.90
N LEU B 410 17.32 25.34 -10.09
CA LEU B 410 17.45 26.21 -11.25
C LEU B 410 17.46 25.39 -12.52
N VAL B 411 18.35 24.40 -12.59
CA VAL B 411 18.57 23.64 -13.81
C VAL B 411 17.38 22.75 -14.17
N GLY B 412 16.45 22.56 -13.25
CA GLY B 412 15.27 21.79 -13.57
C GLY B 412 14.13 22.66 -14.05
N ARG B 413 14.21 23.96 -13.80
CA ARG B 413 13.19 24.87 -14.32
C ARG B 413 13.56 25.44 -15.68
N LEU B 414 14.84 25.80 -15.86
CA LEU B 414 15.29 26.39 -17.12
C LEU B 414 15.15 25.41 -18.28
N ARG B 415 15.23 24.11 -18.00
CA ARG B 415 14.91 23.11 -19.01
C ARG B 415 13.42 23.04 -19.31
N ALA B 416 12.58 23.52 -18.41
CA ALA B 416 11.14 23.40 -18.60
C ALA B 416 10.52 24.56 -19.36
N VAL B 417 11.30 25.59 -19.69
CA VAL B 417 10.81 26.68 -20.52
C VAL B 417 11.44 26.57 -21.90
N VAL B 418 12.65 26.02 -21.99
CA VAL B 418 13.28 25.85 -23.28
C VAL B 418 12.69 24.64 -24.01
N CYS B 419 12.04 23.74 -23.30
CA CYS B 419 11.32 22.62 -23.90
C CYS B 419 9.83 22.89 -23.69
N ALA B 420 9.24 23.66 -24.60
CA ALA B 420 7.89 24.16 -24.41
C ALA B 420 7.30 24.49 -25.78
N PRO B 421 5.96 24.45 -25.91
CA PRO B 421 5.32 24.90 -27.16
C PRO B 421 5.48 26.40 -27.40
N ARG B 430 13.07 32.27 -23.49
CA ARG B 430 13.79 31.21 -24.18
C ARG B 430 15.24 31.59 -24.44
N ALA B 431 15.46 32.81 -24.93
CA ALA B 431 16.82 33.28 -25.17
C ALA B 431 17.56 33.51 -23.86
N CYS B 432 16.86 33.99 -22.83
CA CYS B 432 17.48 34.12 -21.51
C CYS B 432 17.67 32.77 -20.85
N ALA B 433 16.79 31.80 -21.16
CA ALA B 433 16.87 30.49 -20.55
C ALA B 433 18.04 29.69 -21.11
N ALA B 434 18.12 29.58 -22.45
CA ALA B 434 19.16 28.79 -23.09
C ALA B 434 20.55 29.41 -22.93
N ALA B 435 20.63 30.72 -22.66
CA ALA B 435 21.93 31.34 -22.46
C ALA B 435 22.53 30.96 -21.11
N GLN B 436 21.69 30.70 -20.11
CA GLN B 436 22.17 30.35 -18.79
C GLN B 436 22.44 28.86 -18.65
N LEU B 437 21.74 28.02 -19.42
CA LEU B 437 22.05 26.59 -19.46
C LEU B 437 23.39 26.32 -20.13
N ALA B 438 23.89 27.25 -20.95
CA ALA B 438 25.25 27.12 -21.46
C ALA B 438 26.28 27.50 -20.41
N ARG B 439 25.92 28.36 -19.46
CA ARG B 439 26.85 28.69 -18.39
C ARG B 439 26.95 27.56 -17.39
N LEU B 440 25.81 26.95 -17.05
CA LEU B 440 25.80 25.87 -16.07
C LEU B 440 26.48 24.62 -16.60
N ALA B 441 26.32 24.35 -17.90
CA ALA B 441 26.92 23.16 -18.49
C ALA B 441 28.44 23.28 -18.58
N ALA B 442 28.97 24.50 -18.66
CA ALA B 442 30.40 24.70 -18.79
C ALA B 442 31.15 24.52 -17.48
N ALA B 443 30.46 24.39 -16.35
CA ALA B 443 31.09 24.25 -15.05
C ALA B 443 30.42 23.16 -14.24
N GLY B 444 30.24 21.99 -14.85
CA GLY B 444 29.60 20.88 -14.16
C GLY B 444 28.09 21.02 -14.15
N VAL B 445 27.50 21.08 -12.95
CA VAL B 445 26.07 21.19 -12.68
C VAL B 445 25.34 20.06 -13.41
N PRO B 446 25.34 18.83 -12.86
CA PRO B 446 24.75 17.67 -13.54
C PRO B 446 23.29 17.82 -13.90
N GLY B 447 23.01 17.85 -15.20
CA GLY B 447 21.65 18.01 -15.68
C GLY B 447 21.53 19.09 -16.73
N ALA B 448 22.57 19.92 -16.87
CA ALA B 448 22.48 21.09 -17.73
C ALA B 448 22.79 20.77 -19.18
N ASP B 449 23.86 20.02 -19.42
CA ASP B 449 24.31 19.70 -20.77
C ASP B 449 23.26 18.84 -21.46
N PRO B 450 22.89 19.15 -22.71
CA PRO B 450 21.98 18.26 -23.46
C PRO B 450 22.55 16.88 -23.79
N SER B 451 23.82 16.63 -23.52
CA SER B 451 24.31 15.26 -23.50
C SER B 451 23.70 14.46 -22.35
N GLN B 452 23.34 15.12 -21.25
CA GLN B 452 22.95 14.45 -20.01
C GLN B 452 21.45 14.45 -19.77
N TRP B 453 20.64 14.79 -20.76
CA TRP B 453 19.20 14.72 -20.57
C TRP B 453 18.73 13.31 -20.81
N HIS B 454 17.87 12.79 -19.94
CA HIS B 454 17.44 11.41 -20.03
C HIS B 454 16.49 11.15 -21.19
N ALA B 455 15.96 12.18 -21.84
CA ALA B 455 15.15 12.01 -23.03
C ALA B 455 15.96 12.12 -24.31
N MET B 456 17.28 12.18 -24.21
CA MET B 456 18.16 12.35 -25.36
C MET B 456 19.18 11.22 -25.46
N THR B 457 18.85 10.06 -24.90
CA THR B 457 19.66 8.87 -25.11
C THR B 457 19.09 8.05 -26.26
N SER B 458 19.90 7.12 -26.74
CA SER B 458 19.53 6.30 -27.89
C SER B 458 19.66 4.84 -27.53
N LEU B 459 18.94 4.00 -28.28
CA LEU B 459 19.05 2.56 -28.13
C LEU B 459 20.45 2.11 -28.51
N THR B 460 20.90 1.03 -27.89
CA THR B 460 22.28 0.63 -28.10
C THR B 460 22.48 -0.11 -29.41
N THR B 461 21.50 -0.92 -29.85
CA THR B 461 21.73 -1.82 -30.98
C THR B 461 20.85 -1.50 -32.20
N GLU B 462 19.52 -1.53 -32.06
CA GLU B 462 18.57 -1.58 -33.17
C GLU B 462 18.87 -2.71 -34.16
N GLU B 463 19.34 -3.85 -33.63
CA GLU B 463 19.89 -4.92 -34.43
C GLU B 463 19.19 -6.20 -34.03
N PRO B 464 18.76 -7.04 -34.97
CA PRO B 464 17.92 -8.19 -34.61
C PRO B 464 18.72 -9.29 -33.93
N LEU B 465 17.98 -10.24 -33.35
CA LEU B 465 18.62 -11.27 -32.55
C LEU B 465 19.39 -12.29 -33.38
N TRP B 466 19.02 -12.50 -34.64
CA TRP B 466 19.87 -13.29 -35.51
C TRP B 466 19.76 -12.81 -36.95
N SER B 467 20.44 -13.55 -37.82
CA SER B 467 20.67 -13.25 -39.23
C SER B 467 20.82 -14.57 -39.97
N GLU B 468 21.55 -14.57 -41.09
CA GLU B 468 22.07 -15.71 -41.86
C GLU B 468 21.00 -16.73 -42.27
N PRO B 469 20.17 -16.41 -43.27
CA PRO B 469 19.17 -17.36 -43.78
C PRO B 469 19.79 -18.58 -44.44
N HIS B 471 18.99 -20.02 -40.60
CA HIS B 471 19.07 -20.13 -39.15
C HIS B 471 17.96 -21.05 -38.65
N VAL B 472 18.18 -21.69 -37.49
CA VAL B 472 17.18 -22.59 -36.82
C VAL B 472 16.79 -21.98 -35.45
N VAL B 473 15.49 -21.73 -35.20
CA VAL B 473 14.99 -21.06 -33.95
C VAL B 473 15.05 -21.85 -32.62
N THR B 474 14.58 -23.10 -32.56
CA THR B 474 14.52 -23.93 -31.31
C THR B 474 13.39 -23.49 -30.36
N LEU B 475 12.42 -24.36 -30.07
CA LEU B 475 11.25 -24.05 -29.26
C LEU B 475 10.89 -25.24 -28.39
N SER B 476 11.01 -25.07 -27.08
CA SER B 476 10.41 -25.98 -26.13
C SER B 476 8.90 -25.77 -26.14
N PRO B 477 8.12 -26.78 -25.73
CA PRO B 477 6.65 -26.62 -25.77
C PRO B 477 6.09 -25.63 -24.78
N SER B 478 6.84 -25.25 -23.75
CA SER B 478 6.37 -24.21 -22.84
C SER B 478 6.77 -22.81 -23.28
N THR B 479 7.56 -22.69 -24.36
CA THR B 479 7.81 -21.41 -25.01
C THR B 479 7.09 -21.31 -26.34
N LEU B 480 6.02 -22.06 -26.51
CA LEU B 480 5.07 -21.82 -27.57
C LEU B 480 3.70 -21.50 -27.00
N GLN B 481 3.43 -21.96 -25.79
CA GLN B 481 2.31 -21.43 -25.01
C GLN B 481 2.56 -19.99 -24.61
N MET B 482 3.79 -19.69 -24.18
CA MET B 482 4.20 -18.31 -23.80
C MET B 482 4.38 -17.39 -25.02
N LEU B 483 5.05 -17.88 -26.07
CA LEU B 483 5.43 -17.08 -27.28
C LEU B 483 4.26 -16.59 -28.14
N THR B 484 3.25 -17.43 -28.37
CA THR B 484 2.11 -17.05 -29.27
C THR B 484 1.07 -16.24 -28.48
N ASP B 485 1.35 -16.03 -27.20
CA ASP B 485 0.47 -15.36 -26.26
C ASP B 485 0.90 -13.93 -26.02
N CYS B 486 2.18 -13.69 -25.81
CA CYS B 486 2.78 -12.37 -25.86
C CYS B 486 4.27 -12.47 -26.16
N PRO B 487 4.75 -11.93 -27.25
CA PRO B 487 6.17 -12.08 -27.56
C PRO B 487 7.09 -11.10 -26.85
N LEU B 488 6.59 -10.35 -25.87
CA LEU B 488 7.48 -9.63 -24.96
C LEU B 488 7.61 -10.36 -23.63
N ARG B 489 6.58 -11.10 -23.23
CA ARG B 489 6.67 -12.00 -22.09
C ARG B 489 7.75 -13.04 -22.29
N TRP B 490 7.96 -13.49 -23.52
CA TRP B 490 9.05 -14.40 -23.81
C TRP B 490 10.40 -13.70 -23.66
N LEU B 491 10.48 -12.44 -24.06
CA LEU B 491 11.78 -11.77 -24.11
C LEU B 491 12.24 -11.34 -22.73
N LEU B 492 11.33 -11.02 -21.82
CA LEU B 492 11.73 -10.48 -20.54
C LEU B 492 11.49 -11.40 -19.35
N GLU B 493 10.63 -12.42 -19.46
CA GLU B 493 10.58 -13.39 -18.38
C GLU B 493 11.68 -14.42 -18.53
N ARG B 494 11.96 -14.83 -19.76
CA ARG B 494 13.23 -15.47 -20.04
C ARG B 494 14.25 -14.35 -20.18
N HIS B 495 15.50 -14.71 -20.49
CA HIS B 495 16.62 -13.77 -20.64
C HIS B 495 16.87 -12.95 -19.39
N GLY B 496 16.50 -13.46 -18.23
CA GLY B 496 16.62 -12.72 -16.99
C GLY B 496 15.47 -11.78 -16.77
N GLY B 497 15.00 -11.73 -15.54
CA GLY B 497 13.88 -10.93 -15.13
C GLY B 497 12.73 -11.86 -14.81
N ASP B 498 12.76 -12.34 -13.59
CA ASP B 498 11.90 -13.38 -13.07
C ASP B 498 12.22 -13.33 -11.59
N ASP B 499 11.22 -13.11 -10.75
CA ASP B 499 11.55 -12.58 -9.43
C ASP B 499 12.02 -13.65 -8.46
N GLY B 500 11.98 -14.93 -8.84
CA GLY B 500 12.46 -15.96 -7.96
C GLY B 500 12.13 -17.37 -8.37
N ARG B 501 11.86 -18.23 -7.38
CA ARG B 501 11.76 -19.67 -7.62
C ARG B 501 10.44 -20.29 -7.17
N ASP B 502 9.66 -19.66 -6.29
CA ASP B 502 8.26 -20.02 -6.03
C ASP B 502 8.03 -21.43 -5.51
N VAL B 503 8.23 -21.65 -4.20
CA VAL B 503 8.21 -22.93 -3.48
C VAL B 503 7.07 -23.87 -3.87
N ARG B 504 5.95 -23.34 -4.34
CA ARG B 504 4.92 -24.18 -4.94
C ARG B 504 5.27 -24.68 -6.34
N SER B 505 6.51 -24.47 -6.82
CA SER B 505 6.96 -25.04 -8.08
C SER B 505 8.21 -25.89 -7.94
N THR B 506 8.67 -26.14 -6.72
CA THR B 506 9.63 -27.21 -6.47
C THR B 506 8.98 -28.35 -5.71
N VAL B 507 7.68 -28.26 -5.48
CA VAL B 507 6.89 -29.36 -4.95
C VAL B 507 6.19 -29.98 -6.15
N GLY B 508 5.81 -29.14 -7.12
CA GLY B 508 5.26 -29.64 -8.36
C GLY B 508 6.27 -30.39 -9.20
N SER B 509 7.55 -30.06 -9.08
CA SER B 509 8.61 -30.81 -9.74
C SER B 509 9.15 -31.94 -8.89
N LEU B 510 8.76 -31.99 -7.61
CA LEU B 510 9.10 -33.11 -6.76
C LEU B 510 8.12 -34.25 -6.92
N VAL B 511 6.88 -33.96 -7.29
CA VAL B 511 5.92 -35.02 -7.55
C VAL B 511 6.19 -35.66 -8.90
N HIS B 512 6.65 -34.88 -9.88
CA HIS B 512 6.99 -35.44 -11.19
C HIS B 512 8.20 -36.36 -11.15
N ALA B 513 9.03 -36.30 -10.10
CA ALA B 513 10.15 -37.22 -10.00
C ALA B 513 9.72 -38.55 -9.36
N LEU B 514 8.78 -38.49 -8.42
CA LEU B 514 8.33 -39.70 -7.74
C LEU B 514 7.51 -40.59 -8.67
N VAL B 515 6.61 -39.96 -9.44
CA VAL B 515 5.68 -40.69 -10.28
C VAL B 515 6.41 -41.41 -11.42
N SER B 516 7.53 -40.86 -11.86
CA SER B 516 8.21 -41.35 -13.06
C SER B 516 8.89 -42.71 -12.87
N GLU B 517 9.26 -43.07 -11.64
CA GLU B 517 9.98 -44.31 -11.39
C GLU B 517 9.11 -45.52 -11.65
N PRO B 518 9.55 -46.49 -12.44
CA PRO B 518 8.63 -47.55 -12.92
C PRO B 518 8.31 -48.65 -11.91
N GLY B 519 9.28 -49.07 -11.11
CA GLY B 519 9.08 -50.26 -10.30
C GLY B 519 8.73 -50.02 -8.85
N LYS B 520 7.87 -49.03 -8.57
CA LYS B 520 7.51 -48.69 -7.20
C LYS B 520 6.00 -48.59 -7.05
N THR B 521 5.54 -48.78 -5.81
CA THR B 521 4.13 -48.87 -5.49
C THR B 521 3.71 -47.67 -4.65
N GLU B 522 2.44 -47.69 -4.19
CA GLU B 522 1.85 -46.51 -3.58
C GLU B 522 2.40 -46.23 -2.19
N SER B 523 2.94 -47.24 -1.52
CA SER B 523 3.61 -47.04 -0.24
C SER B 523 5.10 -46.79 -0.40
N GLN B 524 5.65 -47.07 -1.58
CA GLN B 524 7.02 -46.67 -1.87
C GLN B 524 7.11 -45.16 -2.06
N LEU B 525 6.12 -44.58 -2.74
CA LEU B 525 6.15 -43.18 -3.10
C LEU B 525 5.87 -42.28 -1.92
N VAL B 526 4.93 -42.68 -1.05
CA VAL B 526 4.64 -41.93 0.17
C VAL B 526 5.84 -41.93 1.10
N ASN B 527 6.60 -43.03 1.13
CA ASN B 527 7.76 -43.11 1.98
C ASN B 527 8.92 -42.26 1.48
N GLU B 528 8.90 -41.85 0.23
CA GLU B 528 9.93 -40.93 -0.28
C GLU B 528 9.63 -39.49 0.11
N LEU B 529 8.41 -39.02 -0.18
CA LEU B 529 8.06 -37.64 0.08
C LEU B 529 7.92 -37.35 1.57
N GLU B 530 7.67 -38.37 2.39
CA GLU B 530 7.67 -38.20 3.84
C GLU B 530 9.07 -37.95 4.36
N LYS B 531 10.10 -38.34 3.61
CA LYS B 531 11.50 -38.37 4.03
C LYS B 531 12.26 -37.11 3.63
N VAL B 532 11.86 -36.46 2.53
CA VAL B 532 12.59 -35.31 2.00
C VAL B 532 11.89 -33.99 2.37
N TRP B 533 10.64 -34.05 2.84
CA TRP B 533 9.77 -32.89 2.92
C TRP B 533 10.25 -31.84 3.93
N ASP B 534 10.94 -32.26 4.97
CA ASP B 534 11.20 -31.35 6.09
C ASP B 534 12.22 -30.29 5.73
N ASP B 535 13.05 -30.52 4.73
CA ASP B 535 14.04 -29.52 4.33
C ASP B 535 13.50 -28.63 3.21
N LEU B 536 12.30 -28.07 3.43
CA LEU B 536 11.62 -27.15 2.52
C LEU B 536 11.31 -25.85 3.23
N PRO B 537 11.45 -24.72 2.56
CA PRO B 537 11.35 -23.42 3.26
C PRO B 537 9.91 -22.93 3.40
N TYR B 538 9.08 -23.69 4.11
CA TYR B 538 7.82 -23.18 4.59
C TYR B 538 8.02 -22.50 5.93
N ASP B 539 7.64 -21.23 6.02
CA ASP B 539 7.28 -20.69 7.32
C ASP B 539 5.88 -21.20 7.68
N ALA B 540 5.47 -20.94 8.94
CA ALA B 540 4.20 -21.41 9.50
C ALA B 540 4.09 -22.93 9.46
N LYS B 541 4.80 -23.61 10.36
CA LYS B 541 4.89 -25.08 10.33
C LYS B 541 3.58 -25.82 10.60
N TRP B 542 2.45 -25.14 10.77
CA TRP B 542 1.17 -25.82 10.62
C TRP B 542 0.78 -25.98 9.15
N TYR B 543 1.36 -25.17 8.27
CA TYR B 543 1.10 -25.25 6.84
C TYR B 543 2.07 -26.17 6.14
N SER B 544 3.21 -26.45 6.74
CA SER B 544 4.12 -27.47 6.25
C SER B 544 3.70 -28.87 6.66
N ASP B 545 2.55 -29.02 7.31
CA ASP B 545 1.95 -30.31 7.62
C ASP B 545 0.63 -30.53 6.92
N ASN B 546 -0.13 -29.47 6.64
CA ASN B 546 -1.34 -29.61 5.86
C ASN B 546 -1.04 -29.88 4.40
N GLU B 547 0.05 -29.31 3.88
CA GLU B 547 0.43 -29.53 2.49
C GLU B 547 1.00 -30.92 2.27
N LEU B 548 1.60 -31.53 3.29
CA LEU B 548 2.09 -32.89 3.14
C LEU B 548 0.94 -33.87 3.04
N ALA B 549 -0.11 -33.68 3.84
CA ALA B 549 -1.28 -34.55 3.76
C ALA B 549 -2.10 -34.28 2.52
N ARG B 550 -1.89 -33.14 1.86
CA ARG B 550 -2.54 -32.86 0.59
C ARG B 550 -1.77 -33.49 -0.57
N HIS B 551 -0.46 -33.61 -0.44
CA HIS B 551 0.35 -34.23 -1.49
C HIS B 551 0.50 -35.73 -1.34
N ARG B 552 0.34 -36.27 -0.13
CA ARG B 552 0.27 -37.73 0.00
C ARG B 552 -1.01 -38.29 -0.56
N ALA B 553 -2.08 -37.50 -0.60
CA ALA B 553 -3.31 -37.92 -1.25
C ALA B 553 -3.28 -37.67 -2.75
N MET B 554 -2.32 -36.90 -3.23
CA MET B 554 -2.17 -36.66 -4.65
C MET B 554 -1.34 -37.74 -5.31
N LEU B 555 -0.47 -38.39 -4.55
CA LEU B 555 0.22 -39.60 -4.99
C LEU B 555 -0.67 -40.83 -4.89
N GLU B 556 -1.77 -40.76 -4.17
CA GLU B 556 -2.80 -41.79 -4.24
C GLU B 556 -3.81 -41.53 -5.34
N THR B 557 -3.95 -40.27 -5.76
CA THR B 557 -4.82 -39.94 -6.88
C THR B 557 -4.26 -40.46 -8.19
N PHE B 558 -2.94 -40.55 -8.29
CA PHE B 558 -2.30 -41.05 -9.51
C PHE B 558 -2.58 -42.53 -9.73
N THR B 559 -2.50 -43.34 -8.67
CA THR B 559 -2.67 -44.78 -8.83
C THR B 559 -4.12 -45.17 -9.09
N ARG B 560 -5.07 -44.40 -8.54
CA ARG B 560 -6.46 -44.67 -8.86
C ARG B 560 -6.80 -44.24 -10.29
N TRP B 561 -6.02 -43.31 -10.84
CA TRP B 561 -6.16 -42.98 -12.26
C TRP B 561 -5.61 -44.10 -13.14
N ARG B 562 -4.47 -44.68 -12.74
CA ARG B 562 -3.84 -45.67 -13.59
C ARG B 562 -4.50 -47.03 -13.46
N GLU B 563 -5.19 -47.28 -12.35
CA GLU B 563 -5.96 -48.51 -12.20
C GLU B 563 -7.38 -48.37 -12.74
N ASP B 564 -7.67 -47.29 -13.46
CA ASP B 564 -8.98 -47.07 -14.06
C ASP B 564 -8.94 -46.79 -15.55
N THR B 565 -7.77 -46.56 -16.13
CA THR B 565 -7.62 -46.35 -17.56
C THR B 565 -6.86 -47.45 -18.25
N ARG B 566 -6.55 -48.55 -17.56
CA ARG B 566 -5.58 -49.51 -18.05
C ARG B 566 -6.26 -50.76 -18.57
N LEU B 569 -5.56 -48.35 -22.05
CA LEU B 569 -4.31 -47.80 -22.57
C LEU B 569 -3.15 -48.74 -22.27
N THR B 570 -1.99 -48.47 -22.84
CA THR B 570 -0.83 -49.32 -22.64
C THR B 570 0.42 -48.46 -22.69
N GLU B 571 1.29 -48.61 -21.70
CA GLU B 571 2.47 -47.76 -21.59
C GLU B 571 3.49 -48.11 -22.67
N VAL B 572 4.28 -47.10 -23.04
CA VAL B 572 5.39 -47.28 -23.96
C VAL B 572 6.66 -46.86 -23.24
N ALA B 573 6.72 -45.60 -22.82
CA ALA B 573 7.82 -45.10 -21.99
C ALA B 573 7.34 -43.89 -21.22
N THR B 574 8.22 -43.35 -20.38
CA THR B 574 7.86 -42.31 -19.43
C THR B 574 9.04 -41.35 -19.28
N GLU B 575 8.75 -40.05 -19.27
CA GLU B 575 9.73 -38.95 -19.27
C GLU B 575 10.65 -39.06 -20.49
N ILE B 576 10.02 -39.11 -21.66
CA ILE B 576 10.73 -39.25 -22.93
C ILE B 576 11.33 -37.91 -23.33
N PRO B 577 12.60 -37.85 -23.71
CA PRO B 577 13.14 -36.62 -24.32
C PRO B 577 12.70 -36.54 -25.77
N VAL B 578 12.02 -35.46 -26.12
CA VAL B 578 11.59 -35.20 -27.49
C VAL B 578 12.54 -34.20 -28.09
N GLU B 579 13.25 -34.62 -29.14
CA GLU B 579 14.18 -33.72 -29.83
C GLU B 579 14.26 -34.15 -31.28
N GLY B 580 13.91 -33.22 -32.18
CA GLY B 580 13.93 -33.46 -33.64
C GLY B 580 13.71 -32.17 -34.40
N ILE B 581 13.57 -32.24 -35.72
CA ILE B 581 13.31 -31.03 -36.56
C ILE B 581 11.87 -31.09 -37.05
N VAL B 582 10.94 -30.45 -36.32
CA VAL B 582 9.49 -30.47 -36.66
C VAL B 582 9.22 -29.79 -38.01
N VAL B 583 9.83 -28.62 -38.27
CA VAL B 583 9.62 -27.91 -39.56
C VAL B 583 10.97 -27.74 -40.28
N GLU B 584 11.04 -28.09 -41.56
CA GLU B 584 12.29 -27.97 -42.35
C GLU B 584 12.29 -26.64 -43.12
N PRO B 590 12.60 -20.60 -41.50
CA PRO B 590 13.55 -21.16 -40.53
C PRO B 590 13.06 -22.46 -39.90
N GLY B 591 13.98 -23.35 -39.58
CA GLY B 591 13.62 -24.55 -38.84
C GLY B 591 13.36 -24.24 -37.39
N VAL B 592 12.54 -25.09 -36.76
CA VAL B 592 12.17 -24.88 -35.33
C VAL B 592 13.00 -25.83 -34.45
N ARG B 593 12.81 -27.15 -34.65
CA ARG B 593 13.50 -28.25 -33.91
C ARG B 593 13.03 -28.30 -32.44
N VAL B 594 12.05 -29.17 -32.17
CA VAL B 594 11.47 -29.30 -30.79
C VAL B 594 12.57 -29.73 -29.81
N ARG B 595 12.50 -29.20 -28.58
CA ARG B 595 13.48 -29.51 -27.50
C ARG B 595 12.73 -29.56 -26.16
N GLY B 596 11.91 -30.59 -25.95
CA GLY B 596 11.14 -30.71 -24.70
C GLY B 596 11.46 -32.00 -23.95
N ARG B 597 10.51 -32.47 -23.13
CA ARG B 597 10.67 -33.72 -22.34
C ARG B 597 9.28 -34.29 -22.07
N LEU B 598 8.70 -34.99 -23.06
CA LEU B 598 7.34 -35.57 -22.93
C LEU B 598 7.16 -36.18 -21.53
N ASP B 599 6.02 -35.88 -20.89
CA ASP B 599 5.69 -36.41 -19.54
C ASP B 599 5.34 -37.90 -19.47
N ARG B 600 4.43 -38.39 -20.35
CA ARG B 600 3.97 -39.80 -20.34
C ARG B 600 3.59 -40.18 -21.77
N LEU B 601 3.91 -41.41 -22.19
CA LEU B 601 3.55 -41.89 -23.55
C LEU B 601 2.64 -43.09 -23.39
N GLU B 602 1.46 -43.08 -24.04
CA GLU B 602 0.50 -44.20 -23.92
C GLU B 602 0.06 -44.65 -25.31
N ARG B 603 -0.38 -45.90 -25.43
CA ARG B 603 -0.80 -46.45 -26.71
C ARG B 603 -2.26 -46.86 -26.63
N ASP B 604 -3.05 -46.44 -27.62
CA ASP B 604 -4.49 -46.64 -27.59
C ASP B 604 -4.84 -48.06 -28.03
N GLU B 605 -6.13 -48.30 -28.25
CA GLU B 605 -6.59 -49.63 -28.64
C GLU B 605 -6.25 -49.91 -30.10
N ALA B 606 -6.44 -48.92 -30.97
CA ALA B 606 -6.27 -49.15 -32.40
C ALA B 606 -4.80 -49.20 -32.83
N GLY B 607 -3.89 -48.63 -32.04
CA GLY B 607 -2.49 -48.60 -32.42
C GLY B 607 -1.94 -47.20 -32.62
N ARG B 608 -2.50 -46.24 -31.89
CA ARG B 608 -2.10 -44.85 -31.98
C ARG B 608 -1.17 -44.51 -30.81
N LEU B 609 -0.84 -43.23 -30.68
CA LEU B 609 0.02 -42.77 -29.58
C LEU B 609 -0.58 -41.51 -28.97
N VAL B 610 -1.21 -41.66 -27.82
CA VAL B 610 -1.75 -40.51 -27.10
C VAL B 610 -0.66 -39.95 -26.19
N VAL B 611 -0.75 -38.64 -25.94
CA VAL B 611 0.26 -37.94 -25.07
C VAL B 611 -0.46 -37.46 -23.80
N VAL B 612 0.22 -37.58 -22.65
CA VAL B 612 -0.37 -37.16 -21.34
C VAL B 612 0.50 -36.07 -20.73
N ASP B 613 -0.12 -35.10 -20.05
CA ASP B 613 0.61 -33.97 -19.40
C ASP B 613 0.17 -33.90 -17.94
N LEU B 614 0.74 -34.77 -17.10
CA LEU B 614 0.39 -34.83 -15.65
C LEU B 614 0.58 -33.46 -14.99
N LYS B 615 -0.52 -32.74 -14.76
CA LYS B 615 -0.50 -31.47 -14.07
C LYS B 615 -0.64 -31.70 -12.57
N THR B 616 -0.32 -30.68 -11.78
CA THR B 616 -0.56 -30.72 -10.34
C THR B 616 -1.36 -29.52 -9.87
N GLY B 617 -2.09 -28.86 -10.75
CA GLY B 617 -2.84 -27.70 -10.38
C GLY B 617 -4.24 -28.01 -9.91
N LYS B 618 -4.80 -27.10 -9.14
CA LYS B 618 -6.13 -27.32 -8.58
C LYS B 618 -7.23 -27.10 -9.61
N SER B 619 -7.07 -26.09 -10.47
CA SER B 619 -8.15 -25.59 -11.30
C SER B 619 -7.88 -25.89 -12.76
N PRO B 620 -8.79 -26.56 -13.46
CA PRO B 620 -8.48 -26.99 -14.83
C PRO B 620 -8.81 -25.98 -15.91
N VAL B 621 -8.55 -26.37 -17.15
CA VAL B 621 -8.82 -25.57 -18.34
C VAL B 621 -10.17 -26.01 -18.90
N THR B 622 -10.97 -25.06 -19.36
CA THR B 622 -12.27 -25.35 -19.94
C THR B 622 -12.13 -26.20 -21.19
N LYS B 623 -13.11 -27.06 -21.43
CA LYS B 623 -13.02 -28.06 -22.48
C LYS B 623 -13.04 -27.44 -23.87
N ASP B 624 -13.58 -26.23 -24.01
CA ASP B 624 -13.49 -25.51 -25.28
C ASP B 624 -12.13 -24.90 -25.50
N ASP B 625 -11.26 -24.91 -24.47
CA ASP B 625 -9.95 -24.29 -24.53
C ASP B 625 -8.84 -25.32 -24.37
N ALA B 626 -9.18 -26.57 -24.09
CA ALA B 626 -8.21 -27.65 -24.03
C ALA B 626 -8.08 -28.37 -25.35
N GLN B 627 -8.59 -27.79 -26.44
CA GLN B 627 -8.28 -28.25 -27.78
C GLN B 627 -7.58 -27.18 -28.61
N ASN B 628 -7.64 -25.93 -28.19
CA ASN B 628 -6.74 -24.90 -28.66
C ASN B 628 -5.48 -24.79 -27.80
N HIS B 629 -5.20 -25.81 -27.00
CA HIS B 629 -4.08 -25.78 -26.07
C HIS B 629 -2.80 -25.99 -26.86
N ALA B 630 -1.91 -25.00 -26.83
CA ALA B 630 -0.75 -25.00 -27.71
C ALA B 630 0.37 -25.89 -27.24
N GLN B 631 0.27 -26.45 -26.04
CA GLN B 631 1.36 -27.25 -25.50
C GLN B 631 1.21 -28.72 -25.82
N LEU B 632 -0.01 -29.26 -25.78
CA LEU B 632 -0.22 -30.62 -26.26
C LEU B 632 -0.05 -30.72 -27.76
N ALA B 633 -0.41 -29.67 -28.49
CA ALA B 633 -0.39 -29.73 -29.94
C ALA B 633 0.99 -29.57 -30.55
N MET B 634 2.04 -29.45 -29.74
CA MET B 634 3.38 -29.66 -30.25
C MET B 634 3.86 -31.09 -30.01
N TYR B 635 3.40 -31.73 -28.93
CA TYR B 635 3.81 -33.11 -28.69
C TYR B 635 3.24 -34.05 -29.73
N GLN B 636 1.94 -33.99 -29.97
CA GLN B 636 1.36 -34.90 -30.96
C GLN B 636 1.68 -34.49 -32.38
N LEU B 637 2.16 -33.28 -32.59
CA LEU B 637 2.72 -32.90 -33.87
C LEU B 637 4.15 -33.37 -34.03
N ALA B 638 4.80 -33.74 -32.92
CA ALA B 638 6.07 -34.43 -32.97
C ALA B 638 5.92 -35.95 -32.98
N VAL B 639 4.72 -36.46 -32.78
CA VAL B 639 4.47 -37.89 -32.93
C VAL B 639 4.37 -38.24 -34.41
N ALA B 640 3.71 -37.39 -35.19
CA ALA B 640 3.88 -37.42 -36.63
C ALA B 640 5.24 -36.84 -36.99
N ALA B 641 5.54 -36.86 -38.30
CA ALA B 641 6.82 -36.43 -38.87
C ALA B 641 8.00 -37.17 -38.25
N GLY B 642 7.82 -38.45 -37.94
CA GLY B 642 8.86 -39.21 -37.28
C GLY B 642 8.97 -38.83 -35.82
N LEU B 643 10.16 -39.07 -35.25
CA LEU B 643 10.53 -38.86 -33.83
C LEU B 643 9.47 -39.17 -32.78
N GLU B 649 1.75 -42.68 -36.57
CA GLU B 649 0.38 -42.62 -36.11
C GLU B 649 0.03 -41.21 -35.65
N PRO B 650 -1.17 -40.73 -35.96
CA PRO B 650 -1.58 -39.39 -35.51
C PRO B 650 -1.79 -39.29 -34.00
N GLY B 651 -2.57 -40.19 -33.40
CA GLY B 651 -2.61 -40.31 -31.96
C GLY B 651 -3.83 -39.77 -31.23
N GLY B 652 -3.62 -38.73 -30.42
CA GLY B 652 -4.67 -38.20 -29.57
C GLY B 652 -4.08 -37.26 -28.55
N GLY B 653 -4.94 -36.76 -27.67
CA GLY B 653 -4.51 -35.82 -26.65
C GLY B 653 -5.15 -36.13 -25.32
N LYS B 654 -4.49 -35.68 -24.26
CA LYS B 654 -4.91 -35.97 -22.90
C LYS B 654 -4.20 -34.99 -21.97
N LEU B 655 -4.87 -34.64 -20.88
CA LEU B 655 -4.31 -33.66 -19.94
C LEU B 655 -4.97 -33.92 -18.59
N VAL B 656 -4.20 -34.43 -17.64
CA VAL B 656 -4.76 -35.02 -16.42
C VAL B 656 -4.33 -34.19 -15.22
N TYR B 657 -5.30 -33.69 -14.48
CA TYR B 657 -5.07 -32.81 -13.33
C TYR B 657 -5.10 -33.64 -12.05
N LEU B 658 -3.94 -34.10 -11.62
CA LEU B 658 -3.78 -34.54 -10.24
C LEU B 658 -4.01 -33.35 -9.32
N GLY B 659 -4.70 -33.57 -8.22
CA GLY B 659 -5.24 -32.44 -7.51
C GLY B 659 -6.74 -32.59 -7.38
N LYS B 660 -7.49 -31.74 -8.08
CA LYS B 660 -8.93 -31.95 -8.17
C LYS B 660 -9.27 -33.23 -8.92
N ALA B 666 -9.56 -37.69 -10.74
CA ALA B 666 -8.70 -36.79 -11.51
C ALA B 666 -9.45 -36.29 -12.74
N THR B 667 -9.78 -35.00 -12.75
CA THR B 667 -10.55 -34.40 -13.84
C THR B 667 -9.65 -34.26 -15.06
N GLU B 668 -9.78 -35.17 -16.01
CA GLU B 668 -8.96 -35.07 -17.21
C GLU B 668 -9.62 -34.18 -18.24
N ARG B 669 -8.80 -33.64 -19.12
CA ARG B 669 -9.25 -32.90 -20.29
C ARG B 669 -8.67 -33.56 -21.53
N GLU B 670 -9.42 -33.52 -22.63
CA GLU B 670 -9.07 -34.30 -23.80
C GLU B 670 -8.81 -33.37 -24.98
N GLN B 671 -8.39 -33.97 -26.09
CA GLN B 671 -8.15 -33.26 -27.33
C GLN B 671 -8.28 -34.26 -28.48
N ASP B 672 -9.06 -33.91 -29.49
CA ASP B 672 -9.26 -34.80 -30.63
C ASP B 672 -7.97 -34.93 -31.44
N PRO B 673 -7.74 -36.07 -32.08
CA PRO B 673 -6.50 -36.26 -32.83
C PRO B 673 -6.43 -35.39 -34.07
N LEU B 674 -5.20 -35.25 -34.58
CA LEU B 674 -4.92 -34.30 -35.66
C LEU B 674 -5.20 -34.94 -37.01
N THR B 675 -6.31 -34.54 -37.63
CA THR B 675 -6.48 -34.77 -39.05
C THR B 675 -5.49 -33.89 -39.81
N PRO B 676 -5.06 -34.34 -41.00
CA PRO B 676 -4.11 -33.53 -41.78
C PRO B 676 -4.69 -32.22 -42.33
N ASP B 677 -5.99 -31.99 -42.22
CA ASP B 677 -6.56 -30.69 -42.52
C ASP B 677 -6.47 -29.73 -41.34
N LYS B 678 -6.18 -30.23 -40.15
CA LYS B 678 -5.99 -29.41 -38.96
C LYS B 678 -4.55 -29.33 -38.51
N ARG B 679 -3.68 -30.20 -39.03
CA ARG B 679 -2.26 -30.07 -38.75
C ARG B 679 -1.67 -28.89 -39.50
N ALA B 680 -1.98 -28.76 -40.78
CA ALA B 680 -1.43 -27.68 -41.59
C ALA B 680 -1.96 -26.31 -41.18
N GLU B 681 -3.15 -26.25 -40.59
CA GLU B 681 -3.62 -25.00 -40.03
C GLU B 681 -2.95 -24.70 -38.71
N TRP B 682 -2.36 -25.71 -38.08
CA TRP B 682 -1.63 -25.53 -36.84
C TRP B 682 -0.12 -25.41 -37.06
N LEU B 683 0.40 -26.02 -38.11
CA LEU B 683 1.82 -26.00 -38.41
C LEU B 683 2.29 -24.65 -38.93
N GLU B 684 1.37 -23.75 -39.28
CA GLU B 684 1.70 -22.39 -39.65
C GLU B 684 1.71 -21.45 -38.44
N THR B 685 1.25 -21.91 -37.28
CA THR B 685 1.39 -21.12 -36.06
C THR B 685 2.82 -21.14 -35.58
N VAL B 686 3.46 -22.32 -35.62
CA VAL B 686 4.86 -22.47 -35.26
C VAL B 686 5.74 -21.66 -36.21
N GLY B 687 5.37 -21.58 -37.49
CA GLY B 687 6.17 -20.83 -38.43
C GLY B 687 6.06 -19.33 -38.24
N GLU B 688 4.91 -18.85 -37.78
CA GLU B 688 4.72 -17.42 -37.56
C GLU B 688 5.13 -16.97 -36.18
N ALA B 689 5.24 -17.91 -35.23
CA ALA B 689 5.69 -17.54 -33.89
C ALA B 689 7.20 -17.57 -33.80
N ALA B 690 7.84 -18.60 -34.37
CA ALA B 690 9.29 -18.73 -34.32
C ALA B 690 10.01 -17.65 -35.09
N ALA B 691 9.36 -17.05 -36.08
CA ALA B 691 9.95 -15.94 -36.81
C ALA B 691 9.79 -14.63 -36.06
N ALA B 692 9.01 -14.60 -34.99
CA ALA B 692 8.80 -13.40 -34.19
C ALA B 692 9.72 -13.33 -32.99
N THR B 693 10.75 -14.17 -32.94
CA THR B 693 11.76 -14.10 -31.88
C THR B 693 13.10 -13.63 -32.39
N ALA B 694 13.12 -12.98 -33.55
CA ALA B 694 14.37 -12.53 -34.16
C ALA B 694 14.47 -11.01 -34.19
N GLY B 695 13.50 -10.35 -34.82
CA GLY B 695 13.61 -8.96 -35.11
C GLY B 695 13.45 -8.14 -33.87
N PRO B 696 13.91 -6.90 -33.90
CA PRO B 696 13.67 -6.00 -32.77
C PRO B 696 12.22 -5.58 -32.72
N ARG B 697 11.86 -4.79 -31.71
CA ARG B 697 10.52 -4.25 -31.52
C ARG B 697 9.48 -5.37 -31.38
N PHE B 698 9.59 -6.08 -30.28
CA PHE B 698 8.65 -7.15 -29.93
C PHE B 698 7.28 -6.57 -29.59
N VAL B 699 6.24 -7.26 -30.03
CA VAL B 699 4.86 -6.85 -29.79
C VAL B 699 4.47 -7.24 -28.38
N ALA B 700 3.65 -6.42 -27.72
CA ALA B 700 3.26 -6.63 -26.33
C ALA B 700 1.74 -6.58 -26.19
N ARG B 701 1.08 -7.74 -26.27
CA ARG B 701 -0.38 -7.80 -26.23
C ARG B 701 -0.88 -7.65 -24.80
N VAL B 702 -2.18 -7.82 -24.62
CA VAL B 702 -2.79 -7.90 -23.30
C VAL B 702 -3.51 -9.23 -23.21
N ASN B 703 -3.09 -10.06 -22.26
CA ASN B 703 -3.57 -11.42 -22.15
C ASN B 703 -4.41 -11.61 -20.91
N ASN B 704 -4.80 -12.86 -20.68
CA ASN B 704 -5.50 -13.20 -19.45
C ASN B 704 -4.54 -13.16 -18.26
N GLY B 705 -3.27 -13.43 -18.49
CA GLY B 705 -2.29 -13.52 -17.42
C GLY B 705 -1.52 -12.25 -17.17
N CYS B 706 -2.19 -11.11 -17.20
CA CYS B 706 -1.57 -9.83 -16.88
C CYS B 706 -1.57 -9.55 -15.39
N ALA B 707 -1.98 -10.51 -14.56
CA ALA B 707 -1.89 -10.41 -13.12
C ALA B 707 -0.89 -11.41 -12.54
N ASN B 708 -0.07 -12.00 -13.38
CA ASN B 708 0.97 -12.92 -12.92
C ASN B 708 2.29 -12.73 -13.62
N CYS B 709 2.43 -11.75 -14.50
CA CYS B 709 3.69 -11.61 -15.21
C CYS B 709 4.70 -10.92 -14.31
N PRO B 710 5.95 -11.37 -14.30
CA PRO B 710 6.96 -10.70 -13.48
C PRO B 710 7.30 -9.34 -14.02
N VAL B 711 7.32 -9.20 -15.34
CA VAL B 711 7.77 -7.98 -16.00
C VAL B 711 6.56 -7.17 -16.39
N ARG B 712 6.14 -6.27 -15.51
CA ARG B 712 4.95 -5.46 -15.71
C ARG B 712 5.21 -3.99 -15.42
N SER B 713 6.21 -3.72 -14.59
CA SER B 713 6.71 -2.37 -14.33
C SER B 713 7.47 -1.78 -15.50
N SER B 714 7.74 -2.54 -16.55
CA SER B 714 8.34 -2.02 -17.77
C SER B 714 7.58 -2.43 -19.03
N CYS B 715 6.28 -2.56 -18.96
CA CYS B 715 5.47 -2.96 -20.10
C CYS B 715 4.89 -1.74 -20.79
N PRO B 716 4.97 -1.66 -22.12
CA PRO B 716 4.36 -0.51 -22.81
C PRO B 716 2.84 -0.53 -22.84
N ALA B 717 2.21 -1.70 -22.75
CA ALA B 717 0.74 -1.77 -22.76
C ALA B 717 0.13 -1.74 -21.37
N GLN B 718 0.93 -1.94 -20.33
CA GLN B 718 0.51 -2.08 -18.93
C GLN B 718 -0.60 -3.12 -18.73
#